data_7JKZ
# 
_entry.id   7JKZ 
# 
_audit_conform.dict_name       mmcif_pdbx.dic 
_audit_conform.dict_version    5.380 
_audit_conform.dict_location   http://mmcif.pdb.org/dictionaries/ascii/mmcif_pdbx.dic 
# 
loop_
_database_2.database_id 
_database_2.database_code 
_database_2.pdbx_database_accession 
_database_2.pdbx_DOI 
PDB   7JKZ         pdb_00007jkz 10.2210/pdb7jkz/pdb 
WWPDB D_1000250987 ?            ?                   
# 
_pdbx_database_status.status_code                     REL 
_pdbx_database_status.status_code_sf                  REL 
_pdbx_database_status.status_code_mr                  ? 
_pdbx_database_status.entry_id                        7JKZ 
_pdbx_database_status.recvd_initial_deposition_date   2020-07-29 
_pdbx_database_status.SG_entry                        N 
_pdbx_database_status.deposit_site                    RCSB 
_pdbx_database_status.process_site                    RCSB 
_pdbx_database_status.status_code_cs                  ? 
_pdbx_database_status.status_code_nmr_data            ? 
_pdbx_database_status.methods_development_category    ? 
_pdbx_database_status.pdb_format_compatible           Y 
# 
loop_
_audit_author.name 
_audit_author.pdbx_ordinal 
_audit_author.identifier_ORCID 
'Ratia, K.M.'      1 0000-0002-4834-9207 
'Xiong, R.'        2 0000-0002-6350-9037 
'Li, Y.'           3 0000-0002-4780-6154 
'Shen, Z.'         4 ?                   
'Zhao, J.'         5 ?                   
'Huang, F.'        6 ?                   
'Dubrovyskyii, O.' 7 ?                   
'Thatcher, G.R.'   8 0000-0002-7757-1739 
# 
_citation.abstract                  ? 
_citation.abstract_id_CAS           ? 
_citation.book_id_ISBN              ? 
_citation.book_publisher            ? 
_citation.book_publisher_city       ? 
_citation.book_title                ? 
_citation.coordinate_linkage        ? 
_citation.country                   US 
_citation.database_id_Medline       ? 
_citation.details                   ? 
_citation.id                        primary 
_citation.journal_abbrev            J.Med.Chem. 
_citation.journal_id_ASTM           JMCMAR 
_citation.journal_id_CSD            0151 
_citation.journal_id_ISSN           0022-2623 
_citation.journal_full              ? 
_citation.journal_issue             ? 
_citation.journal_volume            63 
_citation.language                  ? 
_citation.page_first                7186 
_citation.page_last                 7210 
_citation.title                     
;Novel Pyrrolopyridone Bromodomain and Extra-Terminal Motif (BET) Inhibitors Effective in Endocrine-Resistant ER+ Breast Cancer with Acquired Resistance to Fulvestrant and Palbociclib.
;
_citation.year                      2020 
_citation.database_id_CSD           ? 
_citation.pdbx_database_id_DOI      10.1021/acs.jmedchem.0c00456 
_citation.pdbx_database_id_PubMed   32453591 
_citation.unpublished_flag          ? 
# 
loop_
_citation_author.citation_id 
_citation_author.name 
_citation_author.ordinal 
_citation_author.identifier_ORCID 
primary 'Li, Y.'           1  ?                   
primary 'Zhao, J.'         2  ?                   
primary 'Gutgesell, L.M.'  3  0000-0002-7645-9227 
primary 'Shen, Z.'         4  ?                   
primary 'Ratia, K.'        5  ?                   
primary 'Dye, K.'          6  ?                   
primary 'Dubrovskyi, O.'   7  ?                   
primary 'Zhao, H.'         8  ?                   
primary 'Huang, F.'        9  ?                   
primary 'Tonetti, D.A.'    10 ?                   
primary 'Thatcher, G.R.J.' 11 0000-0002-7757-1739 
primary 'Xiong, R.'        12 0000-0002-6350-9037 
# 
_cell.angle_alpha                  90.000 
_cell.angle_alpha_esd              ? 
_cell.angle_beta                   90.000 
_cell.angle_beta_esd               ? 
_cell.angle_gamma                  120.000 
_cell.angle_gamma_esd              ? 
_cell.entry_id                     7JKZ 
_cell.details                      ? 
_cell.formula_units_Z              ? 
_cell.length_a                     63.010 
_cell.length_a_esd                 ? 
_cell.length_b                     63.010 
_cell.length_b_esd                 ? 
_cell.length_c                     102.722 
_cell.length_c_esd                 ? 
_cell.volume                       ? 
_cell.volume_esd                   ? 
_cell.Z_PDB                        6 
_cell.reciprocal_angle_alpha       ? 
_cell.reciprocal_angle_beta        ? 
_cell.reciprocal_angle_gamma       ? 
_cell.reciprocal_angle_alpha_esd   ? 
_cell.reciprocal_angle_beta_esd    ? 
_cell.reciprocal_angle_gamma_esd   ? 
_cell.reciprocal_length_a          ? 
_cell.reciprocal_length_b          ? 
_cell.reciprocal_length_c          ? 
_cell.reciprocal_length_a_esd      ? 
_cell.reciprocal_length_b_esd      ? 
_cell.reciprocal_length_c_esd      ? 
_cell.pdbx_unique_axis             ? 
# 
_symmetry.entry_id                         7JKZ 
_symmetry.cell_setting                     ? 
_symmetry.Int_Tables_number                152 
_symmetry.space_group_name_Hall            ? 
_symmetry.space_group_name_H-M             'P 31 2 1' 
_symmetry.pdbx_full_space_group_name_H-M   ? 
# 
loop_
_entity.id 
_entity.type 
_entity.src_method 
_entity.pdbx_description 
_entity.formula_weight 
_entity.pdbx_number_of_molecules 
_entity.pdbx_ec 
_entity.pdbx_mutation 
_entity.pdbx_fragment 
_entity.details 
1 polymer     man 'Bromodomain-containing protein 4' 15060.332 1  ? ? ? ? 
2 non-polymer syn 
;N-(1-[1,1-di(pyridin-2-yl)ethyl]-6-{1-methyl-6-oxo-5-[(piperidin-4-yl)amino]-1,6-dihydropyridin-3-yl}-1H-indol-4-yl)ethanesulfonamide
;
611.757   1  ? ? ? ? 
3 non-polymer syn 1,2-ETHANEDIOL 62.068    1  ? ? ? ? 
4 non-polymer syn GLYCEROL 92.094    1  ? ? ? ? 
5 water       nat water 18.015    34 ? ? ? ? 
# 
_entity_name_com.entity_id   1 
_entity_name_com.name        'Protein HUNK1' 
# 
_entity_poly.entity_id                      1 
_entity_poly.type                           'polypeptide(L)' 
_entity_poly.nstd_linkage                   no 
_entity_poly.nstd_monomer                   no 
_entity_poly.pdbx_seq_one_letter_code       
;SMKDVPDSQQHPAPEKSSKVSEQLKCCSGILKEMFAKKHAAYAWPFYKPVDVEALGLHDYCDIIKHPMDMSTIKSKLEAR
EYRDAQEFGADVRLMFSNCYKYNPPDHEVVAMARKLQDVFEMRFAKMPDE
;
_entity_poly.pdbx_seq_one_letter_code_can   
;SMKDVPDSQQHPAPEKSSKVSEQLKCCSGILKEMFAKKHAAYAWPFYKPVDVEALGLHDYCDIIKHPMDMSTIKSKLEAR
EYRDAQEFGADVRLMFSNCYKYNPPDHEVVAMARKLQDVFEMRFAKMPDE
;
_entity_poly.pdbx_strand_id                 A 
_entity_poly.pdbx_target_identifier         ? 
# 
loop_
_entity_poly_seq.entity_id 
_entity_poly_seq.num 
_entity_poly_seq.mon_id 
_entity_poly_seq.hetero 
1 1   SER n 
1 2   MET n 
1 3   LYS n 
1 4   ASP n 
1 5   VAL n 
1 6   PRO n 
1 7   ASP n 
1 8   SER n 
1 9   GLN n 
1 10  GLN n 
1 11  HIS n 
1 12  PRO n 
1 13  ALA n 
1 14  PRO n 
1 15  GLU n 
1 16  LYS n 
1 17  SER n 
1 18  SER n 
1 19  LYS n 
1 20  VAL n 
1 21  SER n 
1 22  GLU n 
1 23  GLN n 
1 24  LEU n 
1 25  LYS n 
1 26  CYS n 
1 27  CYS n 
1 28  SER n 
1 29  GLY n 
1 30  ILE n 
1 31  LEU n 
1 32  LYS n 
1 33  GLU n 
1 34  MET n 
1 35  PHE n 
1 36  ALA n 
1 37  LYS n 
1 38  LYS n 
1 39  HIS n 
1 40  ALA n 
1 41  ALA n 
1 42  TYR n 
1 43  ALA n 
1 44  TRP n 
1 45  PRO n 
1 46  PHE n 
1 47  TYR n 
1 48  LYS n 
1 49  PRO n 
1 50  VAL n 
1 51  ASP n 
1 52  VAL n 
1 53  GLU n 
1 54  ALA n 
1 55  LEU n 
1 56  GLY n 
1 57  LEU n 
1 58  HIS n 
1 59  ASP n 
1 60  TYR n 
1 61  CYS n 
1 62  ASP n 
1 63  ILE n 
1 64  ILE n 
1 65  LYS n 
1 66  HIS n 
1 67  PRO n 
1 68  MET n 
1 69  ASP n 
1 70  MET n 
1 71  SER n 
1 72  THR n 
1 73  ILE n 
1 74  LYS n 
1 75  SER n 
1 76  LYS n 
1 77  LEU n 
1 78  GLU n 
1 79  ALA n 
1 80  ARG n 
1 81  GLU n 
1 82  TYR n 
1 83  ARG n 
1 84  ASP n 
1 85  ALA n 
1 86  GLN n 
1 87  GLU n 
1 88  PHE n 
1 89  GLY n 
1 90  ALA n 
1 91  ASP n 
1 92  VAL n 
1 93  ARG n 
1 94  LEU n 
1 95  MET n 
1 96  PHE n 
1 97  SER n 
1 98  ASN n 
1 99  CYS n 
1 100 TYR n 
1 101 LYS n 
1 102 TYR n 
1 103 ASN n 
1 104 PRO n 
1 105 PRO n 
1 106 ASP n 
1 107 HIS n 
1 108 GLU n 
1 109 VAL n 
1 110 VAL n 
1 111 ALA n 
1 112 MET n 
1 113 ALA n 
1 114 ARG n 
1 115 LYS n 
1 116 LEU n 
1 117 GLN n 
1 118 ASP n 
1 119 VAL n 
1 120 PHE n 
1 121 GLU n 
1 122 MET n 
1 123 ARG n 
1 124 PHE n 
1 125 ALA n 
1 126 LYS n 
1 127 MET n 
1 128 PRO n 
1 129 ASP n 
1 130 GLU n 
# 
_entity_src_gen.entity_id                          1 
_entity_src_gen.pdbx_src_id                        1 
_entity_src_gen.pdbx_alt_source_flag               sample 
_entity_src_gen.pdbx_seq_type                      'Biological sequence' 
_entity_src_gen.pdbx_beg_seq_num                   1 
_entity_src_gen.pdbx_end_seq_num                   130 
_entity_src_gen.gene_src_common_name               Human 
_entity_src_gen.gene_src_genus                     ? 
_entity_src_gen.pdbx_gene_src_gene                 'BRD4, HUNK1' 
_entity_src_gen.gene_src_species                   ? 
_entity_src_gen.gene_src_strain                    ? 
_entity_src_gen.gene_src_tissue                    ? 
_entity_src_gen.gene_src_tissue_fraction           ? 
_entity_src_gen.gene_src_details                   ? 
_entity_src_gen.pdbx_gene_src_fragment             ? 
_entity_src_gen.pdbx_gene_src_scientific_name      'Homo sapiens' 
_entity_src_gen.pdbx_gene_src_ncbi_taxonomy_id     9606 
_entity_src_gen.pdbx_gene_src_variant              ? 
_entity_src_gen.pdbx_gene_src_cell_line            ? 
_entity_src_gen.pdbx_gene_src_atcc                 ? 
_entity_src_gen.pdbx_gene_src_organ                ? 
_entity_src_gen.pdbx_gene_src_organelle            ? 
_entity_src_gen.pdbx_gene_src_cell                 ? 
_entity_src_gen.pdbx_gene_src_cellular_location    ? 
_entity_src_gen.host_org_common_name               ? 
_entity_src_gen.pdbx_host_org_scientific_name      'Escherichia coli BL21(DE3)' 
_entity_src_gen.pdbx_host_org_ncbi_taxonomy_id     469008 
_entity_src_gen.host_org_genus                     ? 
_entity_src_gen.pdbx_host_org_gene                 ? 
_entity_src_gen.pdbx_host_org_organ                ? 
_entity_src_gen.host_org_species                   ? 
_entity_src_gen.pdbx_host_org_tissue               ? 
_entity_src_gen.pdbx_host_org_tissue_fraction      ? 
_entity_src_gen.pdbx_host_org_strain               ? 
_entity_src_gen.pdbx_host_org_variant              ? 
_entity_src_gen.pdbx_host_org_cell_line            ? 
_entity_src_gen.pdbx_host_org_atcc                 ? 
_entity_src_gen.pdbx_host_org_culture_collection   ? 
_entity_src_gen.pdbx_host_org_cell                 ? 
_entity_src_gen.pdbx_host_org_organelle            ? 
_entity_src_gen.pdbx_host_org_cellular_location    ? 
_entity_src_gen.pdbx_host_org_vector_type          ? 
_entity_src_gen.pdbx_host_org_vector               ? 
_entity_src_gen.host_org_details                   ? 
_entity_src_gen.expression_system_id               ? 
_entity_src_gen.plasmid_name                       ? 
_entity_src_gen.plasmid_details                    ? 
_entity_src_gen.pdbx_description                   ? 
# 
_struct_ref.id                         1 
_struct_ref.db_name                    UNP 
_struct_ref.db_code                    BRD4_HUMAN 
_struct_ref.pdbx_db_accession          O60885 
_struct_ref.pdbx_db_isoform            O60885-2 
_struct_ref.entity_id                  1 
_struct_ref.pdbx_seq_one_letter_code   
;KDVPDSQQHPAPEKSSKVSEQLKCCSGILKEMFAKKHAAYAWPFYKPVDVEALGLHDYCDIIKHPMDMSTIKSKLEAREY
RDAQEFGADVRLMFSNCYKYNPPDHEVVAMARKLQDVFEMRFAKMPDE
;
_struct_ref.pdbx_align_begin           333 
# 
_struct_ref_seq.align_id                      1 
_struct_ref_seq.ref_id                        1 
_struct_ref_seq.pdbx_PDB_id_code              7JKZ 
_struct_ref_seq.pdbx_strand_id                A 
_struct_ref_seq.seq_align_beg                 3 
_struct_ref_seq.pdbx_seq_align_beg_ins_code   ? 
_struct_ref_seq.seq_align_end                 130 
_struct_ref_seq.pdbx_seq_align_end_ins_code   ? 
_struct_ref_seq.pdbx_db_accession             O60885 
_struct_ref_seq.db_align_beg                  333 
_struct_ref_seq.pdbx_db_align_beg_ins_code    ? 
_struct_ref_seq.db_align_end                  460 
_struct_ref_seq.pdbx_db_align_end_ins_code    ? 
_struct_ref_seq.pdbx_auth_seq_align_beg       333 
_struct_ref_seq.pdbx_auth_seq_align_end       460 
# 
loop_
_struct_ref_seq_dif.align_id 
_struct_ref_seq_dif.pdbx_pdb_id_code 
_struct_ref_seq_dif.mon_id 
_struct_ref_seq_dif.pdbx_pdb_strand_id 
_struct_ref_seq_dif.seq_num 
_struct_ref_seq_dif.pdbx_pdb_ins_code 
_struct_ref_seq_dif.pdbx_seq_db_name 
_struct_ref_seq_dif.pdbx_seq_db_accession_code 
_struct_ref_seq_dif.db_mon_id 
_struct_ref_seq_dif.pdbx_seq_db_seq_num 
_struct_ref_seq_dif.details 
_struct_ref_seq_dif.pdbx_auth_seq_num 
_struct_ref_seq_dif.pdbx_ordinal 
1 7JKZ SER A 1 ? UNP O60885 ? ? 'expression tag' 331 1 
1 7JKZ MET A 2 ? UNP O60885 ? ? 'expression tag' 332 2 
# 
loop_
_chem_comp.id 
_chem_comp.type 
_chem_comp.mon_nstd_flag 
_chem_comp.name 
_chem_comp.pdbx_synonyms 
_chem_comp.formula 
_chem_comp.formula_weight 
ALA 'L-peptide linking' y ALANINE ?                               'C3 H7 N O2'      89.093  
ARG 'L-peptide linking' y ARGININE ?                               'C6 H15 N4 O2 1'  175.209 
ASN 'L-peptide linking' y ASPARAGINE ?                               'C4 H8 N2 O3'     132.118 
ASP 'L-peptide linking' y 'ASPARTIC ACID' ?                               'C4 H7 N O4'      133.103 
CYS 'L-peptide linking' y CYSTEINE ?                               'C3 H7 N O2 S'    121.158 
EDO non-polymer         . 1,2-ETHANEDIOL 'ETHYLENE GLYCOL'               'C2 H6 O2'        62.068  
GLN 'L-peptide linking' y GLUTAMINE ?                               'C5 H10 N2 O3'    146.144 
GLU 'L-peptide linking' y 'GLUTAMIC ACID' ?                               'C5 H9 N O4'      147.129 
GLY 'peptide linking'   y GLYCINE ?                               'C2 H5 N O2'      75.067  
GOL non-polymer         . GLYCEROL 'GLYCERIN; PROPANE-1,2,3-TRIOL' 'C3 H8 O3'        92.094  
HIS 'L-peptide linking' y HISTIDINE ?                               'C6 H10 N3 O2 1'  156.162 
HOH non-polymer         . WATER ?                               'H2 O'            18.015  
ILE 'L-peptide linking' y ISOLEUCINE ?                               'C6 H13 N O2'     131.173 
LEU 'L-peptide linking' y LEUCINE ?                               'C6 H13 N O2'     131.173 
LYS 'L-peptide linking' y LYSINE ?                               'C6 H15 N2 O2 1'  147.195 
MET 'L-peptide linking' y METHIONINE ?                               'C5 H11 N O2 S'   149.211 
PHE 'L-peptide linking' y PHENYLALANINE ?                               'C9 H11 N O2'     165.189 
PRO 'L-peptide linking' y PROLINE ?                               'C5 H9 N O2'      115.130 
SER 'L-peptide linking' y SERINE ?                               'C3 H7 N O3'      105.093 
THR 'L-peptide linking' y THREONINE ?                               'C4 H9 N O3'      119.119 
TRP 'L-peptide linking' y TRYPTOPHAN ?                               'C11 H12 N2 O2'   204.225 
TYR 'L-peptide linking' y TYROSINE ?                               'C9 H11 N O3'     181.189 
VAL 'L-peptide linking' y VALINE ?                               'C5 H11 N O2'     117.146 
YF6 non-polymer         . 
;N-(1-[1,1-di(pyridin-2-yl)ethyl]-6-{1-methyl-6-oxo-5-[(piperidin-4-yl)amino]-1,6-dihydropyridin-3-yl}-1H-indol-4-yl)ethanesulfonamide
;
?                               'C33 H37 N7 O3 S' 611.757 
# 
_exptl.absorpt_coefficient_mu     ? 
_exptl.absorpt_correction_T_max   ? 
_exptl.absorpt_correction_T_min   ? 
_exptl.absorpt_correction_type    ? 
_exptl.absorpt_process_details    ? 
_exptl.entry_id                   7JKZ 
_exptl.crystals_number            1 
_exptl.details                    ? 
_exptl.method                     'X-RAY DIFFRACTION' 
_exptl.method_details             ? 
# 
_exptl_crystal.colour                      ? 
_exptl_crystal.density_diffrn              ? 
_exptl_crystal.density_Matthews            3.36 
_exptl_crystal.density_method              ? 
_exptl_crystal.density_percent_sol         63.37 
_exptl_crystal.description                 ? 
_exptl_crystal.F_000                       ? 
_exptl_crystal.id                          1 
_exptl_crystal.preparation                 ? 
_exptl_crystal.size_max                    ? 
_exptl_crystal.size_mid                    ? 
_exptl_crystal.size_min                    ? 
_exptl_crystal.size_rad                    ? 
_exptl_crystal.colour_lustre               ? 
_exptl_crystal.colour_modifier             ? 
_exptl_crystal.colour_primary              ? 
_exptl_crystal.density_meas                ? 
_exptl_crystal.density_meas_esd            ? 
_exptl_crystal.density_meas_gt             ? 
_exptl_crystal.density_meas_lt             ? 
_exptl_crystal.density_meas_temp           ? 
_exptl_crystal.density_meas_temp_esd       ? 
_exptl_crystal.density_meas_temp_gt        ? 
_exptl_crystal.density_meas_temp_lt        ? 
_exptl_crystal.pdbx_crystal_image_url      ? 
_exptl_crystal.pdbx_crystal_image_format   ? 
_exptl_crystal.pdbx_mosaicity              ? 
_exptl_crystal.pdbx_mosaicity_esd          ? 
# 
_exptl_crystal_grow.apparatus       ? 
_exptl_crystal_grow.atmosphere      ? 
_exptl_crystal_grow.crystal_id      1 
_exptl_crystal_grow.details         ? 
_exptl_crystal_grow.method          'VAPOR DIFFUSION, SITTING DROP' 
_exptl_crystal_grow.method_ref      ? 
_exptl_crystal_grow.pH              6.5 
_exptl_crystal_grow.pressure        ? 
_exptl_crystal_grow.pressure_esd    ? 
_exptl_crystal_grow.seeding         ? 
_exptl_crystal_grow.seeding_ref     ? 
_exptl_crystal_grow.temp            290 
_exptl_crystal_grow.temp_details    ? 
_exptl_crystal_grow.temp_esd        ? 
_exptl_crystal_grow.time            ? 
_exptl_crystal_grow.pdbx_details    '0.2 M (NH4)2SO4, 0.1M Na cacodylate pH 6.5, 30% PEG 8000' 
_exptl_crystal_grow.pdbx_pH_range   ? 
# 
_diffrn.ambient_environment              ? 
_diffrn.ambient_temp                     100 
_diffrn.ambient_temp_details             ? 
_diffrn.ambient_temp_esd                 ? 
_diffrn.crystal_id                       1 
_diffrn.crystal_support                  ? 
_diffrn.crystal_treatment                ? 
_diffrn.details                          ? 
_diffrn.id                               1 
_diffrn.ambient_pressure                 ? 
_diffrn.ambient_pressure_esd             ? 
_diffrn.ambient_pressure_gt              ? 
_diffrn.ambient_pressure_lt              ? 
_diffrn.ambient_temp_gt                  ? 
_diffrn.ambient_temp_lt                  ? 
_diffrn.pdbx_serial_crystal_experiment   N 
# 
_diffrn_detector.details                      ? 
_diffrn_detector.detector                     PIXEL 
_diffrn_detector.diffrn_id                    1 
_diffrn_detector.type                         'DECTRIS EIGER X 9M' 
_diffrn_detector.area_resol_mean              ? 
_diffrn_detector.dtime                        ? 
_diffrn_detector.pdbx_frames_total            ? 
_diffrn_detector.pdbx_collection_time_total   ? 
_diffrn_detector.pdbx_collection_date         2020-07-20 
_diffrn_detector.pdbx_frequency               ? 
# 
_diffrn_radiation.collimation                      ? 
_diffrn_radiation.diffrn_id                        1 
_diffrn_radiation.filter_edge                      ? 
_diffrn_radiation.inhomogeneity                    ? 
_diffrn_radiation.monochromator                    ? 
_diffrn_radiation.polarisn_norm                    ? 
_diffrn_radiation.polarisn_ratio                   ? 
_diffrn_radiation.probe                            ? 
_diffrn_radiation.type                             ? 
_diffrn_radiation.xray_symbol                      ? 
_diffrn_radiation.wavelength_id                    1 
_diffrn_radiation.pdbx_monochromatic_or_laue_m_l   M 
_diffrn_radiation.pdbx_wavelength_list             ? 
_diffrn_radiation.pdbx_wavelength                  ? 
_diffrn_radiation.pdbx_diffrn_protocol             'SINGLE WAVELENGTH' 
_diffrn_radiation.pdbx_analyzer                    ? 
_diffrn_radiation.pdbx_scattering_type             x-ray 
# 
_diffrn_radiation_wavelength.id           1 
_diffrn_radiation_wavelength.wavelength   1.12713 
_diffrn_radiation_wavelength.wt           1.0 
# 
_diffrn_source.current                     ? 
_diffrn_source.details                     ? 
_diffrn_source.diffrn_id                   1 
_diffrn_source.power                       ? 
_diffrn_source.size                        ? 
_diffrn_source.source                      SYNCHROTRON 
_diffrn_source.target                      ? 
_diffrn_source.type                        'APS BEAMLINE 21-ID-D' 
_diffrn_source.voltage                     ? 
_diffrn_source.take-off_angle              ? 
_diffrn_source.pdbx_wavelength_list        1.12713 
_diffrn_source.pdbx_wavelength             ? 
_diffrn_source.pdbx_synchrotron_beamline   21-ID-D 
_diffrn_source.pdbx_synchrotron_site       APS 
# 
_reflns.B_iso_Wilson_estimate            ? 
_reflns.entry_id                         7JKZ 
_reflns.data_reduction_details           ? 
_reflns.data_reduction_method            ? 
_reflns.d_resolution_high                2.49 
_reflns.d_resolution_low                 54.57 
_reflns.details                          ? 
_reflns.limit_h_max                      ? 
_reflns.limit_h_min                      ? 
_reflns.limit_k_max                      ? 
_reflns.limit_k_min                      ? 
_reflns.limit_l_max                      ? 
_reflns.limit_l_min                      ? 
_reflns.number_all                       ? 
_reflns.number_obs                       8677 
_reflns.observed_criterion               ? 
_reflns.observed_criterion_F_max         ? 
_reflns.observed_criterion_F_min         ? 
_reflns.observed_criterion_I_max         ? 
_reflns.observed_criterion_I_min         ? 
_reflns.observed_criterion_sigma_F       ? 
_reflns.observed_criterion_sigma_I       ? 
_reflns.percent_possible_obs             99.7 
_reflns.R_free_details                   ? 
_reflns.Rmerge_F_all                     ? 
_reflns.Rmerge_F_obs                     ? 
_reflns.Friedel_coverage                 ? 
_reflns.number_gt                        ? 
_reflns.threshold_expression             ? 
_reflns.pdbx_redundancy                  9.1 
_reflns.pdbx_Rmerge_I_obs                0.079 
_reflns.pdbx_Rmerge_I_all                ? 
_reflns.pdbx_Rsym_value                  ? 
_reflns.pdbx_netI_over_av_sigmaI         ? 
_reflns.pdbx_netI_over_sigmaI            16.3 
_reflns.pdbx_res_netI_over_av_sigmaI_2   ? 
_reflns.pdbx_res_netI_over_sigmaI_2      ? 
_reflns.pdbx_chi_squared                 0.96 
_reflns.pdbx_scaling_rejects             ? 
_reflns.pdbx_d_res_high_opt              ? 
_reflns.pdbx_d_res_low_opt               ? 
_reflns.pdbx_d_res_opt_method            ? 
_reflns.phase_calculation_details        ? 
_reflns.pdbx_Rrim_I_all                  0.084 
_reflns.pdbx_Rpim_I_all                  0.028 
_reflns.pdbx_d_opt                       ? 
_reflns.pdbx_number_measured_all         ? 
_reflns.pdbx_diffrn_id                   1 
_reflns.pdbx_ordinal                     1 
_reflns.pdbx_CC_half                     ? 
_reflns.pdbx_CC_star                     ? 
_reflns.pdbx_R_split                     ? 
# 
_reflns_shell.d_res_high                  2.49 
_reflns_shell.d_res_low                   2.59 
_reflns_shell.meanI_over_sigI_all         ? 
_reflns_shell.meanI_over_sigI_obs         4.9 
_reflns_shell.number_measured_all         ? 
_reflns_shell.number_measured_obs         ? 
_reflns_shell.number_possible             ? 
_reflns_shell.number_unique_all           ? 
_reflns_shell.number_unique_obs           958 
_reflns_shell.percent_possible_all        99.9 
_reflns_shell.percent_possible_obs        ? 
_reflns_shell.Rmerge_F_all                ? 
_reflns_shell.Rmerge_F_obs                ? 
_reflns_shell.Rmerge_I_all                ? 
_reflns_shell.Rmerge_I_obs                0.442 
_reflns_shell.meanI_over_sigI_gt          ? 
_reflns_shell.meanI_over_uI_all           ? 
_reflns_shell.meanI_over_uI_gt            ? 
_reflns_shell.number_measured_gt          ? 
_reflns_shell.number_unique_gt            ? 
_reflns_shell.percent_possible_gt         ? 
_reflns_shell.Rmerge_F_gt                 ? 
_reflns_shell.Rmerge_I_gt                 ? 
_reflns_shell.pdbx_redundancy             9.8 
_reflns_shell.pdbx_Rsym_value             ? 
_reflns_shell.pdbx_chi_squared            0.85 
_reflns_shell.pdbx_netI_over_sigmaI_all   ? 
_reflns_shell.pdbx_netI_over_sigmaI_obs   ? 
_reflns_shell.pdbx_Rrim_I_all             0.466 
_reflns_shell.pdbx_Rpim_I_all             0.147 
_reflns_shell.pdbx_rejects                ? 
_reflns_shell.pdbx_ordinal                1 
_reflns_shell.pdbx_diffrn_id              1 
_reflns_shell.pdbx_CC_half                ? 
_reflns_shell.pdbx_CC_star                ? 
_reflns_shell.pdbx_R_split                ? 
# 
_refine.aniso_B[1][1]                            1.1400 
_refine.aniso_B[1][2]                            0.5700 
_refine.aniso_B[1][3]                            0.0000 
_refine.aniso_B[2][2]                            1.1400 
_refine.aniso_B[2][3]                            0.0000 
_refine.aniso_B[3][3]                            -3.7000 
_refine.B_iso_max                                131.500 
_refine.B_iso_mean                               50.9050 
_refine.B_iso_min                                34.120 
_refine.correlation_coeff_Fo_to_Fc               0.9550 
_refine.correlation_coeff_Fo_to_Fc_free          0.9210 
_refine.details                                  
'HYDROGENS HAVE BEEN ADDED IN THE RIDING POSITIONS U VALUES      : REFINED INDIVIDUALLY' 
_refine.diff_density_max                         ? 
_refine.diff_density_max_esd                     ? 
_refine.diff_density_min                         ? 
_refine.diff_density_min_esd                     ? 
_refine.diff_density_rms                         ? 
_refine.diff_density_rms_esd                     ? 
_refine.entry_id                                 7JKZ 
_refine.pdbx_refine_id                           'X-RAY DIFFRACTION' 
_refine.ls_abs_structure_details                 ? 
_refine.ls_abs_structure_Flack                   ? 
_refine.ls_abs_structure_Flack_esd               ? 
_refine.ls_abs_structure_Rogers                  ? 
_refine.ls_abs_structure_Rogers_esd              ? 
_refine.ls_d_res_high                            2.4900 
_refine.ls_d_res_low                             54.5700 
_refine.ls_extinction_coef                       ? 
_refine.ls_extinction_coef_esd                   ? 
_refine.ls_extinction_expression                 ? 
_refine.ls_extinction_method                     ? 
_refine.ls_goodness_of_fit_all                   ? 
_refine.ls_goodness_of_fit_all_esd               ? 
_refine.ls_goodness_of_fit_obs                   ? 
_refine.ls_goodness_of_fit_obs_esd               ? 
_refine.ls_hydrogen_treatment                    ? 
_refine.ls_matrix_type                           ? 
_refine.ls_number_constraints                    ? 
_refine.ls_number_parameters                     ? 
_refine.ls_number_reflns_all                     ? 
_refine.ls_number_reflns_obs                     8193 
_refine.ls_number_reflns_R_free                  452 
_refine.ls_number_reflns_R_work                  ? 
_refine.ls_number_restraints                     ? 
_refine.ls_percent_reflns_obs                    99.6000 
_refine.ls_percent_reflns_R_free                 5.2000 
_refine.ls_R_factor_all                          ? 
_refine.ls_R_factor_obs                          0.1816 
_refine.ls_R_factor_R_free                       0.2121 
_refine.ls_R_factor_R_free_error                 ? 
_refine.ls_R_factor_R_free_error_details         ? 
_refine.ls_R_factor_R_work                       0.1800 
_refine.ls_R_Fsqd_factor_obs                     ? 
_refine.ls_R_I_factor_obs                        ? 
_refine.ls_redundancy_reflns_all                 ? 
_refine.ls_redundancy_reflns_obs                 ? 
_refine.ls_restrained_S_all                      ? 
_refine.ls_restrained_S_obs                      ? 
_refine.ls_shift_over_esd_max                    ? 
_refine.ls_shift_over_esd_mean                   ? 
_refine.ls_structure_factor_coef                 ? 
_refine.ls_weighting_details                     ? 
_refine.ls_weighting_scheme                      ? 
_refine.ls_wR_factor_all                         ? 
_refine.ls_wR_factor_obs                         ? 
_refine.ls_wR_factor_R_free                      ? 
_refine.ls_wR_factor_R_work                      ? 
_refine.occupancy_max                            ? 
_refine.occupancy_min                            ? 
_refine.solvent_model_details                    MASK 
_refine.solvent_model_param_bsol                 ? 
_refine.solvent_model_param_ksol                 ? 
_refine.pdbx_R_complete                          ? 
_refine.ls_R_factor_gt                           ? 
_refine.ls_goodness_of_fit_gt                    ? 
_refine.ls_goodness_of_fit_ref                   ? 
_refine.ls_shift_over_su_max                     ? 
_refine.ls_shift_over_su_max_lt                  ? 
_refine.ls_shift_over_su_mean                    ? 
_refine.ls_shift_over_su_mean_lt                 ? 
_refine.pdbx_ls_sigma_I                          ? 
_refine.pdbx_ls_sigma_F                          ? 
_refine.pdbx_ls_sigma_Fsqd                       ? 
_refine.pdbx_data_cutoff_high_absF               ? 
_refine.pdbx_data_cutoff_high_rms_absF           ? 
_refine.pdbx_data_cutoff_low_absF                ? 
_refine.pdbx_isotropic_thermal_model             ? 
_refine.pdbx_ls_cross_valid_method               THROUGHOUT 
_refine.pdbx_method_to_determine_struct          'MOLECULAR REPLACEMENT' 
_refine.pdbx_starting_model                      2OUO 
_refine.pdbx_stereochemistry_target_values       'MAXIMUM LIKELIHOOD' 
_refine.pdbx_R_Free_selection_details            RANDOM 
_refine.pdbx_stereochem_target_val_spec_case     ? 
_refine.pdbx_overall_ESU_R                       0.2220 
_refine.pdbx_overall_ESU_R_Free                  0.1880 
_refine.pdbx_solvent_vdw_probe_radii             1.2000 
_refine.pdbx_solvent_ion_probe_radii             0.8000 
_refine.pdbx_solvent_shrinkage_radii             0.8000 
_refine.pdbx_real_space_R                        ? 
_refine.pdbx_density_correlation                 ? 
_refine.pdbx_pd_number_of_powder_patterns        ? 
_refine.pdbx_pd_number_of_points                 ? 
_refine.pdbx_pd_meas_number_of_points            ? 
_refine.pdbx_pd_proc_ls_prof_R_factor            ? 
_refine.pdbx_pd_proc_ls_prof_wR_factor           ? 
_refine.pdbx_pd_Marquardt_correlation_coeff      ? 
_refine.pdbx_pd_Fsqrd_R_factor                   ? 
_refine.pdbx_pd_ls_matrix_band_width             ? 
_refine.pdbx_overall_phase_error                 ? 
_refine.pdbx_overall_SU_R_free_Cruickshank_DPI   ? 
_refine.pdbx_overall_SU_R_free_Blow_DPI          ? 
_refine.pdbx_overall_SU_R_Blow_DPI               ? 
_refine.pdbx_TLS_residual_ADP_flag               ? 
_refine.pdbx_diffrn_id                           1 
_refine.overall_SU_B                             5.7410 
_refine.overall_SU_ML                            0.1270 
_refine.overall_SU_R_Cruickshank_DPI             ? 
_refine.overall_SU_R_free                        ? 
_refine.overall_FOM_free_R_set                   ? 
_refine.overall_FOM_work_R_set                   ? 
_refine.pdbx_average_fsc_overall                 ? 
_refine.pdbx_average_fsc_work                    ? 
_refine.pdbx_average_fsc_free                    ? 
# 
_refine_hist.pdbx_refine_id                   'X-RAY DIFFRACTION' 
_refine_hist.cycle_id                         final 
_refine_hist.details                          ? 
_refine_hist.d_res_high                       2.4900 
_refine_hist.d_res_low                        54.5700 
_refine_hist.number_atoms_solvent             34 
_refine_hist.number_atoms_total               993 
_refine_hist.number_reflns_all                ? 
_refine_hist.number_reflns_obs                ? 
_refine_hist.number_reflns_R_free             ? 
_refine_hist.number_reflns_R_work             ? 
_refine_hist.R_factor_all                     ? 
_refine_hist.R_factor_obs                     ? 
_refine_hist.R_factor_R_free                  ? 
_refine_hist.R_factor_R_work                  ? 
_refine_hist.pdbx_number_residues_total       111 
_refine_hist.pdbx_B_iso_mean_ligand           52.20 
_refine_hist.pdbx_B_iso_mean_solvent          51.50 
_refine_hist.pdbx_number_atoms_protein        905 
_refine_hist.pdbx_number_atoms_nucleic_acid   0 
_refine_hist.pdbx_number_atoms_ligand         54 
_refine_hist.pdbx_number_atoms_lipid          ? 
_refine_hist.pdbx_number_atoms_carb           ? 
_refine_hist.pdbx_pseudo_atom_details         ? 
# 
loop_
_refine_ls_restr.pdbx_refine_id 
_refine_ls_restr.criterion 
_refine_ls_restr.dev_ideal 
_refine_ls_restr.dev_ideal_target 
_refine_ls_restr.number 
_refine_ls_restr.rejects 
_refine_ls_restr.type 
_refine_ls_restr.weight 
_refine_ls_restr.pdbx_restraint_function 
'X-RAY DIFFRACTION' ? 0.012  0.013  989  ? r_bond_refined_d       ? ? 
'X-RAY DIFFRACTION' ? 0.001  0.017  915  ? r_bond_other_d         ? ? 
'X-RAY DIFFRACTION' ? 1.683  1.656  1332 ? r_angle_refined_deg    ? ? 
'X-RAY DIFFRACTION' ? 1.343  1.587  2127 ? r_angle_other_deg      ? ? 
'X-RAY DIFFRACTION' ? 5.419  5.000  112  ? r_dihedral_angle_1_deg ? ? 
'X-RAY DIFFRACTION' ? 34.468 22.449 49   ? r_dihedral_angle_2_deg ? ? 
'X-RAY DIFFRACTION' ? 17.287 15.000 174  ? r_dihedral_angle_3_deg ? ? 
'X-RAY DIFFRACTION' ? 22.747 15.000 5    ? r_dihedral_angle_4_deg ? ? 
'X-RAY DIFFRACTION' ? 0.087  0.200  117  ? r_chiral_restr         ? ? 
'X-RAY DIFFRACTION' ? 0.010  0.020  1067 ? r_gen_planes_refined   ? ? 
'X-RAY DIFFRACTION' ? 0.001  0.020  214  ? r_gen_planes_other     ? ? 
# 
_refine_ls_shell.pdbx_refine_id                   'X-RAY DIFFRACTION' 
_refine_ls_shell.d_res_high                       2.4910 
_refine_ls_shell.d_res_low                        2.5560 
_refine_ls_shell.number_reflns_all                610 
_refine_ls_shell.number_reflns_obs                ? 
_refine_ls_shell.number_reflns_R_free             20 
_refine_ls_shell.number_reflns_R_work             590 
_refine_ls_shell.percent_reflns_obs               99.8400 
_refine_ls_shell.percent_reflns_R_free            ? 
_refine_ls_shell.R_factor_all                     ? 
_refine_ls_shell.R_factor_obs                     ? 
_refine_ls_shell.R_factor_R_free                  0.2110 
_refine_ls_shell.R_factor_R_free_error            0.0000 
_refine_ls_shell.R_factor_R_work                  0.2370 
_refine_ls_shell.redundancy_reflns_all            ? 
_refine_ls_shell.redundancy_reflns_obs            ? 
_refine_ls_shell.wR_factor_all                    ? 
_refine_ls_shell.wR_factor_obs                    ? 
_refine_ls_shell.wR_factor_R_free                 ? 
_refine_ls_shell.wR_factor_R_work                 ? 
_refine_ls_shell.pdbx_R_complete                  ? 
_refine_ls_shell.pdbx_total_number_of_bins_used   20 
_refine_ls_shell.pdbx_phase_error                 ? 
_refine_ls_shell.pdbx_fsc_work                    ? 
_refine_ls_shell.pdbx_fsc_free                    ? 
# 
_struct.entry_id                     7JKZ 
_struct.title                        'Bromodomain-containing protein 4 (BRD4) bromodomain 2 (BD2) complexed with YF3-126' 
_struct.pdbx_model_details           ? 
_struct.pdbx_formula_weight          ? 
_struct.pdbx_formula_weight_method   ? 
_struct.pdbx_model_type_details      ? 
_struct.pdbx_CASP_flag               N 
# 
_struct_keywords.entry_id        7JKZ 
_struct_keywords.text            'Selective BRD4-BD1 inhibitor, TRANSCRIPTION' 
_struct_keywords.pdbx_keywords   TRANSCRIPTION 
# 
loop_
_struct_asym.id 
_struct_asym.pdbx_blank_PDB_chainid_flag 
_struct_asym.pdbx_modified 
_struct_asym.entity_id 
_struct_asym.details 
A N N 1 ? 
B N N 2 ? 
C N N 3 ? 
D N N 4 ? 
E N N 5 ? 
# 
loop_
_struct_conf.conf_type_id 
_struct_conf.id 
_struct_conf.pdbx_PDB_helix_id 
_struct_conf.beg_label_comp_id 
_struct_conf.beg_label_asym_id 
_struct_conf.beg_label_seq_id 
_struct_conf.pdbx_beg_PDB_ins_code 
_struct_conf.end_label_comp_id 
_struct_conf.end_label_asym_id 
_struct_conf.end_label_seq_id 
_struct_conf.pdbx_end_PDB_ins_code 
_struct_conf.beg_auth_comp_id 
_struct_conf.beg_auth_asym_id 
_struct_conf.beg_auth_seq_id 
_struct_conf.end_auth_comp_id 
_struct_conf.end_auth_asym_id 
_struct_conf.end_auth_seq_id 
_struct_conf.pdbx_PDB_helix_class 
_struct_conf.details 
_struct_conf.pdbx_PDB_helix_length 
HELX_P HELX_P1 AA1 SER A 21  ? PHE A 35  ? SER A 351 PHE A 365 1 ? 15 
HELX_P HELX_P2 AA2 ALA A 36  ? LYS A 38  ? ALA A 366 LYS A 368 5 ? 3  
HELX_P HELX_P3 AA3 HIS A 39  ? TRP A 44  ? HIS A 369 TRP A 374 1 ? 6  
HELX_P HELX_P4 AA4 PRO A 45  ? TYR A 47  ? PRO A 375 TYR A 377 5 ? 3  
HELX_P HELX_P5 AA5 ASP A 51  ? GLY A 56  ? ASP A 381 GLY A 386 1 ? 6  
HELX_P HELX_P6 AA6 ASP A 59  ? ILE A 64  ? ASP A 389 ILE A 394 1 ? 6  
HELX_P HELX_P7 AA7 ASP A 69  ? ALA A 79  ? ASP A 399 ALA A 409 1 ? 11 
HELX_P HELX_P8 AA8 ASP A 84  ? ASN A 103 ? ASP A 414 ASN A 433 1 ? 20 
HELX_P HELX_P9 AA9 HIS A 107 ? LYS A 126 ? HIS A 437 LYS A 456 1 ? 20 
# 
_struct_conf_type.id          HELX_P 
_struct_conf_type.criteria    ? 
_struct_conf_type.reference   ? 
# 
loop_
_struct_site.id 
_struct_site.pdbx_evidence_code 
_struct_site.pdbx_auth_asym_id 
_struct_site.pdbx_auth_comp_id 
_struct_site.pdbx_auth_seq_id 
_struct_site.pdbx_auth_ins_code 
_struct_site.pdbx_num_residues 
_struct_site.details 
AC1 Software A YF6 501 ? 19 'binding site for residue YF6 A 501' 
AC2 Software A EDO 502 ? 1  'binding site for residue EDO A 502' 
AC3 Software A GOL 503 ? 5  'binding site for residue GOL A 503' 
# 
loop_
_struct_site_gen.id 
_struct_site_gen.site_id 
_struct_site_gen.pdbx_num_res 
_struct_site_gen.label_comp_id 
_struct_site_gen.label_asym_id 
_struct_site_gen.label_seq_id 
_struct_site_gen.pdbx_auth_ins_code 
_struct_site_gen.auth_comp_id 
_struct_site_gen.auth_asym_id 
_struct_site_gen.auth_seq_id 
_struct_site_gen.label_atom_id 
_struct_site_gen.label_alt_id 
_struct_site_gen.symmetry 
_struct_site_gen.details 
1  AC1 19 VAL A 20  ? VAL A 350 . ? 4_455 ? 
2  AC1 19 LEU A 24  ? LEU A 354 . ? 4_455 ? 
3  AC1 19 LYS A 25  ? LYS A 355 . ? 4_455 ? 
4  AC1 19 TRP A 44  ? TRP A 374 . ? 1_555 ? 
5  AC1 19 PRO A 45  ? PRO A 375 . ? 1_555 ? 
6  AC1 19 PHE A 46  ? PHE A 376 . ? 1_555 ? 
7  AC1 19 LYS A 48  ? LYS A 378 . ? 1_555 ? 
8  AC1 19 PRO A 49  ? PRO A 379 . ? 1_555 ? 
9  AC1 19 VAL A 50  ? VAL A 380 . ? 1_555 ? 
10 AC1 19 ASP A 51  ? ASP A 381 . ? 1_555 ? 
11 AC1 19 LEU A 57  ? LEU A 387 . ? 1_555 ? 
12 AC1 19 LEU A 77  ? LEU A 407 . ? 4_455 ? 
13 AC1 19 TYR A 102 ? TYR A 432 . ? 1_555 ? 
14 AC1 19 ASN A 103 ? ASN A 433 . ? 1_555 ? 
15 AC1 19 GOL D .   ? GOL A 503 . ? 4_455 ? 
16 AC1 19 HOH E .   ? HOH A 607 . ? 1_555 ? 
17 AC1 19 HOH E .   ? HOH A 608 . ? 4_455 ? 
18 AC1 19 HOH E .   ? HOH A 619 . ? 1_555 ? 
19 AC1 19 HOH E .   ? HOH A 626 . ? 1_555 ? 
20 AC2 1  LYS A 37  ? LYS A 367 . ? 1_555 ? 
21 AC3 5  LYS A 32  ? LYS A 362 . ? 1_555 ? 
22 AC3 5  LYS A 74  ? LYS A 404 . ? 1_555 ? 
23 AC3 5  GLU A 78  ? GLU A 408 . ? 1_555 ? 
24 AC3 5  HIS A 107 ? HIS A 437 . ? 4_565 ? 
25 AC3 5  YF6 B .   ? YF6 A 501 . ? 4_565 ? 
# 
_atom_sites.entry_id                    7JKZ 
_atom_sites.Cartn_transf_matrix[1][1]   ? 
_atom_sites.Cartn_transf_matrix[1][2]   ? 
_atom_sites.Cartn_transf_matrix[1][3]   ? 
_atom_sites.Cartn_transf_matrix[2][1]   ? 
_atom_sites.Cartn_transf_matrix[2][2]   ? 
_atom_sites.Cartn_transf_matrix[2][3]   ? 
_atom_sites.Cartn_transf_matrix[3][1]   ? 
_atom_sites.Cartn_transf_matrix[3][2]   ? 
_atom_sites.Cartn_transf_matrix[3][3]   ? 
_atom_sites.Cartn_transf_vector[1]      ? 
_atom_sites.Cartn_transf_vector[2]      ? 
_atom_sites.Cartn_transf_vector[3]      ? 
_atom_sites.fract_transf_matrix[1][1]   0.00468956 
_atom_sites.fract_transf_matrix[1][2]   -0.00896035 
_atom_sites.fract_transf_matrix[1][3]   0.01528194 
_atom_sites.fract_transf_matrix[2][1]   0.01743054 
_atom_sites.fract_transf_matrix[2][2]   -0.00495376 
_atom_sites.fract_transf_matrix[2][3]   0.00273474 
_atom_sites.fract_transf_matrix[3][1]   0.00171376 
_atom_sites.fract_transf_matrix[3][2]   0.00848694 
_atom_sites.fract_transf_matrix[3][3]   0.00445029 
_atom_sites.fract_transf_vector[1]      -0.429195 
_atom_sites.fract_transf_vector[2]      0.014675 
_atom_sites.fract_transf_vector[3]      -0.061975 
_atom_sites.solution_primary            ? 
_atom_sites.solution_secondary          ? 
_atom_sites.solution_hydrogens          ? 
_atom_sites.special_details             ? 
# 
loop_
_atom_type.symbol 
C 
N 
O 
S 
# 
loop_
_atom_site.group_PDB 
_atom_site.id 
_atom_site.type_symbol 
_atom_site.label_atom_id 
_atom_site.label_alt_id 
_atom_site.label_comp_id 
_atom_site.label_asym_id 
_atom_site.label_entity_id 
_atom_site.label_seq_id 
_atom_site.pdbx_PDB_ins_code 
_atom_site.Cartn_x 
_atom_site.Cartn_y 
_atom_site.Cartn_z 
_atom_site.occupancy 
_atom_site.B_iso_or_equiv 
_atom_site.pdbx_formal_charge 
_atom_site.auth_seq_id 
_atom_site.auth_comp_id 
_atom_site.auth_asym_id 
_atom_site.auth_atom_id 
_atom_site.pdbx_PDB_model_num 
ATOM   1   N N   . LYS A 1 19  ? 12.733  -8.422  19.272  1.00 64.13  ? 349 LYS A N   1 
ATOM   2   C CA  . LYS A 1 19  ? 13.343  -8.726  17.910  1.00 73.58  ? 349 LYS A CA  1 
ATOM   3   C C   . LYS A 1 19  ? 12.281  -9.264  16.947  1.00 74.40  ? 349 LYS A C   1 
ATOM   4   O O   . LYS A 1 19  ? 11.632  -10.252 17.318  1.00 83.15  ? 349 LYS A O   1 
ATOM   5   C CB  . LYS A 1 19  ? 14.432  -9.798  17.970  1.00 76.29  ? 349 LYS A CB  1 
ATOM   6   C CG  . LYS A 1 19  ? 15.049  -10.138 16.617  1.00 81.42  ? 349 LYS A CG  1 
ATOM   7   C CD  . LYS A 1 19  ? 15.789  -11.464 16.566  1.00 88.94  ? 349 LYS A CD  1 
ATOM   8   C CE  . LYS A 1 19  ? 16.547  -11.693 15.266  1.00 96.99  ? 349 LYS A CE  1 
ATOM   9   N NZ  . LYS A 1 19  ? 15.723  -12.358 14.221  1.00 101.33 ? 349 LYS A NZ  1 
ATOM   10  N N   . VAL A 1 20  ? 12.148  -8.664  15.754  1.00 66.79  ? 350 VAL A N   1 
ATOM   11  C CA  . VAL A 1 20  ? 11.104  -9.009  14.741  1.00 60.77  ? 350 VAL A CA  1 
ATOM   12  C C   . VAL A 1 20  ? 11.692  -10.043 13.781  1.00 63.40  ? 350 VAL A C   1 
ATOM   13  O O   . VAL A 1 20  ? 12.964  -10.033 13.548  1.00 54.40  ? 350 VAL A O   1 
ATOM   14  C CB  . VAL A 1 20  ? 10.568  -7.785  13.961  1.00 67.50  ? 350 VAL A CB  1 
ATOM   15  C CG1 . VAL A 1 20  ? 10.155  -6.652  14.891  1.00 69.20  ? 350 VAL A CG1 1 
ATOM   16  C CG2 . VAL A 1 20  ? 11.534  -7.268  12.887  1.00 60.42  ? 350 VAL A CG2 1 
ATOM   17  N N   . SER A 1 21  ? 10.798  -10.867 13.217  1.00 60.63  ? 351 SER A N   1 
ATOM   18  C CA  . SER A 1 21  ? 11.115  -11.941 12.232  1.00 56.48  ? 351 SER A CA  1 
ATOM   19  C C   . SER A 1 21  ? 11.957  -11.370 11.088  1.00 53.19  ? 351 SER A C   1 
ATOM   20  O O   . SER A 1 21  ? 11.955  -10.147 10.878  1.00 54.76  ? 351 SER A O   1 
ATOM   21  C CB  . SER A 1 21  ? 9.854   -12.621 11.727  1.00 60.69  ? 351 SER A CB  1 
ATOM   22  O OG  . SER A 1 21  ? 9.114   -11.803 10.814  1.00 65.69  ? 351 SER A OG  1 
ATOM   23  N N   . GLU A 1 22  ? 12.689  -12.228 10.396  1.00 51.73  ? 352 GLU A N   1 
ATOM   24  C CA  . GLU A 1 22  ? 13.448  -11.857 9.185   1.00 53.82  ? 352 GLU A CA  1 
ATOM   25  C C   . GLU A 1 22  ? 12.469  -11.423 8.081   1.00 55.35  ? 352 GLU A C   1 
ATOM   26  O O   . GLU A 1 22  ? 12.899  -10.658 7.142   1.00 52.24  ? 352 GLU A O   1 
ATOM   27  C CB  . GLU A 1 22  ? 14.318  -13.025 8.714   1.00 56.92  ? 352 GLU A CB  1 
ATOM   28  C CG  . GLU A 1 22  ? 15.367  -13.420 9.745   1.00 66.57  ? 352 GLU A CG  1 
ATOM   29  C CD  . GLU A 1 22  ? 16.389  -12.330 10.022  1.00 71.61  ? 352 GLU A CD  1 
ATOM   30  O OE1 . GLU A 1 22  ? 17.060  -11.942 9.052   1.00 65.50  ? 352 GLU A OE1 1 
ATOM   31  O OE2 . GLU A 1 22  ? 16.458  -11.825 11.183  1.00 60.58  ? 352 GLU A OE2 1 
ATOM   32  N N   . GLN A 1 23  ? 11.234  -11.917 8.143   1.00 52.43  ? 353 GLN A N   1 
ATOM   33  C CA  . GLN A 1 23  ? 10.229  -11.655 7.083   1.00 57.52  ? 353 GLN A CA  1 
ATOM   34  C C   . GLN A 1 23  ? 9.764   -10.214 7.283   1.00 56.68  ? 353 GLN A C   1 
ATOM   35  O O   . GLN A 1 23  ? 9.847   -9.434  6.302   1.00 45.38  ? 353 GLN A O   1 
ATOM   36  C CB  . GLN A 1 23  ? 9.130   -12.721 7.092   1.00 65.94  ? 353 GLN A CB  1 
ATOM   37  C CG  . GLN A 1 23  ? 9.587   -14.049 6.467   1.00 70.69  ? 353 GLN A CG  1 
ATOM   38  C CD  . GLN A 1 23  ? 8.536   -14.756 5.633   1.00 75.30  ? 353 GLN A CD  1 
ATOM   39  O OE1 . GLN A 1 23  ? 7.346   -14.777 5.988   1.00 65.76  ? 353 GLN A OE1 1 
ATOM   40  N NE2 . GLN A 1 23  ? 8.970   -15.356 4.520   1.00 64.61  ? 353 GLN A NE2 1 
ATOM   41  N N   . LEU A 1 24  ? 9.434   -9.855  8.529   1.00 52.75  ? 354 LEU A N   1 
ATOM   42  C CA  . LEU A 1 24  ? 9.002   -8.483  8.872   1.00 51.56  ? 354 LEU A CA  1 
ATOM   43  C C   . LEU A 1 24  ? 10.137  -7.493  8.590   1.00 50.11  ? 354 LEU A C   1 
ATOM   44  O O   . LEU A 1 24  ? 9.859   -6.354  8.220   1.00 55.33  ? 354 LEU A O   1 
ATOM   45  C CB  . LEU A 1 24  ? 8.506   -8.415  10.314  1.00 49.77  ? 354 LEU A CB  1 
ATOM   46  C CG  . LEU A 1 24  ? 7.058   -8.874  10.530  1.00 52.89  ? 354 LEU A CG  1 
ATOM   47  C CD1 . LEU A 1 24  ? 6.618   -8.742  11.991  1.00 51.95  ? 354 LEU A CD1 1 
ATOM   48  C CD2 . LEU A 1 24  ? 6.089   -8.098  9.658   1.00 52.43  ? 354 LEU A CD2 1 
ATOM   49  N N   . LYS A 1 25  ? 11.377  -7.916  8.639   1.00 48.50  ? 355 LYS A N   1 
ATOM   50  C CA  . LYS A 1 25  ? 12.482  -7.010  8.270   1.00 45.84  ? 355 LYS A CA  1 
ATOM   51  C C   . LYS A 1 25  ? 12.456  -6.787  6.751   1.00 49.10  ? 355 LYS A C   1 
ATOM   52  O O   . LYS A 1 25  ? 12.683  -5.643  6.316   1.00 51.57  ? 355 LYS A O   1 
ATOM   53  C CB  . LYS A 1 25  ? 13.818  -7.571  8.772   1.00 49.00  ? 355 LYS A CB  1 
ATOM   54  C CG  . LYS A 1 25  ? 15.047  -6.841  8.226   1.00 52.96  ? 355 LYS A CG  1 
ATOM   55  C CD  . LYS A 1 25  ? 16.322  -7.353  8.834   1.00 59.27  ? 355 LYS A CD  1 
ATOM   56  C CE  . LYS A 1 25  ? 16.816  -8.591  8.137   1.00 59.55  ? 355 LYS A CE  1 
ATOM   57  N NZ  . LYS A 1 25  ? 17.745  -9.337  8.995   1.00 58.48  ? 355 LYS A NZ  1 
ATOM   58  N N   . CYS A 1 26  ? 12.260  -7.840  5.960   1.00 50.53  ? 356 CYS A N   1 
ATOM   59  C CA  A CYS A 1 26  ? 12.200  -7.745  4.490   0.50 50.13  ? 356 CYS A CA  1 
ATOM   60  C CA  B CYS A 1 26  ? 12.187  -7.742  4.470   0.50 50.78  ? 356 CYS A CA  1 
ATOM   61  C C   . CYS A 1 26  ? 10.992  -6.845  4.126   1.00 50.03  ? 356 CYS A C   1 
ATOM   62  O O   . CYS A 1 26  ? 11.115  -6.036  3.220   1.00 39.78  ? 356 CYS A O   1 
ATOM   63  C CB  A CYS A 1 26  ? 12.214  -9.162  3.909   0.50 54.21  ? 356 CYS A CB  1 
ATOM   64  C CB  B CYS A 1 26  ? 12.056  -9.087  3.738   0.50 55.37  ? 356 CYS A CB  1 
ATOM   65  S SG  A CYS A 1 26  ? 13.764  -10.069 4.235   0.50 50.07  ? 356 CYS A SG  1 
ATOM   66  S SG  B CYS A 1 26  ? 12.619  -9.089  1.999   0.50 52.76  ? 356 CYS A SG  1 
ATOM   67  N N   . CYS A 1 27  ? 9.898   -6.908  4.885   1.00 44.57  ? 357 CYS A N   1 
ATOM   68  C CA  . CYS A 1 27  ? 8.708   -6.061  4.633   1.00 47.77  ? 357 CYS A CA  1 
ATOM   69  C C   . CYS A 1 27  ? 9.134   -4.590  4.672   1.00 54.82  ? 357 CYS A C   1 
ATOM   70  O O   . CYS A 1 27  ? 8.716   -3.808  3.760   1.00 53.21  ? 357 CYS A O   1 
ATOM   71  C CB  . CYS A 1 27  ? 7.569   -6.340  5.604   1.00 49.60  ? 357 CYS A CB  1 
ATOM   72  S SG  . CYS A 1 27  ? 6.802   -7.952  5.286   1.00 56.04  ? 357 CYS A SG  1 
ATOM   73  N N   . SER A 1 28  ? 9.958   -4.217  5.653   1.00 47.96  ? 358 SER A N   1 
ATOM   74  C CA  . SER A 1 28  ? 10.441  -2.818  5.786   1.00 46.49  ? 358 SER A CA  1 
ATOM   75  C C   . SER A 1 28  ? 11.232  -2.400  4.534   1.00 42.38  ? 358 SER A C   1 
ATOM   76  O O   . SER A 1 28  ? 11.020  -1.292  4.055   1.00 53.82  ? 358 SER A O   1 
ATOM   77  C CB  . SER A 1 28  ? 11.205  -2.608  7.053   1.00 44.62  ? 358 SER A CB  1 
ATOM   78  O OG  . SER A 1 28  ? 12.125  -1.554  6.899   1.00 40.87  ? 358 SER A OG  1 
ATOM   79  N N   . GLY A 1 29  ? 12.038  -3.269  3.957   1.00 42.98  ? 359 GLY A N   1 
ATOM   80  C CA  . GLY A 1 29  ? 12.756  -2.984  2.701   1.00 45.25  ? 359 GLY A CA  1 
ATOM   81  C C   . GLY A 1 29  ? 11.829  -2.952  1.492   1.00 50.78  ? 359 GLY A C   1 
ATOM   82  O O   . GLY A 1 29  ? 12.116  -2.228  0.529   1.00 60.33  ? 359 GLY A O   1 
ATOM   83  N N   . ILE A 1 30  ? 10.776  -3.755  1.485   1.00 46.28  ? 360 ILE A N   1 
ATOM   84  C CA  . ILE A 1 30  ? 9.816   -3.761  0.352   1.00 50.30  ? 360 ILE A CA  1 
ATOM   85  C C   . ILE A 1 30  ? 9.121   -2.383  0.340   1.00 49.27  ? 360 ILE A C   1 
ATOM   86  O O   . ILE A 1 30  ? 9.017   -1.747  -0.732  1.00 44.42  ? 360 ILE A O   1 
ATOM   87  C CB  . ILE A 1 30  ? 8.809   -4.913  0.488   1.00 47.46  ? 360 ILE A CB  1 
ATOM   88  C CG1 . ILE A 1 30  ? 9.464   -6.284  0.338   1.00 49.53  ? 360 ILE A CG1 1 
ATOM   89  C CG2 . ILE A 1 30  ? 7.680   -4.715  -0.510  1.00 47.84  ? 360 ILE A CG2 1 
ATOM   90  C CD1 . ILE A 1 30  ? 8.552   -7.426  0.758   1.00 52.23  ? 360 ILE A CD1 1 
ATOM   91  N N   . LEU A 1 31  ? 8.665   -1.941  1.480   1.00 43.01  ? 361 LEU A N   1 
ATOM   92  C CA  . LEU A 1 31  ? 7.982   -0.707  1.612   1.00 50.41  ? 361 LEU A CA  1 
ATOM   93  C C   . LEU A 1 31  ? 8.853   0.441   1.245   1.00 51.08  ? 361 LEU A C   1 
ATOM   94  O O   . LEU A 1 31  ? 8.419   1.351   0.656   1.00 47.36  ? 361 LEU A O   1 
ATOM   95  C CB  . LEU A 1 31  ? 7.466   -0.559  3.009   1.00 48.08  ? 361 LEU A CB  1 
ATOM   96  C CG  . LEU A 1 31  ? 6.503   0.570   3.151   1.00 49.71  ? 361 LEU A CG  1 
ATOM   97  C CD1 . LEU A 1 31  ? 5.348   0.323   2.240   1.00 56.07  ? 361 LEU A CD1 1 
ATOM   98  C CD2 . LEU A 1 31  ? 6.011   0.685   4.546   1.00 46.24  ? 361 LEU A CD2 1 
ATOM   99  N N   . LYS A 1 32  ? 10.112  0.374   1.613   1.00 50.85  ? 362 LYS A N   1 
ATOM   100 C CA  . LYS A 1 32  ? 11.066  1.386   1.280   1.00 55.54  ? 362 LYS A CA  1 
ATOM   101 C C   . LYS A 1 32  ? 11.271  1.475   -0.195  1.00 48.19  ? 362 LYS A C   1 
ATOM   102 O O   . LYS A 1 32  ? 11.450  2.519   -0.688  1.00 53.37  ? 362 LYS A O   1 
ATOM   103 C CB  . LYS A 1 32  ? 12.385  1.182   1.978   1.00 57.60  ? 362 LYS A CB  1 
ATOM   104 C CG  . LYS A 1 32  ? 13.136  2.457   2.161   1.00 57.82  ? 362 LYS A CG  1 
ATOM   105 C CD  . LYS A 1 32  ? 14.580  2.230   2.454   1.00 70.31  ? 362 LYS A CD  1 
ATOM   106 C CE  . LYS A 1 32  ? 15.320  3.534   2.550   1.00 70.60  ? 362 LYS A CE  1 
ATOM   107 N NZ  . LYS A 1 32  ? 14.707  4.413   3.574   1.00 75.78  ? 362 LYS A NZ  1 
ATOM   108 N N   . GLU A 1 33  ? 11.286  0.361   -0.888  1.00 46.08  ? 363 GLU A N   1 
ATOM   109 C CA  . GLU A 1 33  ? 11.377  0.320   -2.322  1.00 52.12  ? 363 GLU A CA  1 
ATOM   110 C C   . GLU A 1 33  ? 10.185  0.955   -2.954  1.00 50.29  ? 363 GLU A C   1 
ATOM   111 O O   . GLU A 1 33  ? 10.302  1.596   -3.920  1.00 56.30  ? 363 GLU A O   1 
ATOM   112 C CB  . GLU A 1 33  ? 11.431  -1.082  -2.782  1.00 61.39  ? 363 GLU A CB  1 
ATOM   113 C CG  . GLU A 1 33  ? 12.739  -1.475  -3.341  1.00 82.24  ? 363 GLU A CG  1 
ATOM   114 C CD  . GLU A 1 33  ? 12.793  -1.361  -4.821  1.00 89.45  ? 363 GLU A CD  1 
ATOM   115 O OE1 . GLU A 1 33  ? 12.029  -2.045  -5.491  1.00 92.06  ? 363 GLU A OE1 1 
ATOM   116 O OE2 . GLU A 1 33  ? 13.641  -0.608  -5.306  1.00 83.12  ? 363 GLU A OE2 1 
ATOM   117 N N   . MET A 1 34  ? 9.017   0.770   -2.390  1.00 42.34  ? 364 MET A N   1 
ATOM   118 C CA  . MET A 1 34  ? 7.820   1.402   -2.851  1.00 46.89  ? 364 MET A CA  1 
ATOM   119 C C   . MET A 1 34  ? 7.880   2.934   -2.744  1.00 46.72  ? 364 MET A C   1 
ATOM   120 O O   . MET A 1 34  ? 7.283   3.606   -3.492  1.00 44.28  ? 364 MET A O   1 
ATOM   121 C CB  . MET A 1 34  ? 6.630   0.807   -2.141  1.00 42.84  ? 364 MET A CB  1 
ATOM   122 C CG  . MET A 1 34  ? 6.346   -0.603  -2.571  1.00 42.53  ? 364 MET A CG  1 
ATOM   123 S SD  . MET A 1 34  ? 5.330   -1.575  -1.521  1.00 45.50  ? 364 MET A SD  1 
ATOM   124 C CE  . MET A 1 34  ? 3.749   -0.941  -1.841  1.00 49.30  ? 364 MET A CE  1 
ATOM   125 N N   . PHE A 1 35  ? 8.561   3.461   -1.757  1.00 48.33  ? 365 PHE A N   1 
ATOM   126 C CA  . PHE A 1 35  ? 8.757   4.860   -1.585  1.00 46.51  ? 365 PHE A CA  1 
ATOM   127 C C   . PHE A 1 35  ? 9.955   5.371   -2.353  1.00 39.71  ? 365 PHE A C   1 
ATOM   128 O O   . PHE A 1 35  ? 10.199  6.509   -2.338  1.00 47.25  ? 365 PHE A O   1 
ATOM   129 C CB  . PHE A 1 35  ? 9.015   5.140   -0.135  1.00 39.26  ? 365 PHE A CB  1 
ATOM   130 C CG  . PHE A 1 35  ? 7.810   5.293   0.703   1.00 39.16  ? 365 PHE A CG  1 
ATOM   131 C CD1 . PHE A 1 35  ? 7.015   6.356   0.584   1.00 43.53  ? 365 PHE A CD1 1 
ATOM   132 C CD2 . PHE A 1 35  ? 7.531   4.399   1.662   1.00 39.09  ? 365 PHE A CD2 1 
ATOM   133 C CE1 . PHE A 1 35  ? 5.933   6.505   1.382   1.00 44.31  ? 365 PHE A CE1 1 
ATOM   134 C CE2 . PHE A 1 35  ? 6.465   4.540   2.468   1.00 37.54  ? 365 PHE A CE2 1 
ATOM   135 C CZ  . PHE A 1 35  ? 5.662   5.599   2.330   1.00 40.39  ? 365 PHE A CZ  1 
ATOM   136 N N   . ALA A 1 36  ? 10.706  4.530   -3.021  1.00 42.45  ? 366 ALA A N   1 
ATOM   137 C CA  . ALA A 1 36  ? 11.929  4.975   -3.738  1.00 46.57  ? 366 ALA A CA  1 
ATOM   138 C C   . ALA A 1 36  ? 11.570  5.815   -4.995  1.00 59.67  ? 366 ALA A C   1 
ATOM   139 O O   . ALA A 1 36  ? 10.471  5.616   -5.582  1.00 64.51  ? 366 ALA A O   1 
ATOM   140 C CB  . ALA A 1 36  ? 12.742  3.736   -4.064  1.00 39.20  ? 366 ALA A CB  1 
ATOM   141 N N   . LYS A 1 37  ? 12.473  6.698   -5.445  1.00 64.48  ? 367 LYS A N   1 
ATOM   142 C CA  . LYS A 1 37  ? 12.263  7.604   -6.610  1.00 62.50  ? 367 LYS A CA  1 
ATOM   143 C C   . LYS A 1 37  ? 12.002  6.794   -7.879  1.00 55.52  ? 367 LYS A C   1 
ATOM   144 O O   . LYS A 1 37  ? 11.279  7.274   -8.758  1.00 54.92  ? 367 LYS A O   1 
ATOM   145 C CB  . LYS A 1 37  ? 13.477  8.506   -6.872  1.00 74.66  ? 367 LYS A CB  1 
ATOM   146 C CG  . LYS A 1 37  ? 13.497  9.832   -6.119  1.00 87.09  ? 367 LYS A CG  1 
ATOM   147 C CD  . LYS A 1 37  ? 14.869  10.520  -6.196  1.00 110.69 ? 367 LYS A CD  1 
ATOM   148 C CE  . LYS A 1 37  ? 14.929  11.897  -5.555  1.00 113.62 ? 367 LYS A CE  1 
ATOM   149 N NZ  . LYS A 1 37  ? 14.915  11.808  -4.077  1.00 111.77 ? 367 LYS A NZ  1 
ATOM   150 N N   . LYS A 1 38  ? 12.476  5.600   -7.906  1.00 57.75  ? 368 LYS A N   1 
ATOM   151 C CA  . LYS A 1 38  ? 12.369  4.763   -9.035  1.00 58.73  ? 368 LYS A CA  1 
ATOM   152 C C   . LYS A 1 38  ? 10.929  4.544   -9.398  1.00 54.72  ? 368 LYS A C   1 
ATOM   153 O O   . LYS A 1 38  ? 10.606  4.389   -10.531 1.00 51.33  ? 368 LYS A O   1 
ATOM   154 C CB  . LYS A 1 38  ? 13.018  3.476   -8.611  1.00 66.66  ? 368 LYS A CB  1 
ATOM   155 C CG  . LYS A 1 38  ? 13.347  2.480   -9.669  1.00 80.15  ? 368 LYS A CG  1 
ATOM   156 C CD  . LYS A 1 38  ? 14.210  1.410   -9.049  1.00 93.10  ? 368 LYS A CD  1 
ATOM   157 C CE  . LYS A 1 38  ? 13.961  0.049   -9.661  1.00 108.26 ? 368 LYS A CE  1 
ATOM   158 N NZ  . LYS A 1 38  ? 14.394  -0.078  -11.075 1.00 109.89 ? 368 LYS A NZ  1 
ATOM   159 N N   . HIS A 1 39  ? 10.072  4.450   -8.415  1.00 45.08  ? 369 HIS A N   1 
ATOM   160 C CA  . HIS A 1 39  ? 8.688   4.213   -8.658  1.00 47.93  ? 369 HIS A CA  1 
ATOM   161 C C   . HIS A 1 39  ? 7.783   5.342   -8.359  1.00 47.91  ? 369 HIS A C   1 
ATOM   162 O O   . HIS A 1 39  ? 6.627   5.167   -8.378  1.00 49.32  ? 369 HIS A O   1 
ATOM   163 C CB  . HIS A 1 39  ? 8.234   3.062   -7.812  1.00 42.52  ? 369 HIS A CB  1 
ATOM   164 C CG  . HIS A 1 39  ? 9.129   1.886   -7.878  1.00 46.90  ? 369 HIS A CG  1 
ATOM   165 N ND1 . HIS A 1 39  ? 9.261   1.132   -9.006  1.00 49.97  ? 369 HIS A ND1 1 
ATOM   166 C CD2 . HIS A 1 39  ? 9.929   1.330   -6.959  1.00 43.31  ? 369 HIS A CD2 1 
ATOM   167 C CE1 . HIS A 1 39  ? 10.114  0.167   -8.783  1.00 48.80  ? 369 HIS A CE1 1 
ATOM   168 N NE2 . HIS A 1 39  ? 10.536  0.269   -7.549  1.00 50.82  ? 369 HIS A NE2 1 
ATOM   169 N N   . ALA A 1 40  ? 8.314   6.509   -8.135  1.00 46.87  ? 370 ALA A N   1 
ATOM   170 C CA  . ALA A 1 40  ? 7.545   7.653   -7.721  1.00 55.10  ? 370 ALA A CA  1 
ATOM   171 C C   . ALA A 1 40  ? 6.465   8.151   -8.623  1.00 49.09  ? 370 ALA A C   1 
ATOM   172 O O   . ALA A 1 40  ? 5.518   8.681   -8.195  1.00 51.33  ? 370 ALA A O   1 
ATOM   173 C CB  . ALA A 1 40  ? 8.474   8.767   -7.372  1.00 50.35  ? 370 ALA A CB  1 
ATOM   174 N N   . ALA A 1 41  ? 6.699   8.037   -9.885  1.00 45.07  ? 371 ALA A N   1 
ATOM   175 C CA  . ALA A 1 41  ? 5.798   8.476   -10.973 1.00 47.00  ? 371 ALA A CA  1 
ATOM   176 C C   . ALA A 1 41  ? 4.426   7.799   -10.867 1.00 53.98  ? 371 ALA A C   1 
ATOM   177 O O   . ALA A 1 41  ? 3.434   8.431   -11.364 1.00 50.87  ? 371 ALA A O   1 
ATOM   178 C CB  . ALA A 1 41  ? 6.421   8.204   -12.319 1.00 42.36  ? 371 ALA A CB  1 
ATOM   179 N N   . TYR A 1 42  ? 4.356   6.569   -10.329 1.00 47.65  ? 372 TYR A N   1 
ATOM   180 C CA  . TYR A 1 42  ? 3.065   5.856   -10.086 1.00 45.29  ? 372 TYR A CA  1 
ATOM   181 C C   . TYR A 1 42  ? 2.789   5.647   -8.590  1.00 41.12  ? 372 TYR A C   1 
ATOM   182 O O   . TYR A 1 42  ? 1.617   5.498   -8.244  1.00 38.37  ? 372 TYR A O   1 
ATOM   183 C CB  . TYR A 1 42  ? 2.958   4.558   -10.888 1.00 46.81  ? 372 TYR A CB  1 
ATOM   184 C CG  . TYR A 1 42  ? 4.206   3.730   -10.969 1.00 44.30  ? 372 TYR A CG  1 
ATOM   185 C CD1 . TYR A 1 42  ? 4.429   2.712   -10.055 1.00 47.35  ? 372 TYR A CD1 1 
ATOM   186 C CD2 . TYR A 1 42  ? 5.179   3.974   -11.926 1.00 47.33  ? 372 TYR A CD2 1 
ATOM   187 C CE1 . TYR A 1 42  ? 5.564   1.919   -10.124 1.00 48.47  ? 372 TYR A CE1 1 
ATOM   188 C CE2 . TYR A 1 42  ? 6.341   3.206   -11.995 1.00 48.77  ? 372 TYR A CE2 1 
ATOM   189 C CZ  . TYR A 1 42  ? 6.529   2.163   -11.091 1.00 52.04  ? 372 TYR A CZ  1 
ATOM   190 O OH  . TYR A 1 42  ? 7.652   1.373   -11.102 1.00 48.18  ? 372 TYR A OH  1 
ATOM   191 N N   . ALA A 1 43  ? 3.777   5.763   -7.699  1.00 42.74  ? 373 ALA A N   1 
ATOM   192 C CA  . ALA A 1 43  ? 3.579   5.479   -6.259  1.00 42.03  ? 373 ALA A CA  1 
ATOM   193 C C   . ALA A 1 43  ? 2.960   6.672   -5.514  1.00 40.20  ? 373 ALA A C   1 
ATOM   194 O O   . ALA A 1 43  ? 2.255   6.469   -4.475  1.00 39.25  ? 373 ALA A O   1 
ATOM   195 C CB  . ALA A 1 43  ? 4.886   5.065   -5.653  1.00 45.22  ? 373 ALA A CB  1 
ATOM   196 N N   . TRP A 1 44  ? 3.213   7.886   -5.984  1.00 40.55  ? 374 TRP A N   1 
ATOM   197 C CA  . TRP A 1 44  ? 3.029   9.108   -5.155  1.00 39.57  ? 374 TRP A CA  1 
ATOM   198 C C   . TRP A 1 44  ? 1.586   9.233   -4.665  1.00 40.16  ? 374 TRP A C   1 
ATOM   199 O O   . TRP A 1 44  ? 1.373   9.627   -3.520  1.00 48.19  ? 374 TRP A O   1 
ATOM   200 C CB  . TRP A 1 44  ? 3.603   10.349  -5.870  1.00 46.36  ? 374 TRP A CB  1 
ATOM   201 C CG  . TRP A 1 44  ? 2.846   10.847  -7.058  1.00 46.49  ? 374 TRP A CG  1 
ATOM   202 C CD1 . TRP A 1 44  ? 3.125   10.620  -8.374  1.00 45.67  ? 374 TRP A CD1 1 
ATOM   203 C CD2 . TRP A 1 44  ? 1.653   11.648  -7.020  1.00 45.12  ? 374 TRP A CD2 1 
ATOM   204 N NE1 . TRP A 1 44  ? 2.161   11.187  -9.157  1.00 47.71  ? 374 TRP A NE1 1 
ATOM   205 C CE2 . TRP A 1 44  ? 1.248   11.835  -8.356  1.00 47.95  ? 374 TRP A CE2 1 
ATOM   206 C CE3 . TRP A 1 44  ? 0.868   12.180  -5.995  1.00 42.95  ? 374 TRP A CE3 1 
ATOM   207 C CZ2 . TRP A 1 44  ? 0.118   12.587  -8.683  1.00 45.64  ? 374 TRP A CZ2 1 
ATOM   208 C CZ3 . TRP A 1 44  ? -0.234  12.937  -6.318  1.00 46.22  ? 374 TRP A CZ3 1 
ATOM   209 C CH2 . TRP A 1 44  ? -0.613  13.129  -7.644  1.00 43.32  ? 374 TRP A CH2 1 
ATOM   210 N N   . PRO A 1 45  ? 0.532   8.839   -5.418  1.00 41.75  ? 375 PRO A N   1 
ATOM   211 C CA  . PRO A 1 45  ? -0.831  8.959   -4.896  1.00 41.96  ? 375 PRO A CA  1 
ATOM   212 C C   . PRO A 1 45  ? -1.140  8.073   -3.686  1.00 41.80  ? 375 PRO A C   1 
ATOM   213 O O   . PRO A 1 45  ? -2.191  8.231   -3.049  1.00 39.39  ? 375 PRO A O   1 
ATOM   214 C CB  . PRO A 1 45  ? -1.709  8.533   -6.090  1.00 43.71  ? 375 PRO A CB  1 
ATOM   215 C CG  . PRO A 1 45  ? -0.844  8.803   -7.296  1.00 43.94  ? 375 PRO A CG  1 
ATOM   216 C CD  . PRO A 1 45  ? 0.556   8.447   -6.837  1.00 42.75  ? 375 PRO A CD  1 
ATOM   217 N N   . PHE A 1 46  ? -0.262  7.115   -3.422  1.00 43.55  ? 376 PHE A N   1 
ATOM   218 C CA  . PHE A 1 46  ? -0.433  6.077   -2.375  1.00 41.49  ? 376 PHE A CA  1 
ATOM   219 C C   . PHE A 1 46  ? 0.429   6.415   -1.144  1.00 41.24  ? 376 PHE A C   1 
ATOM   220 O O   . PHE A 1 46  ? 0.216   5.796   -0.077  1.00 39.41  ? 376 PHE A O   1 
ATOM   221 C CB  . PHE A 1 46  ? -0.131  4.709   -3.016  1.00 45.28  ? 376 PHE A CB  1 
ATOM   222 C CG  . PHE A 1 46  ? -0.997  4.419   -4.216  1.00 35.84  ? 376 PHE A CG  1 
ATOM   223 C CD1 . PHE A 1 46  ? -2.313  4.027   -4.057  1.00 36.93  ? 376 PHE A CD1 1 
ATOM   224 C CD2 . PHE A 1 46  ? -0.524  4.610   -5.492  1.00 37.00  ? 376 PHE A CD2 1 
ATOM   225 C CE1 . PHE A 1 46  ? -3.150  3.884   -5.145  1.00 35.37  ? 376 PHE A CE1 1 
ATOM   226 C CE2 . PHE A 1 46  ? -1.363  4.464   -6.586  1.00 34.60  ? 376 PHE A CE2 1 
ATOM   227 C CZ  . PHE A 1 46  ? -2.660  4.069   -6.412  1.00 34.29  ? 376 PHE A CZ  1 
ATOM   228 N N   . TYR A 1 47  ? 1.366   7.366   -1.239  1.00 41.06  ? 377 TYR A N   1 
ATOM   229 C CA  . TYR A 1 47  ? 2.228   7.815   -0.095  1.00 42.83  ? 377 TYR A CA  1 
ATOM   230 C C   . TYR A 1 47  ? 1.426   8.148   1.183   1.00 42.63  ? 377 TYR A C   1 
ATOM   231 O O   . TYR A 1 47  ? 1.918   7.858   2.258   1.00 49.52  ? 377 TYR A O   1 
ATOM   232 C CB  . TYR A 1 47  ? 3.071   9.025   -0.472  1.00 37.08  ? 377 TYR A CB  1 
ATOM   233 C CG  . TYR A 1 47  ? 4.141   8.753   -1.491  1.00 37.52  ? 377 TYR A CG  1 
ATOM   234 C CD1 . TYR A 1 47  ? 4.360   7.497   -2.004  1.00 34.75  ? 377 TYR A CD1 1 
ATOM   235 C CD2 . TYR A 1 47  ? 4.972   9.760   -1.926  1.00 41.56  ? 377 TYR A CD2 1 
ATOM   236 C CE1 . TYR A 1 47  ? 5.372   7.255   -2.916  1.00 37.87  ? 377 TYR A CE1 1 
ATOM   237 C CE2 . TYR A 1 47  ? 5.994   9.539   -2.833  1.00 41.03  ? 377 TYR A CE2 1 
ATOM   238 C CZ  . TYR A 1 47  ? 6.192   8.277   -3.334  1.00 39.12  ? 377 TYR A CZ  1 
ATOM   239 O OH  . TYR A 1 47  ? 7.170   8.046   -4.240  1.00 43.11  ? 377 TYR A OH  1 
ATOM   240 N N   . LYS A 1 48  ? 0.233   8.727   1.115   1.00 44.90  ? 378 LYS A N   1 
ATOM   241 C CA  . LYS A 1 48  ? -0.449  9.220   2.352   1.00 49.41  ? 378 LYS A CA  1 
ATOM   242 C C   . LYS A 1 48  ? -1.913  8.869   2.240   1.00 38.61  ? 378 LYS A C   1 
ATOM   243 O O   . LYS A 1 48  ? -2.318  8.371   1.219   1.00 46.23  ? 378 LYS A O   1 
ATOM   244 C CB  . LYS A 1 48  ? -0.306  10.735  2.562   1.00 55.67  ? 378 LYS A CB  1 
ATOM   245 C CG  . LYS A 1 48  ? 1.080   11.333  2.339   1.00 64.71  ? 378 LYS A CG  1 
ATOM   246 C CD  . LYS A 1 48  ? 1.180   12.803  2.737   1.00 77.45  ? 378 LYS A CD  1 
ATOM   247 C CE  . LYS A 1 48  ? 2.570   13.182  3.227   1.00 97.23  ? 378 LYS A CE  1 
ATOM   248 N NZ  . LYS A 1 48  ? 2.702   14.623  3.573   1.00 94.86  ? 378 LYS A NZ  1 
ATOM   249 N N   . PRO A 1 49  ? -2.740  9.056   3.273   1.00 42.07  ? 379 PRO A N   1 
ATOM   250 C CA  . PRO A 1 49  ? -4.174  8.801   3.135   1.00 46.29  ? 379 PRO A CA  1 
ATOM   251 C C   . PRO A 1 49  ? -4.775  9.613   1.982   1.00 49.64  ? 379 PRO A C   1 
ATOM   252 O O   . PRO A 1 49  ? -4.372  10.743  1.738   1.00 47.14  ? 379 PRO A O   1 
ATOM   253 C CB  . PRO A 1 49  ? -4.738  9.219   4.516   1.00 46.06  ? 379 PRO A CB  1 
ATOM   254 C CG  . PRO A 1 49  ? -3.575  8.922   5.453   1.00 44.09  ? 379 PRO A CG  1 
ATOM   255 C CD  . PRO A 1 49  ? -2.353  9.370   4.659   1.00 42.25  ? 379 PRO A CD  1 
ATOM   256 N N   . VAL A 1 50  ? -5.723  9.011   1.281   1.00 50.98  ? 380 VAL A N   1 
ATOM   257 C CA  . VAL A 1 50  ? -6.542  9.752   0.284   1.00 52.66  ? 380 VAL A CA  1 
ATOM   258 C C   . VAL A 1 50  ? -7.070  11.014  0.986   1.00 48.23  ? 380 VAL A C   1 
ATOM   259 O O   . VAL A 1 50  ? -7.760  10.894  1.974   1.00 48.26  ? 380 VAL A O   1 
ATOM   260 C CB  . VAL A 1 50  ? -7.665  8.875   -0.299  1.00 48.56  ? 380 VAL A CB  1 
ATOM   261 C CG1 . VAL A 1 50  ? -8.687  9.692   -1.062  1.00 52.47  ? 380 VAL A CG1 1 
ATOM   262 C CG2 . VAL A 1 50  ? -7.094  7.784   -1.190  1.00 54.46  ? 380 VAL A CG2 1 
ATOM   263 N N   . ASP A 1 51  ? -6.730  12.181  0.464   1.00 44.15  ? 381 ASP A N   1 
ATOM   264 C CA  . ASP A 1 51  ? -7.146  13.490  1.011   1.00 42.62  ? 381 ASP A CA  1 
ATOM   265 C C   . ASP A 1 51  ? -8.578  13.777  0.533   1.00 46.71  ? 381 ASP A C   1 
ATOM   266 O O   . ASP A 1 51  ? -8.727  14.512  -0.485  1.00 42.83  ? 381 ASP A O   1 
ATOM   267 C CB  . ASP A 1 51  ? -6.114  14.519  0.556   1.00 49.55  ? 381 ASP A CB  1 
ATOM   268 C CG  . ASP A 1 51  ? -6.268  15.871  1.229   1.00 52.95  ? 381 ASP A CG  1 
ATOM   269 O OD1 . ASP A 1 51  ? -7.373  16.137  1.794   1.00 46.15  ? 381 ASP A OD1 1 
ATOM   270 O OD2 . ASP A 1 51  ? -5.290  16.656  1.146   1.00 47.96  ? 381 ASP A OD2 1 
ATOM   271 N N   . VAL A 1 52  ? -9.574  13.192  1.213   1.00 41.35  ? 382 VAL A N   1 
ATOM   272 C CA  . VAL A 1 52  ? -11.008 13.221  0.820   1.00 50.94  ? 382 VAL A CA  1 
ATOM   273 C C   . VAL A 1 52  ? -11.553 14.657  0.779   1.00 54.61  ? 382 VAL A C   1 
ATOM   274 O O   . VAL A 1 52  ? -12.417 14.899  -0.097  1.00 57.13  ? 382 VAL A O   1 
ATOM   275 C CB  . VAL A 1 52  ? -11.874 12.315  1.710   1.00 54.92  ? 382 VAL A CB  1 
ATOM   276 C CG1 . VAL A 1 52  ? -11.386 10.871  1.642   1.00 54.92  ? 382 VAL A CG1 1 
ATOM   277 C CG2 . VAL A 1 52  ? -11.951 12.819  3.146   1.00 51.04  ? 382 VAL A CG2 1 
ATOM   278 N N   . GLU A 1 53  ? -11.101 15.570  1.649   1.00 60.62  ? 383 GLU A N   1 
ATOM   279 C CA  . GLU A 1 53  ? -11.589 16.980  1.686   1.00 60.00  ? 383 GLU A CA  1 
ATOM   280 C C   . GLU A 1 53  ? -11.091 17.691  0.432   1.00 51.24  ? 383 GLU A C   1 
ATOM   281 O O   . GLU A 1 53  ? -11.895 18.265  -0.296  1.00 60.93  ? 383 GLU A O   1 
ATOM   282 C CB  . GLU A 1 53  ? -11.098 17.778  2.896   1.00 72.53  ? 383 GLU A CB  1 
ATOM   283 C CG  . GLU A 1 53  ? -11.476 17.168  4.238   1.00 94.90  ? 383 GLU A CG  1 
ATOM   284 C CD  . GLU A 1 53  ? -12.961 17.123  4.559   1.00 101.35 ? 383 GLU A CD  1 
ATOM   285 O OE1 . GLU A 1 53  ? -13.630 16.141  4.172   1.00 97.73  ? 383 GLU A OE1 1 
ATOM   286 O OE2 . GLU A 1 53  ? -13.438 18.066  5.216   1.00 125.82 ? 383 GLU A OE2 1 
ATOM   287 N N   . ALA A 1 54  ? -9.797  17.635  0.192   1.00 46.81  ? 384 ALA A N   1 
ATOM   288 C CA  . ALA A 1 54  ? -9.135  18.388  -0.895  1.00 48.85  ? 384 ALA A CA  1 
ATOM   289 C C   . ALA A 1 54  ? -9.643  17.930  -2.268  1.00 54.06  ? 384 ALA A C   1 
ATOM   290 O O   . ALA A 1 54  ? -9.768  18.777  -3.179  1.00 59.87  ? 384 ALA A O   1 
ATOM   291 C CB  . ALA A 1 54  ? -7.638  18.195  -0.789  1.00 45.63  ? 384 ALA A CB  1 
ATOM   292 N N   . LEU A 1 55  ? -9.822  16.616  -2.433  1.00 59.57  ? 385 LEU A N   1 
ATOM   293 C CA  . LEU A 1 55  ? -10.258 15.949  -3.695  1.00 50.03  ? 385 LEU A CA  1 
ATOM   294 C C   . LEU A 1 55  ? -11.783 15.992  -3.816  1.00 52.75  ? 385 LEU A C   1 
ATOM   295 O O   . LEU A 1 55  ? -12.296 15.758  -4.910  1.00 54.07  ? 385 LEU A O   1 
ATOM   296 C CB  . LEU A 1 55  ? -9.743  14.515  -3.635  1.00 47.97  ? 385 LEU A CB  1 
ATOM   297 C CG  . LEU A 1 55  ? -8.224  14.437  -3.697  1.00 47.27  ? 385 LEU A CG  1 
ATOM   298 C CD1 . LEU A 1 55  ? -7.718  13.030  -3.402  1.00 50.70  ? 385 LEU A CD1 1 
ATOM   299 C CD2 . LEU A 1 55  ? -7.732  14.936  -5.062  1.00 49.11  ? 385 LEU A CD2 1 
ATOM   300 N N   . GLY A 1 56  ? -12.475 16.247  -2.704  1.00 54.59  ? 386 GLY A N   1 
ATOM   301 C CA  . GLY A 1 56  ? -13.932 16.448  -2.691  1.00 50.71  ? 386 GLY A CA  1 
ATOM   302 C C   . GLY A 1 56  ? -14.681 15.132  -2.707  1.00 52.14  ? 386 GLY A C   1 
ATOM   303 O O   . GLY A 1 56  ? -15.787 15.093  -3.240  1.00 45.84  ? 386 GLY A O   1 
ATOM   304 N N   . LEU A 1 57  ? -14.121 14.082  -2.108  1.00 50.67  ? 387 LEU A N   1 
ATOM   305 C CA  . LEU A 1 57  ? -14.735 12.743  -2.166  1.00 47.16  ? 387 LEU A CA  1 
ATOM   306 C C   . LEU A 1 57  ? -15.651 12.538  -0.957  1.00 48.54  ? 387 LEU A C   1 
ATOM   307 O O   . LEU A 1 57  ? -15.265 11.839  -0.009  1.00 58.04  ? 387 LEU A O   1 
ATOM   308 C CB  . LEU A 1 57  ? -13.633 11.690  -2.245  1.00 46.94  ? 387 LEU A CB  1 
ATOM   309 C CG  . LEU A 1 57  ? -12.550 11.931  -3.280  1.00 49.56  ? 387 LEU A CG  1 
ATOM   310 C CD1 . LEU A 1 57  ? -11.538 10.787  -3.218  1.00 45.50  ? 387 LEU A CD1 1 
ATOM   311 C CD2 . LEU A 1 57  ? -13.127 12.089  -4.690  1.00 45.62  ? 387 LEU A CD2 1 
ATOM   312 N N   . HIS A 1 58  ? -16.882 13.002  -1.063  1.00 56.17  ? 388 HIS A N   1 
ATOM   313 C CA  . HIS A 1 58  ? -17.897 12.924  0.019   1.00 62.32  ? 388 HIS A CA  1 
ATOM   314 C C   . HIS A 1 58  ? -18.296 11.461  0.259   1.00 55.82  ? 388 HIS A C   1 
ATOM   315 O O   . HIS A 1 58  ? -18.524 11.151  1.415   1.00 66.09  ? 388 HIS A O   1 
ATOM   316 C CB  . HIS A 1 58  ? -19.039 13.933  -0.255  1.00 70.70  ? 388 HIS A CB  1 
ATOM   317 C CG  . HIS A 1 58  ? -18.516 15.334  -0.232  1.00 75.96  ? 388 HIS A CG  1 
ATOM   318 N ND1 . HIS A 1 58  ? -17.862 15.858  0.891   1.00 74.68  ? 388 HIS A ND1 1 
ATOM   319 C CD2 . HIS A 1 58  ? -18.432 16.278  -1.202  1.00 69.70  ? 388 HIS A CD2 1 
ATOM   320 C CE1 . HIS A 1 58  ? -17.424 17.078  0.609   1.00 77.15  ? 388 HIS A CE1 1 
ATOM   321 N NE2 . HIS A 1 58  ? -17.761 17.359  -0.674  1.00 70.41  ? 388 HIS A NE2 1 
ATOM   322 N N   . ASP A 1 59  ? -18.267 10.564  -0.735  1.00 56.36  ? 389 ASP A N   1 
ATOM   323 C CA  . ASP A 1 59  ? -18.762 9.161   -0.557  1.00 56.10  ? 389 ASP A CA  1 
ATOM   324 C C   . ASP A 1 59  ? -17.619 8.200   -0.197  1.00 53.88  ? 389 ASP A C   1 
ATOM   325 O O   . ASP A 1 59  ? -17.929 7.015   0.003   1.00 58.69  ? 389 ASP A O   1 
ATOM   326 C CB  . ASP A 1 59  ? -19.526 8.622   -1.777  1.00 51.10  ? 389 ASP A CB  1 
ATOM   327 C CG  . ASP A 1 59  ? -18.774 8.742   -3.086  1.00 59.81  ? 389 ASP A CG  1 
ATOM   328 O OD1 . ASP A 1 59  ? -17.649 9.280   -3.060  1.00 60.51  ? 389 ASP A OD1 1 
ATOM   329 O OD2 . ASP A 1 59  ? -19.311 8.279   -4.120  1.00 60.41  ? 389 ASP A OD2 1 
ATOM   330 N N   . TYR A 1 60  ? -16.367 8.664   -0.091  1.00 53.13  ? 390 TYR A N   1 
ATOM   331 C CA  . TYR A 1 60  ? -15.186 7.755   0.016   1.00 52.62  ? 390 TYR A CA  1 
ATOM   332 C C   . TYR A 1 60  ? -15.329 6.881   1.270   1.00 53.63  ? 390 TYR A C   1 
ATOM   333 O O   . TYR A 1 60  ? -15.333 5.628   1.163   1.00 59.98  ? 390 TYR A O   1 
ATOM   334 C CB  . TYR A 1 60  ? -13.860 8.518   -0.011  1.00 47.87  ? 390 TYR A CB  1 
ATOM   335 C CG  . TYR A 1 60  ? -12.670 7.616   -0.171  1.00 49.95  ? 390 TYR A CG  1 
ATOM   336 C CD1 . TYR A 1 60  ? -12.288 7.181   -1.423  1.00 49.17  ? 390 TYR A CD1 1 
ATOM   337 C CD2 . TYR A 1 60  ? -11.951 7.157   0.921   1.00 46.37  ? 390 TYR A CD2 1 
ATOM   338 C CE1 . TYR A 1 60  ? -11.221 6.319   -1.596  1.00 49.13  ? 390 TYR A CE1 1 
ATOM   339 C CE2 . TYR A 1 60  ? -10.866 6.314   0.760   1.00 49.60  ? 390 TYR A CE2 1 
ATOM   340 C CZ  . TYR A 1 60  ? -10.518 5.869   -0.500  1.00 50.24  ? 390 TYR A CZ  1 
ATOM   341 O OH  . TYR A 1 60  ? -9.473  5.015   -0.701  1.00 50.02  ? 390 TYR A OH  1 
ATOM   342 N N   . CYS A 1 61  ? -15.514 7.501   2.429   1.00 51.62  ? 391 CYS A N   1 
ATOM   343 C CA  . CYS A 1 61  ? -15.573 6.789   3.733   1.00 55.58  ? 391 CYS A CA  1 
ATOM   344 C C   . CYS A 1 61  ? -16.856 5.959   3.821   1.00 53.28  ? 391 CYS A C   1 
ATOM   345 O O   . CYS A 1 61  ? -16.878 5.063   4.654   1.00 63.33  ? 391 CYS A O   1 
ATOM   346 C CB  . CYS A 1 61  ? -15.370 7.741   4.905   1.00 64.06  ? 391 CYS A CB  1 
ATOM   347 S SG  . CYS A 1 61  ? -13.708 8.478   4.931   1.00 73.96  ? 391 CYS A SG  1 
ATOM   348 N N   . ASP A 1 62  ? -17.835 6.137   2.930   1.00 52.25  ? 392 ASP A N   1 
ATOM   349 C CA  . ASP A 1 62  ? -19.028 5.247   2.849   1.00 63.34  ? 392 ASP A CA  1 
ATOM   350 C C   . ASP A 1 62  ? -18.766 4.023   1.965   1.00 65.09  ? 392 ASP A C   1 
ATOM   351 O O   . ASP A 1 62  ? -19.346 2.980   2.259   1.00 69.86  ? 392 ASP A O   1 
ATOM   352 C CB  . ASP A 1 62  ? -20.274 5.954   2.300   1.00 77.54  ? 392 ASP A CB  1 
ATOM   353 C CG  . ASP A 1 62  ? -20.802 7.027   3.241   1.00 87.20  ? 392 ASP A CG  1 
ATOM   354 O OD1 . ASP A 1 62  ? -20.804 6.759   4.478   1.00 79.74  ? 392 ASP A OD1 1 
ATOM   355 O OD2 . ASP A 1 62  ? -21.166 8.133   2.739   1.00 81.23  ? 392 ASP A OD2 1 
ATOM   356 N N   . ILE A 1 63  ? -18.003 4.145   0.882   1.00 58.13  ? 393 ILE A N   1 
ATOM   357 C CA  . ILE A 1 63  ? -17.720 2.980   0.001   1.00 57.34  ? 393 ILE A CA  1 
ATOM   358 C C   . ILE A 1 63  ? -16.475 2.240   0.520   1.00 53.95  ? 393 ILE A C   1 
ATOM   359 O O   . ILE A 1 63  ? -16.490 1.007   0.562   1.00 55.39  ? 393 ILE A O   1 
ATOM   360 C CB  . ILE A 1 63  ? -17.612 3.449   -1.453  1.00 59.90  ? 393 ILE A CB  1 
ATOM   361 C CG1 . ILE A 1 63  ? -19.008 3.667   -2.036  1.00 60.62  ? 393 ILE A CG1 1 
ATOM   362 C CG2 . ILE A 1 63  ? -16.813 2.465   -2.289  1.00 58.46  ? 393 ILE A CG2 1 
ATOM   363 C CD1 . ILE A 1 63  ? -19.023 4.709   -3.124  1.00 69.65  ? 393 ILE A CD1 1 
ATOM   364 N N   . ILE A 1 64  ? -15.461 2.967   0.968   1.00 48.08  ? 394 ILE A N   1 
ATOM   365 C CA  . ILE A 1 64  ? -14.231 2.380   1.565   1.00 48.57  ? 394 ILE A CA  1 
ATOM   366 C C   . ILE A 1 64  ? -14.323 2.390   3.100   1.00 52.07  ? 394 ILE A C   1 
ATOM   367 O O   . ILE A 1 64  ? -13.996 3.426   3.709   1.00 54.09  ? 394 ILE A O   1 
ATOM   368 C CB  . ILE A 1 64  ? -13.008 3.145   1.041   1.00 49.10  ? 394 ILE A CB  1 
ATOM   369 C CG1 . ILE A 1 64  ? -12.960 3.140   -0.492  1.00 56.24  ? 394 ILE A CG1 1 
ATOM   370 C CG2 . ILE A 1 64  ? -11.742 2.587   1.655   1.00 49.83  ? 394 ILE A CG2 1 
ATOM   371 C CD1 . ILE A 1 64  ? -13.125 1.748   -1.126  1.00 49.24  ? 394 ILE A CD1 1 
ATOM   372 N N   . LYS A 1 65  ? -14.654 1.251   3.706   1.00 54.86  ? 395 LYS A N   1 
ATOM   373 C CA  . LYS A 1 65  ? -14.760 1.113   5.181   1.00 59.43  ? 395 LYS A CA  1 
ATOM   374 C C   . LYS A 1 65  ? -13.377 1.146   5.837   1.00 58.13  ? 395 LYS A C   1 
ATOM   375 O O   . LYS A 1 65  ? -13.328 1.619   6.955   1.00 56.17  ? 395 LYS A O   1 
ATOM   376 C CB  . LYS A 1 65  ? -15.473 -0.179  5.585   1.00 68.34  ? 395 LYS A CB  1 
ATOM   377 C CG  . LYS A 1 65  ? -16.779 -0.477  4.855   1.00 78.33  ? 395 LYS A CG  1 
ATOM   378 C CD  . LYS A 1 65  ? -17.817 0.638   4.904   1.00 93.17  ? 395 LYS A CD  1 
ATOM   379 C CE  . LYS A 1 65  ? -19.148 0.239   4.285   1.00 95.11  ? 395 LYS A CE  1 
ATOM   380 N NZ  . LYS A 1 65  ? -20.183 1.283   4.488   1.00 88.75  ? 395 LYS A NZ  1 
ATOM   381 N N   . HIS A 1 66  ? -12.303 0.645   5.203   1.00 56.66  ? 396 HIS A N   1 
ATOM   382 C CA  . HIS A 1 66  ? -10.936 0.600   5.808   1.00 55.08  ? 396 HIS A CA  1 
ATOM   383 C C   . HIS A 1 66  ? -9.948  1.262   4.861   1.00 55.47  ? 396 HIS A C   1 
ATOM   384 O O   . HIS A 1 66  ? -9.291  0.618   4.067   1.00 55.91  ? 396 HIS A O   1 
ATOM   385 C CB  . HIS A 1 66  ? -10.530 -0.817  6.249   1.00 56.66  ? 396 HIS A CB  1 
ATOM   386 C CG  . HIS A 1 66  ? -11.594 -1.468  7.079   1.00 69.32  ? 396 HIS A CG  1 
ATOM   387 N ND1 . HIS A 1 66  ? -11.912 -1.022  8.368   1.00 69.64  ? 396 HIS A ND1 1 
ATOM   388 C CD2 . HIS A 1 66  ? -12.481 -2.455  6.785   1.00 67.94  ? 396 HIS A CD2 1 
ATOM   389 C CE1 . HIS A 1 66  ? -12.934 -1.722  8.828   1.00 68.55  ? 396 HIS A CE1 1 
ATOM   390 N NE2 . HIS A 1 66  ? -13.305 -2.606  7.874   1.00 70.93  ? 396 HIS A NE2 1 
ATOM   391 N N   . PRO A 1 67  ? -9.814  2.599   4.920   1.00 52.54  ? 397 PRO A N   1 
ATOM   392 C CA  . PRO A 1 67  ? -8.825  3.283   4.110   1.00 45.26  ? 397 PRO A CA  1 
ATOM   393 C C   . PRO A 1 67  ? -7.445  2.779   4.474   1.00 43.70  ? 397 PRO A C   1 
ATOM   394 O O   . PRO A 1 67  ? -7.274  2.393   5.606   1.00 46.08  ? 397 PRO A O   1 
ATOM   395 C CB  . PRO A 1 67  ? -8.963  4.764   4.509   1.00 49.77  ? 397 PRO A CB  1 
ATOM   396 C CG  . PRO A 1 67  ? -10.386 4.844   5.034   1.00 50.97  ? 397 PRO A CG  1 
ATOM   397 C CD  . PRO A 1 67  ? -10.629 3.525   5.733   1.00 48.71  ? 397 PRO A CD  1 
ATOM   398 N N   . MET A 1 68  ? -6.523  2.801   3.514   1.00 45.53  ? 398 MET A N   1 
ATOM   399 C CA  . MET A 1 68  ? -5.127  2.382   3.756   1.00 40.16  ? 398 MET A CA  1 
ATOM   400 C C   . MET A 1 68  ? -4.219  3.075   2.747   1.00 42.64  ? 398 MET A C   1 
ATOM   401 O O   . MET A 1 68  ? -4.623  3.305   1.595   1.00 47.50  ? 398 MET A O   1 
ATOM   402 C CB  . MET A 1 68  ? -4.957  0.870   3.673   1.00 39.77  ? 398 MET A CB  1 
ATOM   403 C CG  . MET A 1 68  ? -3.636  0.348   4.206   1.00 43.28  ? 398 MET A CG  1 
ATOM   404 S SD  . MET A 1 68  ? -3.168  0.921   5.878   1.00 48.42  ? 398 MET A SD  1 
ATOM   405 C CE  . MET A 1 68  ? -4.565  0.274   6.795   1.00 48.32  ? 398 MET A CE  1 
ATOM   406 N N   . ASP A 1 69  ? -3.020  3.398   3.205   1.00 40.06  ? 399 ASP A N   1 
ATOM   407 C CA  . ASP A 1 69  ? -1.989  4.076   2.402   1.00 41.60  ? 399 ASP A CA  1 
ATOM   408 C C   . ASP A 1 69  ? -0.631  3.628   2.947   1.00 40.30  ? 399 ASP A C   1 
ATOM   409 O O   . ASP A 1 69  ? -0.586  2.994   3.979   1.00 41.25  ? 399 ASP A O   1 
ATOM   410 C CB  . ASP A 1 69  ? -2.173  5.571   2.519   1.00 38.99  ? 399 ASP A CB  1 
ATOM   411 C CG  . ASP A 1 69  ? -1.964  6.018   3.960   1.00 48.88  ? 399 ASP A CG  1 
ATOM   412 O OD1 . ASP A 1 69  ? -2.906  5.822   4.789   1.00 44.88  ? 399 ASP A OD1 1 
ATOM   413 O OD2 . ASP A 1 69  ? -0.835  6.489   4.252   1.00 47.05  ? 399 ASP A OD2 1 
ATOM   414 N N   . MET A 1 70  ? 0.426   3.970   2.247   1.00 36.90  ? 400 MET A N   1 
ATOM   415 C CA  . MET A 1 70  ? 1.780   3.480   2.497   1.00 37.67  ? 400 MET A CA  1 
ATOM   416 C C   . MET A 1 70  ? 2.316   4.075   3.800   1.00 47.53  ? 400 MET A C   1 
ATOM   417 O O   . MET A 1 70  ? 3.146   3.390   4.421   1.00 47.58  ? 400 MET A O   1 
ATOM   418 C CB  . MET A 1 70  ? 2.658   3.881   1.319   1.00 36.52  ? 400 MET A CB  1 
ATOM   419 C CG  . MET A 1 70  ? 2.341   3.057   0.119   1.00 40.02  ? 400 MET A CG  1 
ATOM   420 S SD  . MET A 1 70  ? 3.231   3.590   -1.313  1.00 44.81  ? 400 MET A SD  1 
ATOM   421 C CE  . MET A 1 70  ? 4.934   3.427   -0.777  1.00 53.91  ? 400 MET A CE  1 
ATOM   422 N N   . SER A 1 71  ? 1.903   5.298   4.169   1.00 47.12  ? 401 SER A N   1 
ATOM   423 C CA  . SER A 1 71  ? 2.338   5.957   5.428   1.00 49.29  ? 401 SER A CA  1 
ATOM   424 C C   . SER A 1 71  ? 1.663   5.270   6.611   1.00 45.62  ? 401 SER A C   1 
ATOM   425 O O   . SER A 1 71  ? 2.370   4.943   7.539   1.00 50.78  ? 401 SER A O   1 
ATOM   426 C CB  . SER A 1 71  ? 2.127   7.450   5.431   1.00 45.55  ? 401 SER A CB  1 
ATOM   427 O OG  . SER A 1 71  ? 3.114   8.036   4.573   1.00 56.85  ? 401 SER A OG  1 
ATOM   428 N N   . THR A 1 72  ? 0.373   4.968   6.552   1.00 42.22  ? 402 THR A N   1 
ATOM   429 C CA  . THR A 1 72  ? -0.265  4.201   7.641   1.00 42.72  ? 402 THR A CA  1 
ATOM   430 C C   . THR A 1 72  ? 0.450   2.853   7.813   1.00 47.63  ? 402 THR A C   1 
ATOM   431 O O   . THR A 1 72  ? 0.757   2.451   8.964   1.00 55.53  ? 402 THR A O   1 
ATOM   432 C CB  . THR A 1 72  ? -1.764  4.132   7.415   1.00 44.52  ? 402 THR A CB  1 
ATOM   433 O OG1 . THR A 1 72  ? -2.158  5.495   7.307   1.00 47.12  ? 402 THR A OG1 1 
ATOM   434 C CG2 . THR A 1 72  ? -2.488  3.429   8.538   1.00 41.78  ? 402 THR A CG2 1 
ATOM   435 N N   . ILE A 1 73  ? 0.812   2.208   6.725   1.00 45.29  ? 403 ILE A N   1 
ATOM   436 C CA  . ILE A 1 73  ? 1.412   0.847   6.778   1.00 45.21  ? 403 ILE A CA  1 
ATOM   437 C C   . ILE A 1 73  ? 2.791   0.975   7.428   1.00 46.52  ? 403 ILE A C   1 
ATOM   438 O O   . ILE A 1 73  ? 3.143   0.093   8.182   1.00 48.92  ? 403 ILE A O   1 
ATOM   439 C CB  . ILE A 1 73  ? 1.480   0.255   5.358   1.00 42.24  ? 403 ILE A CB  1 
ATOM   440 C CG1 . ILE A 1 73  ? 0.085   -0.077  4.833   1.00 42.13  ? 403 ILE A CG1 1 
ATOM   441 C CG2 . ILE A 1 73  ? 2.442   -0.931  5.244   1.00 41.06  ? 403 ILE A CG2 1 
ATOM   442 C CD1 . ILE A 1 73  ? 0.080   -0.327  3.336   1.00 40.43  ? 403 ILE A CD1 1 
ATOM   443 N N   . LYS A 1 74  ? 3.551   2.019   7.105   1.00 48.78  ? 404 LYS A N   1 
ATOM   444 C CA  . LYS A 1 74  ? 4.910   2.233   7.656   1.00 53.02  ? 404 LYS A CA  1 
ATOM   445 C C   . LYS A 1 74  ? 4.846   2.447   9.180   1.00 57.84  ? 404 LYS A C   1 
ATOM   446 O O   . LYS A 1 74  ? 5.662   1.851   9.878   1.00 52.81  ? 404 LYS A O   1 
ATOM   447 C CB  . LYS A 1 74  ? 5.578   3.441   7.022   1.00 48.69  ? 404 LYS A CB  1 
ATOM   448 C CG  . LYS A 1 74  ? 7.071   3.474   7.250   1.00 54.65  ? 404 LYS A CG  1 
ATOM   449 C CD  . LYS A 1 74  ? 7.648   4.855   7.140   1.00 61.34  ? 404 LYS A CD  1 
ATOM   450 C CE  . LYS A 1 74  ? 9.024   4.846   6.505   1.00 65.25  ? 404 LYS A CE  1 
ATOM   451 N NZ  . LYS A 1 74  ? 9.757   6.068   6.911   1.00 69.60  ? 404 LYS A NZ  1 
ATOM   452 N N   . SER A 1 75  ? 3.894   3.235   9.685   1.00 50.34  ? 405 SER A N   1 
ATOM   453 C CA  . SER A 1 75  ? 3.686   3.437   11.142  1.00 58.43  ? 405 SER A CA  1 
ATOM   454 C C   . SER A 1 75  ? 3.343   2.106   11.813  1.00 60.61  ? 405 SER A C   1 
ATOM   455 O O   . SER A 1 75  ? 3.876   1.855   12.894  1.00 69.55  ? 405 SER A O   1 
ATOM   456 C CB  . SER A 1 75  ? 2.635   4.469   11.410  1.00 52.87  ? 405 SER A CB  1 
ATOM   457 O OG  . SER A 1 75  ? 3.042   5.643   10.740  1.00 63.20  ? 405 SER A OG  1 
ATOM   458 N N   . LYS A 1 76  ? 2.457   1.319   11.198  1.00 57.59  ? 406 LYS A N   1 
ATOM   459 C CA  . LYS A 1 76  ? 1.928   0.071   11.785  1.00 49.72  ? 406 LYS A CA  1 
ATOM   460 C C   . LYS A 1 76  ? 3.088   -0.925  11.838  1.00 54.02  ? 406 LYS A C   1 
ATOM   461 O O   . LYS A 1 76  ? 3.247   -1.605  12.844  1.00 62.76  ? 406 LYS A O   1 
ATOM   462 C CB  . LYS A 1 76  ? 0.722   -0.437  10.996  1.00 45.98  ? 406 LYS A CB  1 
ATOM   463 C CG  . LYS A 1 76  ? -0.559  0.354   11.234  1.00 49.51  ? 406 LYS A CG  1 
ATOM   464 C CD  . LYS A 1 76  ? -1.816  -0.221  10.603  1.00 47.99  ? 406 LYS A CD  1 
ATOM   465 C CE  . LYS A 1 76  ? -2.087  -1.636  11.058  1.00 47.12  ? 406 LYS A CE  1 
ATOM   466 N NZ  . LYS A 1 76  ? -3.319  -2.227  10.467  1.00 49.42  ? 406 LYS A NZ  1 
ATOM   467 N N   . LEU A 1 77  ? 3.894   -0.957  10.795  1.00 49.30  ? 407 LEU A N   1 
ATOM   468 C CA  . LEU A 1 77  ? 5.019   -1.902  10.680  1.00 52.40  ? 407 LEU A CA  1 
ATOM   469 C C   . LEU A 1 77  ? 6.011   -1.592  11.814  1.00 61.68  ? 407 LEU A C   1 
ATOM   470 O O   . LEU A 1 77  ? 6.346   -2.514  12.595  1.00 61.22  ? 407 LEU A O   1 
ATOM   471 C CB  . LEU A 1 77  ? 5.649   -1.730  9.299   1.00 43.49  ? 407 LEU A CB  1 
ATOM   472 C CG  . LEU A 1 77  ? 6.865   -2.600  9.008   1.00 43.49  ? 407 LEU A CG  1 
ATOM   473 C CD1 . LEU A 1 77  ? 6.463   -4.059  8.969   1.00 46.79  ? 407 LEU A CD1 1 
ATOM   474 C CD2 . LEU A 1 77  ? 7.525   -2.163  7.716   1.00 43.76  ? 407 LEU A CD2 1 
ATOM   475 N N   . GLU A 1 78  ? 6.409   -0.329  11.926  1.00 61.26  ? 408 GLU A N   1 
ATOM   476 C CA  . GLU A 1 78  ? 7.534   0.134   12.792  1.00 74.10  ? 408 GLU A CA  1 
ATOM   477 C C   . GLU A 1 78  ? 7.106   0.027   14.267  1.00 65.11  ? 408 GLU A C   1 
ATOM   478 O O   . GLU A 1 78  ? 7.969   -0.347  15.108  1.00 60.58  ? 408 GLU A O   1 
ATOM   479 C CB  . GLU A 1 78  ? 7.993   1.538   12.358  1.00 69.77  ? 408 GLU A CB  1 
ATOM   480 C CG  . GLU A 1 78  ? 8.887   1.495   11.113  1.00 75.21  ? 408 GLU A CG  1 
ATOM   481 C CD  . GLU A 1 78  ? 9.314   2.841   10.543  1.00 77.18  ? 408 GLU A CD  1 
ATOM   482 O OE1 . GLU A 1 78  ? 8.584   3.855   10.814  1.00 63.50  ? 408 GLU A OE1 1 
ATOM   483 O OE2 . GLU A 1 78  ? 10.383  2.879   9.842   1.00 73.35  ? 408 GLU A OE2 1 
ATOM   484 N N   . ALA A 1 79  ? 5.816   0.287   14.534  1.00 51.28  ? 409 ALA A N   1 
ATOM   485 C CA  . ALA A 1 79  ? 5.152   0.155   15.849  1.00 49.36  ? 409 ALA A CA  1 
ATOM   486 C C   . ALA A 1 79  ? 4.841   -1.315  16.158  1.00 56.67  ? 409 ALA A C   1 
ATOM   487 O O   . ALA A 1 79  ? 4.130   -1.557  17.140  1.00 60.08  ? 409 ALA A O   1 
ATOM   488 C CB  . ALA A 1 79  ? 3.895   0.979   15.866  1.00 49.45  ? 409 ALA A CB  1 
ATOM   489 N N   . ARG A 1 80  ? 5.299   -2.247  15.314  1.00 61.71  ? 410 ARG A N   1 
ATOM   490 C CA  . ARG A 1 80  ? 5.179   -3.711  15.516  1.00 66.83  ? 410 ARG A CA  1 
ATOM   491 C C   . ARG A 1 80  ? 3.698   -4.121  15.680  1.00 63.89  ? 410 ARG A C   1 
ATOM   492 O O   . ARG A 1 80  ? 3.443   -5.051  16.444  1.00 62.98  ? 410 ARG A O   1 
ATOM   493 C CB  . ARG A 1 80  ? 6.042   -4.097  16.726  1.00 67.01  ? 410 ARG A CB  1 
ATOM   494 C CG  . ARG A 1 80  ? 7.558   -3.998  16.540  1.00 66.66  ? 410 ARG A CG  1 
ATOM   495 C CD  . ARG A 1 80  ? 8.117   -5.153  17.360  1.00 88.91  ? 410 ARG A CD  1 
ATOM   496 N NE  . ARG A 1 80  ? 9.531   -5.188  17.700  1.00 107.54 ? 410 ARG A NE  1 
ATOM   497 C CZ  . ARG A 1 80  ? 10.059  -5.925  18.690  1.00 124.08 ? 410 ARG A CZ  1 
ATOM   498 N NH1 . ARG A 1 80  ? 9.299   -6.675  19.474  1.00 131.50 ? 410 ARG A NH1 1 
ATOM   499 N NH2 . ARG A 1 80  ? 11.355  -5.876  18.923  1.00 126.54 ? 410 ARG A NH2 1 
ATOM   500 N N   . GLU A 1 81  ? 2.749   -3.519  14.952  1.00 62.03  ? 411 GLU A N   1 
ATOM   501 C CA  . GLU A 1 81  ? 1.310   -3.919  15.004  1.00 59.09  ? 411 GLU A CA  1 
ATOM   502 C C   . GLU A 1 81  ? 1.005   -5.076  14.043  1.00 60.32  ? 411 GLU A C   1 
ATOM   503 O O   . GLU A 1 81  ? -0.105  -5.600  14.162  1.00 59.47  ? 411 GLU A O   1 
ATOM   504 C CB  . GLU A 1 81  ? 0.381   -2.758  14.666  1.00 66.95  ? 411 GLU A CB  1 
ATOM   505 C CG  . GLU A 1 81  ? 0.555   -1.543  15.566  1.00 80.83  ? 411 GLU A CG  1 
ATOM   506 C CD  . GLU A 1 81  ? -0.413  -0.405  15.275  1.00 80.90  ? 411 GLU A CD  1 
ATOM   507 O OE1 . GLU A 1 81  ? -1.363  -0.620  14.494  1.00 72.34  ? 411 GLU A OE1 1 
ATOM   508 O OE2 . GLU A 1 81  ? -0.214  0.688   15.827  1.00 85.03  ? 411 GLU A OE2 1 
ATOM   509 N N   . TYR A 1 82  ? 1.912   -5.469  13.128  1.00 54.63  ? 412 TYR A N   1 
ATOM   510 C CA  . TYR A 1 82  ? 1.745   -6.680  12.270  1.00 52.10  ? 412 TYR A CA  1 
ATOM   511 C C   . TYR A 1 82  ? 2.375   -7.896  12.968  1.00 55.70  ? 412 TYR A C   1 
ATOM   512 O O   . TYR A 1 82  ? 3.596   -7.862  13.253  1.00 65.56  ? 412 TYR A O   1 
ATOM   513 C CB  . TYR A 1 82  ? 2.336   -6.498  10.852  1.00 50.67  ? 412 TYR A CB  1 
ATOM   514 C CG  . TYR A 1 82  ? 1.735   -5.380  10.024  1.00 49.26  ? 412 TYR A CG  1 
ATOM   515 C CD1 . TYR A 1 82  ? 0.362   -5.287  9.832   1.00 47.53  ? 412 TYR A CD1 1 
ATOM   516 C CD2 . TYR A 1 82  ? 2.523   -4.360  9.494   1.00 52.76  ? 412 TYR A CD2 1 
ATOM   517 C CE1 . TYR A 1 82  ? -0.202  -4.243  9.113   1.00 44.19  ? 412 TYR A CE1 1 
ATOM   518 C CE2 . TYR A 1 82  ? 1.969   -3.288  8.801   1.00 47.95  ? 412 TYR A CE2 1 
ATOM   519 C CZ  . TYR A 1 82  ? 0.600   -3.237  8.611   1.00 44.72  ? 412 TYR A CZ  1 
ATOM   520 O OH  . TYR A 1 82  ? 0.017   -2.192  7.971   1.00 47.89  ? 412 TYR A OH  1 
ATOM   521 N N   . ARG A 1 83  ? 1.595   -8.970  13.160  1.00 60.76  ? 413 ARG A N   1 
ATOM   522 C CA  . ARG A 1 83  ? 2.067   -10.267 13.725  1.00 60.95  ? 413 ARG A CA  1 
ATOM   523 C C   . ARG A 1 83  ? 3.077   -10.912 12.770  1.00 64.68  ? 413 ARG A C   1 
ATOM   524 O O   . ARG A 1 83  ? 3.976   -11.641 13.238  1.00 66.60  ? 413 ARG A O   1 
ATOM   525 C CB  . ARG A 1 83  ? 0.904   -11.233 13.975  1.00 79.75  ? 413 ARG A CB  1 
ATOM   526 C CG  . ARG A 1 83  ? 0.610   -11.505 15.446  1.00 99.47  ? 413 ARG A CG  1 
ATOM   527 C CD  . ARG A 1 83  ? -0.826  -11.932 15.737  1.00 104.75 ? 413 ARG A CD  1 
ATOM   528 N NE  . ARG A 1 83  ? -1.725  -10.780 15.702  1.00 109.57 ? 413 ARG A NE  1 
ATOM   529 C CZ  . ARG A 1 83  ? -3.045  -10.810 15.897  1.00 107.61 ? 413 ARG A CZ  1 
ATOM   530 N NH1 . ARG A 1 83  ? -3.667  -11.945 16.166  1.00 109.52 ? 413 ARG A NH1 1 
ATOM   531 N NH2 . ARG A 1 83  ? -3.741  -9.690  15.825  1.00 103.17 ? 413 ARG A NH2 1 
ATOM   532 N N   . ASP A 1 84  ? 2.960   -10.665 11.469  1.00 56.85  ? 414 ASP A N   1 
ATOM   533 C CA  . ASP A 1 84  ? 3.727   -11.435 10.461  1.00 56.87  ? 414 ASP A CA  1 
ATOM   534 C C   . ASP A 1 84  ? 3.638   -10.701 9.131   1.00 54.67  ? 414 ASP A C   1 
ATOM   535 O O   . ASP A 1 84  ? 2.850   -9.772  9.040   1.00 49.60  ? 414 ASP A O   1 
ATOM   536 C CB  . ASP A 1 84  ? 3.230   -12.891 10.356  1.00 59.80  ? 414 ASP A CB  1 
ATOM   537 C CG  . ASP A 1 84  ? 1.727   -13.085 10.144  1.00 63.35  ? 414 ASP A CG  1 
ATOM   538 O OD1 . ASP A 1 84  ? 1.063   -12.201 9.548   1.00 70.11  ? 414 ASP A OD1 1 
ATOM   539 O OD2 . ASP A 1 84  ? 1.226   -14.134 10.546  1.00 67.78  ? 414 ASP A OD2 1 
ATOM   540 N N   . ALA A 1 85  ? 4.395   -11.175 8.147   1.00 51.57  ? 415 ALA A N   1 
ATOM   541 C CA  . ALA A 1 85  ? 4.503   -10.602 6.801   1.00 54.37  ? 415 ALA A CA  1 
ATOM   542 C C   . ALA A 1 85  ? 3.125   -10.648 6.109   1.00 57.18  ? 415 ALA A C   1 
ATOM   543 O O   . ALA A 1 85  ? 2.824   -9.700  5.327   1.00 51.12  ? 415 ALA A O   1 
ATOM   544 C CB  . ALA A 1 85  ? 5.579   -11.340 6.040   1.00 46.31  ? 415 ALA A CB  1 
ATOM   545 N N   . GLN A 1 86  ? 2.305   -11.653 6.425   1.00 49.59  ? 416 GLN A N   1 
ATOM   546 C CA  . GLN A 1 86  ? 0.990   -11.869 5.758   1.00 59.80  ? 416 GLN A CA  1 
ATOM   547 C C   . GLN A 1 86  ? 0.047   -10.731 6.148   1.00 53.07  ? 416 GLN A C   1 
ATOM   548 O O   . GLN A 1 86  ? -0.673  -10.236 5.263   1.00 48.22  ? 416 GLN A O   1 
ATOM   549 C CB  . GLN A 1 86  ? 0.435   -13.271 6.044   1.00 69.53  ? 416 GLN A CB  1 
ATOM   550 C CG  . GLN A 1 86  ? 1.407   -14.410 5.663   1.00 89.77  ? 416 GLN A CG  1 
ATOM   551 C CD  . GLN A 1 86  ? 2.050   -14.374 4.279   1.00 104.63 ? 416 GLN A CD  1 
ATOM   552 O OE1 . GLN A 1 86  ? 1.399   -14.259 3.224   1.00 90.61  ? 416 GLN A OE1 1 
ATOM   553 N NE2 . GLN A 1 86  ? 3.372   -14.501 4.262   1.00 94.10  ? 416 GLN A NE2 1 
ATOM   554 N N   . GLU A 1 87  ? 0.126   -10.261 7.391   1.00 48.01  ? 417 GLU A N   1 
ATOM   555 C CA  . GLU A 1 87  ? -0.712  -9.132  7.851   1.00 50.72  ? 417 GLU A CA  1 
ATOM   556 C C   . GLU A 1 87  ? -0.220  -7.829  7.198   1.00 49.81  ? 417 GLU A C   1 
ATOM   557 O O   . GLU A 1 87  ? -1.055  -6.936  6.900   1.00 44.12  ? 417 GLU A O   1 
ATOM   558 C CB  . GLU A 1 87  ? -0.687  -9.055  9.369   1.00 58.02  ? 417 GLU A CB  1 
ATOM   559 C CG  . GLU A 1 87  ? -1.513  -10.117 10.068  1.00 62.89  ? 417 GLU A CG  1 
ATOM   560 C CD  . GLU A 1 87  ? -1.905  -9.727  11.485  1.00 69.60  ? 417 GLU A CD  1 
ATOM   561 O OE1 . GLU A 1 87  ? -1.660  -8.548  11.870  1.00 67.86  ? 417 GLU A OE1 1 
ATOM   562 O OE2 . GLU A 1 87  ? -2.493  -10.587 12.184  1.00 78.95  ? 417 GLU A OE2 1 
ATOM   563 N N   . PHE A 1 88  ? 1.088   -7.716  6.992   1.00 43.60  ? 418 PHE A N   1 
ATOM   564 C CA  . PHE A 1 88  ? 1.693   -6.566  6.300   1.00 42.90  ? 418 PHE A CA  1 
ATOM   565 C C   . PHE A 1 88  ? 1.212   -6.568  4.846   1.00 42.27  ? 418 PHE A C   1 
ATOM   566 O O   . PHE A 1 88  ? 0.805   -5.495  4.353   1.00 47.72  ? 418 PHE A O   1 
ATOM   567 C CB  . PHE A 1 88  ? 3.209   -6.560  6.454   1.00 42.58  ? 418 PHE A CB  1 
ATOM   568 C CG  . PHE A 1 88  ? 3.883   -5.682  5.437   1.00 42.03  ? 418 PHE A CG  1 
ATOM   569 C CD1 . PHE A 1 88  ? 4.070   -4.335  5.676   1.00 42.38  ? 418 PHE A CD1 1 
ATOM   570 C CD2 . PHE A 1 88  ? 4.277   -6.207  4.216   1.00 38.98  ? 418 PHE A CD2 1 
ATOM   571 C CE1 . PHE A 1 88  ? 4.662   -3.531  4.715   1.00 42.17  ? 418 PHE A CE1 1 
ATOM   572 C CE2 . PHE A 1 88  ? 4.887   -5.409  3.278   1.00 38.70  ? 418 PHE A CE2 1 
ATOM   573 C CZ  . PHE A 1 88  ? 5.071   -4.074  3.524   1.00 40.19  ? 418 PHE A CZ  1 
ATOM   574 N N   . GLY A 1 89  ? 1.167   -7.729  4.203   1.00 41.61  ? 419 GLY A N   1 
ATOM   575 C CA  . GLY A 1 89  ? 0.737   -7.870  2.789   1.00 38.76  ? 419 GLY A CA  1 
ATOM   576 C C   . GLY A 1 89  ? -0.757  -7.610  2.647   1.00 40.06  ? 419 GLY A C   1 
ATOM   577 O O   . GLY A 1 89  ? -1.172  -7.021  1.669   1.00 40.11  ? 419 GLY A O   1 
ATOM   578 N N   . ALA A 1 90  ? -1.554  -8.000  3.629   1.00 40.07  ? 420 ALA A N   1 
ATOM   579 C CA  . ALA A 1 90  ? -3.021  -7.823  3.591   1.00 44.96  ? 420 ALA A CA  1 
ATOM   580 C C   . ALA A 1 90  ? -3.319  -6.310  3.618   1.00 45.28  ? 420 ALA A C   1 
ATOM   581 O O   . ALA A 1 90  ? -4.257  -5.890  2.934   1.00 45.88  ? 420 ALA A O   1 
ATOM   582 C CB  . ALA A 1 90  ? -3.687  -8.579  4.730   1.00 40.09  ? 420 ALA A CB  1 
ATOM   583 N N   . ASP A 1 91  ? -2.510  -5.512  4.325   1.00 44.29  ? 421 ASP A N   1 
ATOM   584 C CA  . ASP A 1 91  ? -2.719  -4.045  4.380   1.00 44.77  ? 421 ASP A CA  1 
ATOM   585 C C   . ASP A 1 91  ? -2.258  -3.431  3.044   1.00 43.53  ? 421 ASP A C   1 
ATOM   586 O O   . ASP A 1 91  ? -2.962  -2.579  2.495   1.00 42.86  ? 421 ASP A O   1 
ATOM   587 C CB  . ASP A 1 91  ? -2.047  -3.428  5.609   1.00 43.69  ? 421 ASP A CB  1 
ATOM   588 C CG  . ASP A 1 91  ? -2.985  -3.030  6.738   1.00 46.31  ? 421 ASP A CG  1 
ATOM   589 O OD1 . ASP A 1 91  ? -4.177  -3.388  6.662   1.00 47.39  ? 421 ASP A OD1 1 
ATOM   590 O OD2 . ASP A 1 91  ? -2.503  -2.352  7.703   1.00 48.52  ? 421 ASP A OD2 1 
ATOM   591 N N   . VAL A 1 92  ? -1.150  -3.888  2.475   1.00 39.49  ? 422 VAL A N   1 
ATOM   592 C CA  . VAL A 1 92  ? -0.721  -3.337  1.172   1.00 39.16  ? 422 VAL A CA  1 
ATOM   593 C C   . VAL A 1 92  ? -1.832  -3.634  0.159   1.00 42.17  ? 422 VAL A C   1 
ATOM   594 O O   . VAL A 1 92  ? -2.258  -2.752  -0.573  1.00 43.27  ? 422 VAL A O   1 
ATOM   595 C CB  . VAL A 1 92  ? 0.614   -3.932  0.740   1.00 38.27  ? 422 VAL A CB  1 
ATOM   596 C CG1 . VAL A 1 92  ? 0.940   -3.535  -0.679  1.00 41.53  ? 422 VAL A CG1 1 
ATOM   597 C CG2 . VAL A 1 92  ? 1.741   -3.542  1.676   1.00 40.42  ? 422 VAL A CG2 1 
ATOM   598 N N   . ARG A 1 93  ? -2.357  -4.842  0.173   1.00 40.61  ? 423 ARG A N   1 
ATOM   599 C CA  . ARG A 1 93  ? -3.352  -5.256  -0.832  1.00 41.86  ? 423 ARG A CA  1 
ATOM   600 C C   . ARG A 1 93  ? -4.687  -4.559  -0.594  1.00 38.01  ? 423 ARG A C   1 
ATOM   601 O O   . ARG A 1 93  ? -5.389  -4.362  -1.558  1.00 35.12  ? 423 ARG A O   1 
ATOM   602 C CB  . ARG A 1 93  ? -3.481  -6.771  -0.818  1.00 42.76  ? 423 ARG A CB  1 
ATOM   603 C CG  . ARG A 1 93  ? -2.334  -7.398  -1.589  1.00 44.76  ? 423 ARG A CG  1 
ATOM   604 C CD  . ARG A 1 93  ? -2.498  -8.889  -1.520  1.00 47.83  ? 423 ARG A CD  1 
ATOM   605 N NE  . ARG A 1 93  ? -1.470  -9.591  -2.258  1.00 44.28  ? 423 ARG A NE  1 
ATOM   606 C CZ  . ARG A 1 93  ? -0.966  -10.721 -1.833  1.00 44.22  ? 423 ARG A CZ  1 
ATOM   607 N NH1 . ARG A 1 93  ? -1.429  -11.259 -0.724  1.00 45.64  ? 423 ARG A NH1 1 
ATOM   608 N NH2 . ARG A 1 93  ? -0.024  -11.327 -2.518  1.00 50.62  ? 423 ARG A NH2 1 
ATOM   609 N N   . LEU A 1 94  ? -5.007  -4.207  0.634   1.00 35.74  ? 424 LEU A N   1 
ATOM   610 C CA  . LEU A 1 94  ? -6.245  -3.467  0.965   1.00 43.22  ? 424 LEU A CA  1 
ATOM   611 C C   . LEU A 1 94  ? -6.153  -2.047  0.363   1.00 45.47  ? 424 LEU A C   1 
ATOM   612 O O   . LEU A 1 94  ? -7.176  -1.487  -0.101  1.00 40.68  ? 424 LEU A O   1 
ATOM   613 C CB  . LEU A 1 94  ? -6.357  -3.445  2.495   1.00 45.59  ? 424 LEU A CB  1 
ATOM   614 C CG  . LEU A 1 94  ? -7.375  -2.461  3.058   1.00 44.70  ? 424 LEU A CG  1 
ATOM   615 C CD1 . LEU A 1 94  ? -8.759  -2.798  2.543   1.00 44.33  ? 424 LEU A CD1 1 
ATOM   616 C CD2 . LEU A 1 94  ? -7.350  -2.471  4.581   1.00 47.94  ? 424 LEU A CD2 1 
ATOM   617 N N   . MET A 1 95  ? -4.961  -1.457  0.403   1.00 38.33  ? 425 MET A N   1 
ATOM   618 C CA  . MET A 1 95  ? -4.700  -0.135  -0.199  1.00 43.56  ? 425 MET A CA  1 
ATOM   619 C C   . MET A 1 95  ? -5.039  -0.205  -1.703  1.00 44.56  ? 425 MET A C   1 
ATOM   620 O O   . MET A 1 95  ? -5.747  0.645   -2.191  1.00 41.87  ? 425 MET A O   1 
ATOM   621 C CB  . MET A 1 95  ? -3.222  0.221   -0.012  1.00 42.05  ? 425 MET A CB  1 
ATOM   622 C CG  . MET A 1 95  ? -2.769  1.478   -0.712  1.00 38.85  ? 425 MET A CG  1 
ATOM   623 S SD  . MET A 1 95  ? -1.037  1.882   -0.302  1.00 43.93  ? 425 MET A SD  1 
ATOM   624 C CE  . MET A 1 95  ? -0.202  0.772   -1.427  1.00 48.47  ? 425 MET A CE  1 
ATOM   625 N N   . PHE A 1 96  ? -4.528  -1.203  -2.408  1.00 42.92  ? 426 PHE A N   1 
ATOM   626 C CA  . PHE A 1 96  ? -4.812  -1.427  -3.840  1.00 45.25  ? 426 PHE A CA  1 
ATOM   627 C C   . PHE A 1 96  ? -6.309  -1.754  -4.050  1.00 42.83  ? 426 PHE A C   1 
ATOM   628 O O   . PHE A 1 96  ? -6.916  -1.163  -4.980  1.00 39.13  ? 426 PHE A O   1 
ATOM   629 C CB  . PHE A 1 96  ? -3.899  -2.523  -4.382  1.00 39.50  ? 426 PHE A CB  1 
ATOM   630 C CG  . PHE A 1 96  ? -2.432  -2.219  -4.347  1.00 45.17  ? 426 PHE A CG  1 
ATOM   631 C CD1 . PHE A 1 96  ? -1.941  -1.023  -4.831  1.00 47.32  ? 426 PHE A CD1 1 
ATOM   632 C CD2 . PHE A 1 96  ? -1.528  -3.172  -3.924  1.00 45.82  ? 426 PHE A CD2 1 
ATOM   633 C CE1 . PHE A 1 96  ? -0.580  -0.767  -4.846  1.00 48.40  ? 426 PHE A CE1 1 
ATOM   634 C CE2 . PHE A 1 96  ? -0.168  -2.910  -3.934  1.00 45.66  ? 426 PHE A CE2 1 
ATOM   635 C CZ  . PHE A 1 96  ? 0.300   -1.700  -4.367  1.00 46.55  ? 426 PHE A CZ  1 
ATOM   636 N N   . SER A 1 97  ? -6.877  -2.681  -3.270  1.00 37.83  ? 427 SER A N   1 
ATOM   637 C CA  . SER A 1 97  ? -8.311  -3.075  -3.361  1.00 42.22  ? 427 SER A CA  1 
ATOM   638 C C   . SER A 1 97  ? -9.156  -1.825  -3.253  1.00 40.69  ? 427 SER A C   1 
ATOM   639 O O   . SER A 1 97  ? -10.043 -1.703  -4.061  1.00 42.46  ? 427 SER A O   1 
ATOM   640 C CB  . SER A 1 97  ? -8.740  -4.046  -2.326  1.00 38.76  ? 427 SER A CB  1 
ATOM   641 O OG  . SER A 1 97  ? -8.013  -5.224  -2.551  1.00 57.42  ? 427 SER A OG  1 
ATOM   642 N N   . ASN A 1 98  ? -8.824  -0.920  -2.322  1.00 38.13  ? 428 ASN A N   1 
ATOM   643 C CA  . ASN A 1 98  ? -9.674  0.266   -2.088  1.00 38.98  ? 428 ASN A CA  1 
ATOM   644 C C   . ASN A 1 98  ? -9.705  1.053   -3.396  1.00 39.70  ? 428 ASN A C   1 
ATOM   645 O O   . ASN A 1 98  ? -10.774 1.459   -3.780  1.00 43.48  ? 428 ASN A O   1 
ATOM   646 C CB  . ASN A 1 98  ? -9.185  1.129   -0.927  1.00 39.68  ? 428 ASN A CB  1 
ATOM   647 C CG  . ASN A 1 98  ? -9.383  0.482   0.421   1.00 41.38  ? 428 ASN A CG  1 
ATOM   648 O OD1 . ASN A 1 98  ? -10.179 -0.456  0.581   1.00 42.64  ? 428 ASN A OD1 1 
ATOM   649 N ND2 . ASN A 1 98  ? -8.600  0.952   1.374   1.00 40.91  ? 428 ASN A ND2 1 
ATOM   650 N N   . CYS A 1 99  ? -8.548  1.264   -4.021  1.00 35.99  ? 429 CYS A N   1 
ATOM   651 C CA  . CYS A 1 99  ? -8.392  2.023   -5.274  1.00 36.09  ? 429 CYS A CA  1 
ATOM   652 C C   . CYS A 1 99  ? -9.189  1.336   -6.376  1.00 39.42  ? 429 CYS A C   1 
ATOM   653 O O   . CYS A 1 99  ? -9.895  2.027   -7.099  1.00 44.63  ? 429 CYS A O   1 
ATOM   654 C CB  . CYS A 1 99  ? -6.925  2.105   -5.617  1.00 36.04  ? 429 CYS A CB  1 
ATOM   655 S SG  . CYS A 1 99  ? -6.511  3.126   -7.046  1.00 42.73  ? 429 CYS A SG  1 
ATOM   656 N N   . TYR A 1 100 ? -9.136  0.013   -6.456  1.00 39.82  ? 430 TYR A N   1 
ATOM   657 C CA  . TYR A 1 100 ? -9.872  -0.747  -7.489  1.00 41.17  ? 430 TYR A CA  1 
ATOM   658 C C   . TYR A 1 100 ? -11.388 -0.721  -7.183  1.00 43.34  ? 430 TYR A C   1 
ATOM   659 O O   . TYR A 1 100 ? -12.198 -0.776  -8.065  1.00 40.79  ? 430 TYR A O   1 
ATOM   660 C CB  . TYR A 1 100 ? -9.353  -2.182  -7.570  1.00 41.18  ? 430 TYR A CB  1 
ATOM   661 C CG  . TYR A 1 100 ? -7.873  -2.346  -7.775  1.00 39.25  ? 430 TYR A CG  1 
ATOM   662 C CD1 . TYR A 1 100 ? -7.154  -1.466  -8.561  1.00 35.86  ? 430 TYR A CD1 1 
ATOM   663 C CD2 . TYR A 1 100 ? -7.206  -3.435  -7.225  1.00 36.49  ? 430 TYR A CD2 1 
ATOM   664 C CE1 . TYR A 1 100 ? -5.789  -1.633  -8.742  1.00 37.34  ? 430 TYR A CE1 1 
ATOM   665 C CE2 . TYR A 1 100 ? -5.845  -3.627  -7.407  1.00 38.28  ? 430 TYR A CE2 1 
ATOM   666 C CZ  . TYR A 1 100 ? -5.125  -2.702  -8.146  1.00 40.38  ? 430 TYR A CZ  1 
ATOM   667 O OH  . TYR A 1 100 ? -3.780  -2.873  -8.358  1.00 41.06  ? 430 TYR A OH  1 
ATOM   668 N N   . LYS A 1 101 ? -11.781 -0.713  -5.931  1.00 40.67  ? 431 LYS A N   1 
ATOM   669 C CA  . LYS A 1 101 ? -13.208 -0.674  -5.567  1.00 46.76  ? 431 LYS A CA  1 
ATOM   670 C C   . LYS A 1 101 ? -13.795 0.698   -5.900  1.00 46.77  ? 431 LYS A C   1 
ATOM   671 O O   . LYS A 1 101 ? -14.827 0.734   -6.546  1.00 49.34  ? 431 LYS A O   1 
ATOM   672 C CB  . LYS A 1 101 ? -13.358 -0.988  -4.082  1.00 49.65  ? 431 LYS A CB  1 
ATOM   673 C CG  . LYS A 1 101 ? -14.787 -1.061  -3.582  1.00 51.09  ? 431 LYS A CG  1 
ATOM   674 C CD  . LYS A 1 101 ? -14.857 -1.679  -2.198  1.00 62.05  ? 431 LYS A CD  1 
ATOM   675 C CE  . LYS A 1 101 ? -16.270 -1.640  -1.666  1.00 74.26  ? 431 LYS A CE  1 
ATOM   676 N NZ  . LYS A 1 101 ? -16.576 -2.829  -0.844  1.00 82.29  ? 431 LYS A NZ  1 
ATOM   677 N N   . TYR A 1 102 ? -13.137 1.777   -5.476  1.00 44.84  ? 432 TYR A N   1 
ATOM   678 C CA  . TYR A 1 102 ? -13.672 3.152   -5.527  1.00 45.27  ? 432 TYR A CA  1 
ATOM   679 C C   . TYR A 1 102 ? -13.731 3.689   -6.961  1.00 45.87  ? 432 TYR A C   1 
ATOM   680 O O   . TYR A 1 102 ? -14.644 4.442   -7.244  1.00 50.96  ? 432 TYR A O   1 
ATOM   681 C CB  . TYR A 1 102 ? -12.859 4.123   -4.663  1.00 46.31  ? 432 TYR A CB  1 
ATOM   682 C CG  . TYR A 1 102 ? -13.510 5.480   -4.549  1.00 44.18  ? 432 TYR A CG  1 
ATOM   683 C CD1 . TYR A 1 102 ? -14.696 5.639   -3.845  1.00 45.46  ? 432 TYR A CD1 1 
ATOM   684 C CD2 . TYR A 1 102 ? -12.971 6.589   -5.179  1.00 45.49  ? 432 TYR A CD2 1 
ATOM   685 C CE1 . TYR A 1 102 ? -15.312 6.872   -3.744  1.00 49.22  ? 432 TYR A CE1 1 
ATOM   686 C CE2 . TYR A 1 102 ? -13.585 7.829   -5.106  1.00 48.94  ? 432 TYR A CE2 1 
ATOM   687 C CZ  . TYR A 1 102 ? -14.767 7.969   -4.396  1.00 54.64  ? 432 TYR A CZ  1 
ATOM   688 O OH  . TYR A 1 102 ? -15.372 9.190   -4.310  1.00 58.79  ? 432 TYR A OH  1 
ATOM   689 N N   . ASN A 1 103 ? -12.723 3.435   -7.775  1.00 42.82  ? 433 ASN A N   1 
ATOM   690 C CA  . ASN A 1 103 ? -12.473 4.175   -9.034  1.00 43.57  ? 433 ASN A CA  1 
ATOM   691 C C   . ASN A 1 103 ? -12.873 3.327   -10.233 1.00 44.52  ? 433 ASN A C   1 
ATOM   692 O O   . ASN A 1 103 ? -12.921 2.112   -10.181 1.00 46.33  ? 433 ASN A O   1 
ATOM   693 C CB  . ASN A 1 103 ? -11.006 4.531   -9.203  1.00 42.14  ? 433 ASN A CB  1 
ATOM   694 C CG  . ASN A 1 103 ? -10.508 5.417   -8.092  1.00 48.96  ? 433 ASN A CG  1 
ATOM   695 O OD1 . ASN A 1 103 ? -10.713 6.630   -8.135  1.00 46.39  ? 433 ASN A OD1 1 
ATOM   696 N ND2 . ASN A 1 103 ? -9.835  4.816   -7.115  1.00 47.39  ? 433 ASN A ND2 1 
ATOM   697 N N   . PRO A 1 104 ? -13.175 3.952   -11.375 1.00 53.21  ? 434 PRO A N   1 
ATOM   698 C CA  . PRO A 1 104 ? -13.489 3.196   -12.578 1.00 57.07  ? 434 PRO A CA  1 
ATOM   699 C C   . PRO A 1 104 ? -12.265 2.413   -13.049 1.00 57.07  ? 434 PRO A C   1 
ATOM   700 O O   . PRO A 1 104 ? -11.136 2.892   -12.960 1.00 57.86  ? 434 PRO A O   1 
ATOM   701 C CB  . PRO A 1 104 ? -13.905 4.288   -13.585 1.00 61.39  ? 434 PRO A CB  1 
ATOM   702 C CG  . PRO A 1 104 ? -14.216 5.501   -12.725 1.00 59.66  ? 434 PRO A CG  1 
ATOM   703 C CD  . PRO A 1 104 ? -13.225 5.404   -11.586 1.00 56.20  ? 434 PRO A CD  1 
ATOM   704 N N   . PRO A 1 105 ? -12.480 1.223   -13.645 1.00 58.93  ? 435 PRO A N   1 
ATOM   705 C CA  . PRO A 1 105 ? -11.393 0.348   -14.080 1.00 52.32  ? 435 PRO A CA  1 
ATOM   706 C C   . PRO A 1 105 ? -10.375 0.997   -15.019 1.00 53.59  ? 435 PRO A C   1 
ATOM   707 O O   . PRO A 1 105 ? -9.259  0.570   -15.047 1.00 47.51  ? 435 PRO A O   1 
ATOM   708 C CB  . PRO A 1 105 ? -12.136 -0.730  -14.886 1.00 62.45  ? 435 PRO A CB  1 
ATOM   709 C CG  . PRO A 1 105 ? -13.527 -0.778  -14.268 1.00 62.04  ? 435 PRO A CG  1 
ATOM   710 C CD  . PRO A 1 105 ? -13.814 0.676   -13.961 1.00 65.10  ? 435 PRO A CD  1 
ATOM   711 N N   . ASP A 1 106 ? -10.784 1.995   -15.789 1.00 50.99  ? 436 ASP A N   1 
ATOM   712 C CA  . ASP A 1 106 ? -9.940  2.577   -16.873 1.00 57.22  ? 436 ASP A CA  1 
ATOM   713 C C   . ASP A 1 106 ? -9.277  3.860   -16.348 1.00 55.14  ? 436 ASP A C   1 
ATOM   714 O O   . ASP A 1 106 ? -8.572  4.510   -17.117 1.00 54.46  ? 436 ASP A O   1 
ATOM   715 C CB  . ASP A 1 106 ? -10.782 2.807   -18.149 1.00 65.66  ? 436 ASP A CB  1 
ATOM   716 C CG  . ASP A 1 106 ? -11.958 3.769   -17.965 1.00 73.14  ? 436 ASP A CG  1 
ATOM   717 O OD1 . ASP A 1 106 ? -12.751 3.605   -16.997 1.00 81.70  ? 436 ASP A OD1 1 
ATOM   718 O OD2 . ASP A 1 106 ? -12.056 4.712   -18.756 1.00 81.24  ? 436 ASP A OD2 1 
ATOM   719 N N   . HIS A 1 107 ? -9.480  4.220   -15.078 1.00 50.57  ? 437 HIS A N   1 
ATOM   720 C CA  . HIS A 1 107 ? -8.881  5.445   -14.471 1.00 49.76  ? 437 HIS A CA  1 
ATOM   721 C C   . HIS A 1 107 ? -7.341  5.345   -14.393 1.00 43.55  ? 437 HIS A C   1 
ATOM   722 O O   . HIS A 1 107 ? -6.794  4.251   -14.159 1.00 45.27  ? 437 HIS A O   1 
ATOM   723 C CB  . HIS A 1 107 ? -9.510  5.727   -13.093 1.00 54.13  ? 437 HIS A CB  1 
ATOM   724 C CG  . HIS A 1 107 ? -9.296  7.136   -12.664 1.00 65.18  ? 437 HIS A CG  1 
ATOM   725 N ND1 . HIS A 1 107 ? -10.304 8.085   -12.727 1.00 65.72  ? 437 HIS A ND1 1 
ATOM   726 C CD2 . HIS A 1 107 ? -8.175  7.780   -12.256 1.00 55.47  ? 437 HIS A CD2 1 
ATOM   727 C CE1 . HIS A 1 107 ? -9.804  9.253   -12.373 1.00 66.24  ? 437 HIS A CE1 1 
ATOM   728 N NE2 . HIS A 1 107 ? -8.490  9.086   -12.071 1.00 52.55  ? 437 HIS A NE2 1 
ATOM   729 N N   . GLU A 1 108 ? -6.668  6.473   -14.517 1.00 41.16  ? 438 GLU A N   1 
ATOM   730 C CA  . GLU A 1 108 ? -5.223  6.492   -14.435 1.00 45.56  ? 438 GLU A CA  1 
ATOM   731 C C   . GLU A 1 108 ? -4.737  6.033   -13.059 1.00 49.33  ? 438 GLU A C   1 
ATOM   732 O O   . GLU A 1 108 ? -3.699  5.380   -12.950 1.00 52.73  ? 438 GLU A O   1 
ATOM   733 C CB  . GLU A 1 108 ? -4.688  7.893   -14.740 1.00 39.27  ? 438 GLU A CB  1 
ATOM   734 C CG  . GLU A 1 108 ? -3.175  8.010   -14.656 1.00 56.11  ? 438 GLU A CG  1 
ATOM   735 C CD  . GLU A 1 108 ? -2.681  9.412   -14.952 1.00 79.38  ? 438 GLU A CD  1 
ATOM   736 O OE1 . GLU A 1 108 ? -3.520  10.289  -15.246 1.00 71.55  ? 438 GLU A OE1 1 
ATOM   737 O OE2 . GLU A 1 108 ? -1.454  9.637   -14.892 1.00 82.44  ? 438 GLU A OE2 1 
ATOM   738 N N   . VAL A 1 109 ? -5.484  6.378   -12.013 1.00 46.07  ? 439 VAL A N   1 
ATOM   739 C CA  . VAL A 1 109 ? -5.035  6.099   -10.640 1.00 41.01  ? 439 VAL A CA  1 
ATOM   740 C C   . VAL A 1 109 ? -5.062  4.580   -10.491 1.00 45.76  ? 439 VAL A C   1 
ATOM   741 O O   . VAL A 1 109 ? -4.202  4.033   -9.772  1.00 39.50  ? 439 VAL A O   1 
ATOM   742 C CB  . VAL A 1 109 ? -5.851  6.876   -9.588  1.00 42.29  ? 439 VAL A CB  1 
ATOM   743 C CG1 . VAL A 1 109 ? -7.174  6.224   -9.219  1.00 48.82  ? 439 VAL A CG1 1 
ATOM   744 C CG2 . VAL A 1 109 ? -5.022  7.072   -8.335  1.00 47.56  ? 439 VAL A CG2 1 
ATOM   745 N N   . VAL A 1 110 ? -5.953  3.892   -11.207 1.00 48.29  ? 440 VAL A N   1 
ATOM   746 C CA  . VAL A 1 110 ? -5.977  2.401   -11.170 1.00 42.99  ? 440 VAL A CA  1 
ATOM   747 C C   . VAL A 1 110 ? -4.760  1.840   -11.915 1.00 43.10  ? 440 VAL A C   1 
ATOM   748 O O   . VAL A 1 110 ? -4.135  0.909   -11.382 1.00 45.38  ? 440 VAL A O   1 
ATOM   749 C CB  . VAL A 1 110 ? -7.312  1.870   -11.679 1.00 46.84  ? 440 VAL A CB  1 
ATOM   750 C CG1 . VAL A 1 110 ? -7.238  0.398   -12.037 1.00 46.12  ? 440 VAL A CG1 1 
ATOM   751 C CG2 . VAL A 1 110 ? -8.377  2.126   -10.625 1.00 48.70  ? 440 VAL A CG2 1 
ATOM   752 N N   . ALA A 1 111 ? -4.406  2.421   -13.063 1.00 40.53  ? 441 ALA A N   1 
ATOM   753 C CA  . ALA A 1 111 ? -3.200  2.083   -13.839 1.00 45.30  ? 441 ALA A CA  1 
ATOM   754 C C   . ALA A 1 111 ? -1.961  2.212   -12.928 1.00 46.04  ? 441 ALA A C   1 
ATOM   755 O O   . ALA A 1 111 ? -1.112  1.314   -12.931 1.00 48.05  ? 441 ALA A O   1 
ATOM   756 C CB  . ALA A 1 111 ? -3.096  2.969   -15.082 1.00 39.29  ? 441 ALA A CB  1 
ATOM   757 N N   . MET A 1 112 ? -1.878  3.299   -12.165 1.00 42.74  ? 442 MET A N   1 
ATOM   758 C CA  . MET A 1 112 ? -0.773  3.574   -11.213 1.00 44.66  ? 442 MET A CA  1 
ATOM   759 C C   . MET A 1 112 ? -0.764  2.514   -10.091 1.00 40.64  ? 442 MET A C   1 
ATOM   760 O O   . MET A 1 112 ? 0.293   1.951   -9.819  1.00 40.90  ? 442 MET A O   1 
ATOM   761 C CB  . MET A 1 112 ? -0.961  4.977   -10.637 1.00 40.65  ? 442 MET A CB  1 
ATOM   762 C CG  . MET A 1 112 ? -0.630  6.040   -11.652 1.00 47.01  ? 442 MET A CG  1 
ATOM   763 S SD  . MET A 1 112 ? -1.174  7.696   -11.169 1.00 45.46  ? 442 MET A SD  1 
ATOM   764 C CE  . MET A 1 112 ? 0.392   8.519   -10.998 1.00 44.62  ? 442 MET A CE  1 
ATOM   765 N N   . ALA A 1 113 ? -1.907  2.245   -9.474  1.00 35.32  ? 443 ALA A N   1 
ATOM   766 C CA  . ALA A 1 113 ? -2.046  1.194   -8.452  1.00 40.15  ? 443 ALA A CA  1 
ATOM   767 C C   . ALA A 1 113 ? -1.478  -0.119  -8.999  1.00 43.85  ? 443 ALA A C   1 
ATOM   768 O O   . ALA A 1 113 ? -0.742  -0.794  -8.297  1.00 48.98  ? 443 ALA A O   1 
ATOM   769 C CB  . ALA A 1 113 ? -3.483  1.025   -8.043  1.00 40.30  ? 443 ALA A CB  1 
ATOM   770 N N   . ARG A 1 114 ? -1.827  -0.460  -10.221 1.00 46.05  ? 444 ARG A N   1 
ATOM   771 C CA  . ARG A 1 114 ? -1.451  -1.753  -10.815 1.00 50.77  ? 444 ARG A CA  1 
ATOM   772 C C   . ARG A 1 114 ? 0.063   -1.834  -11.019 1.00 48.97  ? 444 ARG A C   1 
ATOM   773 O O   . ARG A 1 114 ? 0.579   -2.928  -10.854 1.00 49.32  ? 444 ARG A O   1 
ATOM   774 C CB  . ARG A 1 114 ? -2.160  -1.949  -12.150 1.00 54.83  ? 444 ARG A CB  1 
ATOM   775 C CG  . ARG A 1 114 ? -3.607  -2.377  -12.008 1.00 58.97  ? 444 ARG A CG  1 
ATOM   776 C CD  . ARG A 1 114 ? -4.280  -2.328  -13.376 1.00 63.85  ? 444 ARG A CD  1 
ATOM   777 N NE  . ARG A 1 114 ? -5.594  -2.980  -13.362 1.00 76.16  ? 444 ARG A NE  1 
ATOM   778 C CZ  . ARG A 1 114 ? -6.590  -2.695  -14.188 1.00 62.85  ? 444 ARG A CZ  1 
ATOM   779 N NH1 . ARG A 1 114 ? -6.410  -1.770  -15.110 1.00 54.93  ? 444 ARG A NH1 1 
ATOM   780 N NH2 . ARG A 1 114 ? -7.748  -3.324  -14.072 1.00 63.89  ? 444 ARG A NH2 1 
ATOM   781 N N   . LYS A 1 115 ? 0.723   -0.749  -11.429 1.00 44.59  ? 445 LYS A N   1 
ATOM   782 C CA  . LYS A 1 115 ? 2.199   -0.718  -11.520 1.00 46.03  ? 445 LYS A CA  1 
ATOM   783 C C   . LYS A 1 115 ? 2.859   -0.877  -10.135 1.00 47.25  ? 445 LYS A C   1 
ATOM   784 O O   . LYS A 1 115 ? 3.855   -1.622  -10.014 1.00 46.52  ? 445 LYS A O   1 
ATOM   785 C CB  . LYS A 1 115 ? 2.667   0.565   -12.179 1.00 46.87  ? 445 LYS A CB  1 
ATOM   786 C CG  . LYS A 1 115 ? 2.604   0.542   -13.690 1.00 54.20  ? 445 LYS A CG  1 
ATOM   787 C CD  . LYS A 1 115 ? 3.404   1.655   -14.312 1.00 75.33  ? 445 LYS A CD  1 
ATOM   788 C CE  . LYS A 1 115 ? 2.682   2.348   -15.452 1.00 90.59  ? 445 LYS A CE  1 
ATOM   789 N NZ  . LYS A 1 115 ? 3.608   3.248   -16.186 1.00 103.10 ? 445 LYS A NZ  1 
ATOM   790 N N   . LEU A 1 116 ? 2.371   -0.181  -9.121  1.00 36.86  ? 446 LEU A N   1 
ATOM   791 C CA  . LEU A 1 116 ? 2.969   -0.289  -7.779  1.00 37.61  ? 446 LEU A CA  1 
ATOM   792 C C   . LEU A 1 116 ? 2.683   -1.692  -7.238  1.00 37.01  ? 446 LEU A C   1 
ATOM   793 O O   . LEU A 1 116 ? 3.557   -2.286  -6.672  1.00 34.12  ? 446 LEU A O   1 
ATOM   794 C CB  . LEU A 1 116 ? 2.403   0.811   -6.886  1.00 37.58  ? 446 LEU A CB  1 
ATOM   795 C CG  . LEU A 1 116 ? 3.033   0.915   -5.505  1.00 37.95  ? 446 LEU A CG  1 
ATOM   796 C CD1 . LEU A 1 116 ? 4.524   1.197   -5.624  1.00 39.04  ? 446 LEU A CD1 1 
ATOM   797 C CD2 . LEU A 1 116 ? 2.320   1.984   -4.714  1.00 39.26  ? 446 LEU A CD2 1 
ATOM   798 N N   . GLN A 1 117 ? 1.527   -2.238  -7.514  1.00 36.92  ? 447 GLN A N   1 
ATOM   799 C CA  . GLN A 1 117 ? 1.202   -3.559  -7.089  1.00 36.28  ? 447 GLN A CA  1 
ATOM   800 C C   . GLN A 1 117 ? 2.087   -4.583  -7.730  1.00 38.75  ? 447 GLN A C   1 
ATOM   801 O O   . GLN A 1 117 ? 2.385   -5.550  -7.144  1.00 44.61  ? 447 GLN A O   1 
ATOM   802 C CB  . GLN A 1 117 ? -0.250  -3.887  -7.267  1.00 36.50  ? 447 GLN A CB  1 
ATOM   803 C CG  . GLN A 1 117 ? -0.575  -5.220  -6.694  1.00 40.72  ? 447 GLN A CG  1 
ATOM   804 C CD  . GLN A 1 117 ? -2.014  -5.509  -6.589  1.00 40.63  ? 447 GLN A CD  1 
ATOM   805 O OE1 . GLN A 1 117 ? -2.804  -4.925  -7.234  1.00 43.89  ? 447 GLN A OE1 1 
ATOM   806 N NE2 . GLN A 1 117 ? -2.343  -6.450  -5.808  1.00 41.15  ? 447 GLN A NE2 1 
ATOM   807 N N   . ASP A 1 118 ? 2.469   -4.389  -8.956  1.00 34.31  ? 448 ASP A N   1 
ATOM   808 C CA  . ASP A 1 118 ? 3.373   -5.294  -9.560  1.00 43.91  ? 448 ASP A CA  1 
ATOM   809 C C   . ASP A 1 118 ? 4.717   -5.297  -8.848  1.00 50.09  ? 448 ASP A C   1 
ATOM   810 O O   . ASP A 1 118 ? 5.294   -6.321  -8.696  1.00 47.27  ? 448 ASP A O   1 
ATOM   811 C CB  . ASP A 1 118 ? 3.501   -5.045  -11.042 1.00 46.68  ? 448 ASP A CB  1 
ATOM   812 C CG  . ASP A 1 118 ? 2.319   -5.535  -11.812 1.00 51.36  ? 448 ASP A CG  1 
ATOM   813 O OD1 . ASP A 1 118 ? 1.509   -6.315  -11.284 1.00 53.75  ? 448 ASP A OD1 1 
ATOM   814 O OD2 . ASP A 1 118 ? 2.195   -5.116  -12.949 1.00 44.74  ? 448 ASP A OD2 1 
ATOM   815 N N   . VAL A 1 119 ? 5.197   -4.151  -8.433  1.00 44.72  ? 449 VAL A N   1 
ATOM   816 C CA  . VAL A 1 119 ? 6.408   -4.085  -7.706  1.00 47.01  ? 449 VAL A CA  1 
ATOM   817 C C   . VAL A 1 119 ? 6.277   -4.805  -6.392  1.00 45.98  ? 449 VAL A C   1 
ATOM   818 O O   . VAL A 1 119 ? 7.101   -5.559  -6.040  1.00 45.57  ? 449 VAL A O   1 
ATOM   819 C CB  . VAL A 1 119 ? 6.761   -2.629  -7.416  1.00 48.48  ? 449 VAL A CB  1 
ATOM   820 C CG1 . VAL A 1 119 ? 7.907   -2.527  -6.471  1.00 44.80  ? 449 VAL A CG1 1 
ATOM   821 C CG2 . VAL A 1 119 ? 7.106   -1.897  -8.667  1.00 49.00  ? 449 VAL A CG2 1 
ATOM   822 N N   . PHE A 1 120 ? 5.204   -4.587  -5.686  1.00 41.73  ? 450 PHE A N   1 
ATOM   823 C CA  . PHE A 1 120 ? 5.017   -5.225  -4.439  1.00 43.03  ? 450 PHE A CA  1 
ATOM   824 C C   . PHE A 1 120 ? 4.880   -6.709  -4.521  1.00 45.98  ? 450 PHE A C   1 
ATOM   825 O O   . PHE A 1 120 ? 5.497   -7.389  -3.804  1.00 42.92  ? 450 PHE A O   1 
ATOM   826 C CB  . PHE A 1 120 ? 3.807   -4.664  -3.744  1.00 39.81  ? 450 PHE A CB  1 
ATOM   827 C CG  . PHE A 1 120 ? 3.302   -5.525  -2.658  1.00 38.13  ? 450 PHE A CG  1 
ATOM   828 C CD1 . PHE A 1 120 ? 3.872   -5.509  -1.457  1.00 38.80  ? 450 PHE A CD1 1 
ATOM   829 C CD2 . PHE A 1 120 ? 2.268   -6.362  -2.868  1.00 41.91  ? 450 PHE A CD2 1 
ATOM   830 C CE1 . PHE A 1 120 ? 3.445   -6.320  -0.477  1.00 39.27  ? 450 PHE A CE1 1 
ATOM   831 C CE2 . PHE A 1 120 ? 1.826   -7.168  -1.886  1.00 39.13  ? 450 PHE A CE2 1 
ATOM   832 C CZ  . PHE A 1 120 ? 2.415   -7.143  -0.686  1.00 41.18  ? 450 PHE A CZ  1 
ATOM   833 N N   . GLU A 1 121 ? 4.070   -7.188  -5.460  1.00 40.62  ? 451 GLU A N   1 
ATOM   834 C CA  . GLU A 1 121 ? 3.831   -8.619  -5.600  1.00 38.36  ? 451 GLU A CA  1 
ATOM   835 C C   . GLU A 1 121 ? 5.121   -9.364  -5.904  1.00 43.24  ? 451 GLU A C   1 
ATOM   836 O O   . GLU A 1 121 ? 5.360   -10.448 -5.372  1.00 43.67  ? 451 GLU A O   1 
ATOM   837 C CB  . GLU A 1 121 ? 2.799   -8.887  -6.697  1.00 43.34  ? 451 GLU A CB  1 
ATOM   838 C CG  . GLU A 1 121 ? 1.422   -8.314  -6.408  1.00 42.30  ? 451 GLU A CG  1 
ATOM   839 C CD  . GLU A 1 121 ? 0.805   -8.890  -5.148  1.00 41.61  ? 451 GLU A CD  1 
ATOM   840 O OE1 . GLU A 1 121 ? -0.344  -8.520  -4.824  1.00 44.95  ? 451 GLU A OE1 1 
ATOM   841 O OE2 . GLU A 1 121 ? 1.469   -9.712  -4.481  1.00 49.70  ? 451 GLU A OE2 1 
ATOM   842 N N   . MET A 1 122 ? 5.954   -8.782  -6.759  1.00 39.53  ? 452 MET A N   1 
ATOM   843 C CA  . MET A 1 122 ? 7.184   -9.383  -7.086  1.00 43.27  ? 452 MET A CA  1 
ATOM   844 C C   . MET A 1 122 ? 8.125   -9.478  -5.904  1.00 41.79  ? 452 MET A C   1 
ATOM   845 O O   . MET A 1 122 ? 8.712   -10.456 -5.737  1.00 45.88  ? 452 MET A O   1 
ATOM   846 C CB  . MET A 1 122 ? 7.804   -8.644  -8.213  1.00 52.02  ? 452 MET A CB  1 
ATOM   847 C CG  . MET A 1 122 ? 9.061   -9.265  -8.709  1.00 70.17  ? 452 MET A CG  1 
ATOM   848 S SD  . MET A 1 122 ? 8.748   -10.803 -9.517  1.00 93.62  ? 452 MET A SD  1 
ATOM   849 C CE  . MET A 1 122 ? 7.574   -10.227 -10.705 1.00 85.32  ? 452 MET A CE  1 
ATOM   850 N N   . ARG A 1 123 ? 8.258   -8.476  -5.080  1.00 40.32  ? 453 ARG A N   1 
ATOM   851 C CA  . ARG A 1 123 ? 9.089   -8.597  -3.915  1.00 41.90  ? 453 ARG A CA  1 
ATOM   852 C C   . ARG A 1 123 ? 8.568   -9.464  -2.817  1.00 42.16  ? 453 ARG A C   1 
ATOM   853 O O   . ARG A 1 123 ? 9.299   -10.055 -2.143  1.00 43.21  ? 453 ARG A O   1 
ATOM   854 C CB  . ARG A 1 123 ? 9.444   -7.278  -3.309  1.00 45.93  ? 453 ARG A CB  1 
ATOM   855 C CG  . ARG A 1 123 ? 9.855   -6.228  -4.259  1.00 58.34  ? 453 ARG A CG  1 
ATOM   856 C CD  . ARG A 1 123 ? 11.242  -6.384  -4.753  1.00 71.76  ? 453 ARG A CD  1 
ATOM   857 N NE  . ARG A 1 123 ? 11.595  -5.207  -5.510  1.00 96.21  ? 453 ARG A NE  1 
ATOM   858 C CZ  . ARG A 1 123 ? 11.507  -5.114  -6.834  1.00 109.90 ? 453 ARG A CZ  1 
ATOM   859 N NH1 . ARG A 1 123 ? 11.094  -6.158  -7.540  1.00 104.05 ? 453 ARG A NH1 1 
ATOM   860 N NH2 . ARG A 1 123 ? 11.854  -3.991  -7.455  1.00 100.74 ? 453 ARG A NH2 1 
ATOM   861 N N   . PHE A 1 124 ? 7.290   -9.424  -2.581  1.00 40.24  ? 454 PHE A N   1 
ATOM   862 C CA  . PHE A 1 124 ? 6.654   -10.179 -1.555  1.00 38.34  ? 454 PHE A CA  1 
ATOM   863 C C   . PHE A 1 124 ? 6.769   -11.647 -1.799  1.00 39.39  ? 454 PHE A C   1 
ATOM   864 O O   . PHE A 1 124 ? 6.889   -12.410 -0.914  1.00 46.84  ? 454 PHE A O   1 
ATOM   865 C CB  . PHE A 1 124 ? 5.216   -9.729  -1.468  1.00 39.89  ? 454 PHE A CB  1 
ATOM   866 C CG  . PHE A 1 124 ? 4.525   -10.080 -0.205  1.00 40.47  ? 454 PHE A CG  1 
ATOM   867 C CD1 . PHE A 1 124 ? 4.946   -9.601  0.973   1.00 45.07  ? 454 PHE A CD1 1 
ATOM   868 C CD2 . PHE A 1 124 ? 3.407   -10.827 -0.228  1.00 37.97  ? 454 PHE A CD2 1 
ATOM   869 C CE1 . PHE A 1 124 ? 4.302   -9.904  2.114   1.00 45.35  ? 454 PHE A CE1 1 
ATOM   870 C CE2 . PHE A 1 124 ? 2.744   -11.124 0.898   1.00 40.36  ? 454 PHE A CE2 1 
ATOM   871 C CZ  . PHE A 1 124 ? 3.194   -10.671 2.076   1.00 42.78  ? 454 PHE A CZ  1 
ATOM   872 N N   . ALA A 1 125 ? 6.681   -12.030 -3.034  1.00 38.96  ? 455 ALA A N   1 
ATOM   873 C CA  . ALA A 1 125 ? 6.772   -13.443 -3.447  1.00 42.58  ? 455 ALA A CA  1 
ATOM   874 C C   . ALA A 1 125 ? 8.219   -13.946 -3.273  1.00 50.93  ? 455 ALA A C   1 
ATOM   875 O O   . ALA A 1 125 ? 8.383   -15.104 -2.933  1.00 50.25  ? 455 ALA A O   1 
ATOM   876 C CB  . ALA A 1 125 ? 6.307   -13.580 -4.877  1.00 42.54  ? 455 ALA A CB  1 
ATOM   877 N N   . LYS A 1 126 ? 9.228   -13.113 -3.562  1.00 58.60  ? 456 LYS A N   1 
ATOM   878 C CA  . LYS A 1 126 ? 10.669  -13.493 -3.546  1.00 57.30  ? 456 LYS A CA  1 
ATOM   879 C C   . LYS A 1 126 ? 11.230  -13.384 -2.132  1.00 58.76  ? 456 LYS A C   1 
ATOM   880 O O   . LYS A 1 126 ? 12.384  -13.659 -1.945  1.00 72.73  ? 456 LYS A O   1 
ATOM   881 C CB  . LYS A 1 126 ? 11.491  -12.617 -4.487  1.00 52.48  ? 456 LYS A CB  1 
ATOM   882 C CG  . LYS A 1 126 ? 11.122  -12.788 -5.948  1.00 61.82  ? 456 LYS A CG  1 
ATOM   883 C CD  . LYS A 1 126 ? 12.257  -13.226 -6.830  1.00 60.85  ? 456 LYS A CD  1 
ATOM   884 C CE  . LYS A 1 126 ? 11.855  -13.304 -8.288  1.00 66.36  ? 456 LYS A CE  1 
ATOM   885 N NZ  . LYS A 1 126 ? 11.664  -14.702 -8.725  1.00 66.45  ? 456 LYS A NZ  1 
ATOM   886 N N   . MET A 1 127 ? 10.412  -13.027 -1.162  1.00 69.23  ? 457 MET A N   1 
ATOM   887 C CA  . MET A 1 127 ? 10.824  -12.945 0.254   1.00 72.42  ? 457 MET A CA  1 
ATOM   888 C C   . MET A 1 127 ? 11.180  -14.339 0.758   1.00 76.65  ? 457 MET A C   1 
ATOM   889 O O   . MET A 1 127 ? 10.302  -15.187 0.825   1.00 75.53  ? 457 MET A O   1 
ATOM   890 C CB  . MET A 1 127 ? 9.639   -12.384 1.037   1.00 75.95  ? 457 MET A CB  1 
ATOM   891 C CG  . MET A 1 127 ? 9.820   -12.301 2.513   1.00 74.96  ? 457 MET A CG  1 
ATOM   892 S SD  . MET A 1 127 ? 8.556   -11.203 3.127   1.00 72.10  ? 457 MET A SD  1 
ATOM   893 C CE  . MET A 1 127 ? 7.134   -12.291 3.036   1.00 73.62  ? 457 MET A CE  1 
ATOM   894 N N   . PRO A 1 128 ? 12.442  -14.606 1.184   1.00 96.57  ? 458 PRO A N   1 
ATOM   895 C CA  . PRO A 1 128 ? 12.791  -15.888 1.813   1.00 95.94  ? 458 PRO A CA  1 
ATOM   896 C C   . PRO A 1 128 ? 11.902  -16.286 3.010   1.00 96.00  ? 458 PRO A C   1 
ATOM   897 O O   . PRO A 1 128 ? 11.375  -15.419 3.698   1.00 78.85  ? 458 PRO A O   1 
ATOM   898 C CB  . PRO A 1 128 ? 14.247  -15.694 2.281   1.00 95.62  ? 458 PRO A CB  1 
ATOM   899 C CG  . PRO A 1 128 ? 14.792  -14.581 1.394   1.00 97.09  ? 458 PRO A CG  1 
ATOM   900 C CD  . PRO A 1 128 ? 13.599  -13.688 1.108   1.00 97.07  ? 458 PRO A CD  1 
ATOM   901 N N   . ASP A 1 129 ? 11.803  -17.598 3.247   1.00 95.74  ? 459 ASP A N   1 
ATOM   902 C CA  . ASP A 1 129 ? 10.811  -18.262 4.135   1.00 103.02 ? 459 ASP A CA  1 
ATOM   903 C C   . ASP A 1 129 ? 10.900  -17.701 5.564   1.00 101.92 ? 459 ASP A C   1 
ATOM   904 O O   . ASP A 1 129 ? 11.631  -18.149 6.440   1.00 88.69  ? 459 ASP A O   1 
ATOM   905 C CB  . ASP A 1 129 ? 11.005  -19.783 4.107   1.00 107.20 ? 459 ASP A CB  1 
ATOM   906 C CG  . ASP A 1 129 ? 10.920  -20.396 2.715   1.00 104.92 ? 459 ASP A CG  1 
ATOM   907 O OD1 . ASP A 1 129 ? 11.824  -21.182 2.375   1.00 94.87  ? 459 ASP A OD1 1 
ATOM   908 O OD2 . ASP A 1 129 ? 9.957   -20.079 1.980   1.00 91.65  ? 459 ASP A OD2 1 
HETATM 909 C C1  . YF6 B 2 .   ? -4.357  11.351  -4.208  1.00 52.39  ? 501 YF6 A C1  1 
HETATM 910 C C2  . YF6 B 2 .   ? -3.640  12.553  -4.249  1.00 50.86  ? 501 YF6 A C2  1 
HETATM 911 C C3  . YF6 B 2 .   ? -3.701  13.367  -5.388  1.00 50.41  ? 501 YF6 A C3  1 
HETATM 912 C C4  . YF6 B 2 .   ? -4.474  12.940  -6.481  1.00 48.43  ? 501 YF6 A C4  1 
HETATM 913 C C5  . YF6 B 2 .   ? -5.160  11.742  -6.444  1.00 50.77  ? 501 YF6 A C5  1 
HETATM 914 C C6  . YF6 B 2 .   ? -5.062  10.921  -5.326  1.00 48.08  ? 501 YF6 A C6  1 
HETATM 915 C C7  . YF6 B 2 .   ? -5.849  9.664   -5.299  1.00 43.18  ? 501 YF6 A C7  1 
HETATM 916 C C8  . YF6 B 2 .   ? -7.133  9.668   -5.816  1.00 44.74  ? 501 YF6 A C8  1 
HETATM 917 C C9  . YF6 B 2 .   ? -7.920  8.517   -5.770  1.00 41.88  ? 501 YF6 A C9  1 
HETATM 918 C C10 . YF6 B 2 .   ? -7.440  7.333   -5.224  1.00 40.71  ? 501 YF6 A C10 1 
HETATM 919 N N1  . YF6 B 2 .   ? -6.145  7.393   -4.704  1.00 40.11  ? 501 YF6 A N1  1 
HETATM 920 C C11 . YF6 B 2 .   ? -5.360  8.529   -4.762  1.00 42.50  ? 501 YF6 A C11 1 
HETATM 921 N N2  . YF6 B 2 .   ? -9.198  8.585   -6.304  1.00 43.90  ? 501 YF6 A N2  1 
HETATM 922 C C12 . YF6 B 2 .   ? -9.741  9.753   -6.989  1.00 43.34  ? 501 YF6 A C12 1 
HETATM 923 C C13 . YF6 B 2 .   ? -9.169  9.906   -8.380  1.00 47.48  ? 501 YF6 A C13 1 
HETATM 924 C C14 . YF6 B 2 .   ? -9.767  11.117  -9.064  1.00 49.71  ? 501 YF6 A C14 1 
HETATM 925 N N3  . YF6 B 2 .   ? -11.221 10.957  -9.141  1.00 50.75  ? 501 YF6 A N3  1 
HETATM 926 C C15 . YF6 B 2 .   ? -11.786 10.912  -7.792  1.00 49.35  ? 501 YF6 A C15 1 
HETATM 927 C C16 . YF6 B 2 .   ? -11.254 9.718   -7.028  1.00 47.85  ? 501 YF6 A C16 1 
HETATM 928 C C17 . YF6 B 2 .   ? -5.584  6.186   -4.099  1.00 43.71  ? 501 YF6 A C17 1 
HETATM 929 O O1  . YF6 B 2 .   ? -8.079  6.288   -5.158  1.00 40.59  ? 501 YF6 A O1  1 
HETATM 930 C C18 . YF6 B 2 .   ? -3.169  14.641  -5.734  1.00 48.74  ? 501 YF6 A C18 1 
HETATM 931 C C19 . YF6 B 2 .   ? -3.567  14.901  -7.006  1.00 52.36  ? 501 YF6 A C19 1 
HETATM 932 N N4  . YF6 B 2 .   ? -4.384  13.897  -7.470  1.00 52.57  ? 501 YF6 A N4  1 
HETATM 933 N N5  . YF6 B 2 .   ? -2.910  12.983  -3.129  1.00 45.66  ? 501 YF6 A N5  1 
HETATM 934 S S1  . YF6 B 2 .   ? -3.249  12.635  -1.555  1.00 45.49  ? 501 YF6 A S1  1 
HETATM 935 C C20 . YF6 B 2 .   ? -2.373  11.056  -1.224  1.00 42.65  ? 501 YF6 A C20 1 
HETATM 936 C C21 . YF6 B 2 .   ? -0.878  11.151  -1.532  1.00 43.19  ? 501 YF6 A C21 1 
HETATM 937 O O2  . YF6 B 2 .   ? -4.640  12.395  -1.318  1.00 34.95  ? 501 YF6 A O2  1 
HETATM 938 O O3  . YF6 B 2 .   ? -2.589  13.677  -0.853  1.00 44.54  ? 501 YF6 A O3  1 
HETATM 939 C C22 . YF6 B 2 .   ? -5.064  13.855  -8.772  1.00 49.47  ? 501 YF6 A C22 1 
HETATM 940 C C23 . YF6 B 2 .   ? -6.598  13.888  -8.587  1.00 47.62  ? 501 YF6 A C23 1 
HETATM 941 C C24 . YF6 B 2 .   ? -4.668  15.079  -9.602  1.00 42.75  ? 501 YF6 A C24 1 
HETATM 942 C C25 . YF6 B 2 .   ? -4.685  12.601  -9.556  1.00 46.03  ? 501 YF6 A C25 1 
HETATM 943 N N6  . YF6 B 2 .   ? -3.877  14.843  -10.643 1.00 44.49  ? 501 YF6 A N6  1 
HETATM 944 C C26 . YF6 B 2 .   ? -3.497  15.901  -11.387 1.00 47.45  ? 501 YF6 A C26 1 
HETATM 945 C C27 . YF6 B 2 .   ? -3.864  17.206  -11.112 1.00 42.40  ? 501 YF6 A C27 1 
HETATM 946 C C28 . YF6 B 2 .   ? -4.676  17.435  -10.026 1.00 43.33  ? 501 YF6 A C28 1 
HETATM 947 C C29 . YF6 B 2 .   ? -5.097  16.360  -9.263  1.00 45.05  ? 501 YF6 A C29 1 
HETATM 948 C C30 . YF6 B 2 .   ? -5.579  11.978  -10.403 1.00 46.94  ? 501 YF6 A C30 1 
HETATM 949 C C31 . YF6 B 2 .   ? -5.170  10.853  -11.081 1.00 52.30  ? 501 YF6 A C31 1 
HETATM 950 C C32 . YF6 B 2 .   ? -3.903  10.355  -10.865 1.00 57.49  ? 501 YF6 A C32 1 
HETATM 951 C C33 . YF6 B 2 .   ? -3.075  11.025  -9.996  1.00 58.74  ? 501 YF6 A C33 1 
HETATM 952 N N7  . YF6 B 2 .   ? -3.450  12.136  -9.342  1.00 58.87  ? 501 YF6 A N7  1 
HETATM 953 C C1  . EDO C 3 .   ? 15.447  7.125   -1.859  1.00 93.36  ? 502 EDO A C1  1 
HETATM 954 O O1  . EDO C 3 .   ? 14.200  7.717   -2.186  1.00 80.92  ? 502 EDO A O1  1 
HETATM 955 C C2  . EDO C 3 .   ? 16.392  7.126   -3.013  1.00 94.95  ? 502 EDO A C2  1 
HETATM 956 O O2  . EDO C 3 .   ? 15.784  6.662   -4.207  1.00 81.33  ? 502 EDO A O2  1 
HETATM 957 C C1  . GOL D 4 .   ? 12.559  5.962   6.000   1.00 56.18  ? 503 GOL A C1  1 
HETATM 958 O O1  . GOL D 4 .   ? 13.595  5.352   5.248   1.00 51.34  ? 503 GOL A O1  1 
HETATM 959 C C2  . GOL D 4 .   ? 12.992  6.125   7.447   1.00 77.76  ? 503 GOL A C2  1 
HETATM 960 O O2  . GOL D 4 .   ? 12.215  5.259   8.297   1.00 73.44  ? 503 GOL A O2  1 
HETATM 961 C C3  . GOL D 4 .   ? 13.020  7.578   7.929   1.00 74.88  ? 503 GOL A C3  1 
HETATM 962 O O3  . GOL D 4 .   ? 11.956  7.873   8.836   1.00 71.08  ? 503 GOL A O3  1 
HETATM 963 O O   . HOH E 5 .   ? 7.830   5.831   -4.766  1.00 45.61  ? 601 HOH A O   1 
HETATM 964 O O   . HOH E 5 .   ? -3.333  -6.621  7.608   1.00 56.97  ? 602 HOH A O   1 
HETATM 965 O O   . HOH E 5 .   ? -5.388  -5.478  6.362   1.00 57.21  ? 603 HOH A O   1 
HETATM 966 O O   . HOH E 5 .   ? -7.140  1.794   -15.364 1.00 53.78  ? 604 HOH A O   1 
HETATM 967 O O   . HOH E 5 .   ? -5.366  5.685   4.649   1.00 40.73  ? 605 HOH A O   1 
HETATM 968 O O   . HOH E 5 .   ? 14.982  -9.399  12.258  1.00 48.43  ? 606 HOH A O   1 
HETATM 969 O O   . HOH E 5 .   ? -8.387  4.675   -3.277  1.00 44.21  ? 607 HOH A O   1 
HETATM 970 O O   . HOH E 5 .   ? 18.490  -10.552 11.898  1.00 51.97  ? 608 HOH A O   1 
HETATM 971 O O   . HOH E 5 .   ? -6.256  -7.287  2.201   1.00 49.06  ? 609 HOH A O   1 
HETATM 972 O O   . HOH E 5 .   ? -3.745  7.346   -1.091  1.00 42.81  ? 610 HOH A O   1 
HETATM 973 O O   . HOH E 5 .   ? -18.155 7.635   -6.420  1.00 54.99  ? 611 HOH A O   1 
HETATM 974 O O   . HOH E 5 .   ? 3.185   -11.760 -4.223  1.00 38.91  ? 612 HOH A O   1 
HETATM 975 O O   . HOH E 5 .   ? -4.258  4.725   -0.716  1.00 43.12  ? 613 HOH A O   1 
HETATM 976 O O   . HOH E 5 .   ? -11.149 -2.830  -0.386  1.00 52.69  ? 614 HOH A O   1 
HETATM 977 O O   . HOH E 5 .   ? -6.184  3.356   -1.996  1.00 41.41  ? 615 HOH A O   1 
HETATM 978 O O   . HOH E 5 .   ? 0.954   7.282   9.939   1.00 56.95  ? 616 HOH A O   1 
HETATM 979 O O   . HOH E 5 .   ? 1.958   12.227  -2.750  1.00 52.73  ? 617 HOH A O   1 
HETATM 980 O O   . HOH E 5 .   ? 4.874   -4.874  12.539  1.00 52.42  ? 618 HOH A O   1 
HETATM 981 O O   . HOH E 5 .   ? -0.455  14.292  -2.995  1.00 50.60  ? 619 HOH A O   1 
HETATM 982 O O   . HOH E 5 .   ? -7.313  3.859   0.973   1.00 41.82  ? 620 HOH A O   1 
HETATM 983 O O   . HOH E 5 .   ? 6.618   -12.611 11.863  1.00 63.03  ? 621 HOH A O   1 
HETATM 984 O O   . HOH E 5 .   ? -12.013 -0.827  2.730   1.00 45.16  ? 622 HOH A O   1 
HETATM 985 O O   . HOH E 5 .   ? 6.398   -13.707 8.535   1.00 66.51  ? 623 HOH A O   1 
HETATM 986 O O   . HOH E 5 .   ? 2.850   11.003  -12.652 1.00 60.35  ? 624 HOH A O   1 
HETATM 987 O O   . HOH E 5 .   ? 0.860   -13.839 -1.239  1.00 50.92  ? 625 HOH A O   1 
HETATM 988 O O   . HOH E 5 .   ? -12.145 8.337   -10.148 1.00 65.40  ? 626 HOH A O   1 
HETATM 989 O O   . HOH E 5 .   ? -1.016  -0.362  -15.372 1.00 43.68  ? 627 HOH A O   1 
HETATM 990 O O   . HOH E 5 .   ? -15.226 9.895   -7.200  1.00 56.04  ? 628 HOH A O   1 
HETATM 991 O O   . HOH E 5 .   ? -6.641  6.226   2.381   1.00 45.87  ? 629 HOH A O   1 
HETATM 992 O O   . HOH E 5 .   ? -3.754  -10.724 1.332   1.00 43.01  ? 630 HOH A O   1 
HETATM 993 O O   . HOH E 5 .   ? -3.316  -5.455  10.876  1.00 60.86  ? 631 HOH A O   1 
HETATM 994 O O   . HOH E 5 .   ? 8.222   -18.770 5.053   1.00 69.79  ? 632 HOH A O   1 
HETATM 995 O O   . HOH E 5 .   ? -2.937  -14.431 0.760   1.00 52.42  ? 633 HOH A O   1 
HETATM 996 O O   . HOH E 5 .   ? -11.030 -5.471  1.471   1.00 51.63  ? 634 HOH A O   1 
# 
loop_
_pdbx_poly_seq_scheme.asym_id 
_pdbx_poly_seq_scheme.entity_id 
_pdbx_poly_seq_scheme.seq_id 
_pdbx_poly_seq_scheme.mon_id 
_pdbx_poly_seq_scheme.ndb_seq_num 
_pdbx_poly_seq_scheme.pdb_seq_num 
_pdbx_poly_seq_scheme.auth_seq_num 
_pdbx_poly_seq_scheme.pdb_mon_id 
_pdbx_poly_seq_scheme.auth_mon_id 
_pdbx_poly_seq_scheme.pdb_strand_id 
_pdbx_poly_seq_scheme.pdb_ins_code 
_pdbx_poly_seq_scheme.hetero 
A 1 1   SER 1   331 ?   ?   ?   A . n 
A 1 2   MET 2   332 ?   ?   ?   A . n 
A 1 3   LYS 3   333 ?   ?   ?   A . n 
A 1 4   ASP 4   334 ?   ?   ?   A . n 
A 1 5   VAL 5   335 ?   ?   ?   A . n 
A 1 6   PRO 6   336 ?   ?   ?   A . n 
A 1 7   ASP 7   337 ?   ?   ?   A . n 
A 1 8   SER 8   338 ?   ?   ?   A . n 
A 1 9   GLN 9   339 ?   ?   ?   A . n 
A 1 10  GLN 10  340 ?   ?   ?   A . n 
A 1 11  HIS 11  341 ?   ?   ?   A . n 
A 1 12  PRO 12  342 ?   ?   ?   A . n 
A 1 13  ALA 13  343 ?   ?   ?   A . n 
A 1 14  PRO 14  344 ?   ?   ?   A . n 
A 1 15  GLU 15  345 ?   ?   ?   A . n 
A 1 16  LYS 16  346 ?   ?   ?   A . n 
A 1 17  SER 17  347 ?   ?   ?   A . n 
A 1 18  SER 18  348 ?   ?   ?   A . n 
A 1 19  LYS 19  349 349 LYS LYS A . n 
A 1 20  VAL 20  350 350 VAL VAL A . n 
A 1 21  SER 21  351 351 SER SER A . n 
A 1 22  GLU 22  352 352 GLU GLU A . n 
A 1 23  GLN 23  353 353 GLN GLN A . n 
A 1 24  LEU 24  354 354 LEU LEU A . n 
A 1 25  LYS 25  355 355 LYS LYS A . n 
A 1 26  CYS 26  356 356 CYS CYS A . n 
A 1 27  CYS 27  357 357 CYS CYS A . n 
A 1 28  SER 28  358 358 SER SER A . n 
A 1 29  GLY 29  359 359 GLY GLY A . n 
A 1 30  ILE 30  360 360 ILE ILE A . n 
A 1 31  LEU 31  361 361 LEU LEU A . n 
A 1 32  LYS 32  362 362 LYS LYS A . n 
A 1 33  GLU 33  363 363 GLU GLU A . n 
A 1 34  MET 34  364 364 MET MET A . n 
A 1 35  PHE 35  365 365 PHE PHE A . n 
A 1 36  ALA 36  366 366 ALA ALA A . n 
A 1 37  LYS 37  367 367 LYS LYS A . n 
A 1 38  LYS 38  368 368 LYS LYS A . n 
A 1 39  HIS 39  369 369 HIS HIS A . n 
A 1 40  ALA 40  370 370 ALA ALA A . n 
A 1 41  ALA 41  371 371 ALA ALA A . n 
A 1 42  TYR 42  372 372 TYR TYR A . n 
A 1 43  ALA 43  373 373 ALA ALA A . n 
A 1 44  TRP 44  374 374 TRP TRP A . n 
A 1 45  PRO 45  375 375 PRO PRO A . n 
A 1 46  PHE 46  376 376 PHE PHE A . n 
A 1 47  TYR 47  377 377 TYR TYR A . n 
A 1 48  LYS 48  378 378 LYS LYS A . n 
A 1 49  PRO 49  379 379 PRO PRO A . n 
A 1 50  VAL 50  380 380 VAL VAL A . n 
A 1 51  ASP 51  381 381 ASP ASP A . n 
A 1 52  VAL 52  382 382 VAL VAL A . n 
A 1 53  GLU 53  383 383 GLU GLU A . n 
A 1 54  ALA 54  384 384 ALA ALA A . n 
A 1 55  LEU 55  385 385 LEU LEU A . n 
A 1 56  GLY 56  386 386 GLY GLY A . n 
A 1 57  LEU 57  387 387 LEU LEU A . n 
A 1 58  HIS 58  388 388 HIS HIS A . n 
A 1 59  ASP 59  389 389 ASP ASP A . n 
A 1 60  TYR 60  390 390 TYR TYR A . n 
A 1 61  CYS 61  391 391 CYS CYS A . n 
A 1 62  ASP 62  392 392 ASP ASP A . n 
A 1 63  ILE 63  393 393 ILE ILE A . n 
A 1 64  ILE 64  394 394 ILE ILE A . n 
A 1 65  LYS 65  395 395 LYS LYS A . n 
A 1 66  HIS 66  396 396 HIS HIS A . n 
A 1 67  PRO 67  397 397 PRO PRO A . n 
A 1 68  MET 68  398 398 MET MET A . n 
A 1 69  ASP 69  399 399 ASP ASP A . n 
A 1 70  MET 70  400 400 MET MET A . n 
A 1 71  SER 71  401 401 SER SER A . n 
A 1 72  THR 72  402 402 THR THR A . n 
A 1 73  ILE 73  403 403 ILE ILE A . n 
A 1 74  LYS 74  404 404 LYS LYS A . n 
A 1 75  SER 75  405 405 SER SER A . n 
A 1 76  LYS 76  406 406 LYS LYS A . n 
A 1 77  LEU 77  407 407 LEU LEU A . n 
A 1 78  GLU 78  408 408 GLU GLU A . n 
A 1 79  ALA 79  409 409 ALA ALA A . n 
A 1 80  ARG 80  410 410 ARG ARG A . n 
A 1 81  GLU 81  411 411 GLU GLU A . n 
A 1 82  TYR 82  412 412 TYR TYR A . n 
A 1 83  ARG 83  413 413 ARG ARG A . n 
A 1 84  ASP 84  414 414 ASP ASP A . n 
A 1 85  ALA 85  415 415 ALA ALA A . n 
A 1 86  GLN 86  416 416 GLN GLN A . n 
A 1 87  GLU 87  417 417 GLU GLU A . n 
A 1 88  PHE 88  418 418 PHE PHE A . n 
A 1 89  GLY 89  419 419 GLY GLY A . n 
A 1 90  ALA 90  420 420 ALA ALA A . n 
A 1 91  ASP 91  421 421 ASP ASP A . n 
A 1 92  VAL 92  422 422 VAL VAL A . n 
A 1 93  ARG 93  423 423 ARG ARG A . n 
A 1 94  LEU 94  424 424 LEU LEU A . n 
A 1 95  MET 95  425 425 MET MET A . n 
A 1 96  PHE 96  426 426 PHE PHE A . n 
A 1 97  SER 97  427 427 SER SER A . n 
A 1 98  ASN 98  428 428 ASN ASN A . n 
A 1 99  CYS 99  429 429 CYS CYS A . n 
A 1 100 TYR 100 430 430 TYR TYR A . n 
A 1 101 LYS 101 431 431 LYS LYS A . n 
A 1 102 TYR 102 432 432 TYR TYR A . n 
A 1 103 ASN 103 433 433 ASN ASN A . n 
A 1 104 PRO 104 434 434 PRO PRO A . n 
A 1 105 PRO 105 435 435 PRO PRO A . n 
A 1 106 ASP 106 436 436 ASP ASP A . n 
A 1 107 HIS 107 437 437 HIS HIS A . n 
A 1 108 GLU 108 438 438 GLU GLU A . n 
A 1 109 VAL 109 439 439 VAL VAL A . n 
A 1 110 VAL 110 440 440 VAL VAL A . n 
A 1 111 ALA 111 441 441 ALA ALA A . n 
A 1 112 MET 112 442 442 MET MET A . n 
A 1 113 ALA 113 443 443 ALA ALA A . n 
A 1 114 ARG 114 444 444 ARG ARG A . n 
A 1 115 LYS 115 445 445 LYS LYS A . n 
A 1 116 LEU 116 446 446 LEU LEU A . n 
A 1 117 GLN 117 447 447 GLN GLN A . n 
A 1 118 ASP 118 448 448 ASP ASP A . n 
A 1 119 VAL 119 449 449 VAL VAL A . n 
A 1 120 PHE 120 450 450 PHE PHE A . n 
A 1 121 GLU 121 451 451 GLU GLU A . n 
A 1 122 MET 122 452 452 MET MET A . n 
A 1 123 ARG 123 453 453 ARG ARG A . n 
A 1 124 PHE 124 454 454 PHE PHE A . n 
A 1 125 ALA 125 455 455 ALA ALA A . n 
A 1 126 LYS 126 456 456 LYS LYS A . n 
A 1 127 MET 127 457 457 MET MET A . n 
A 1 128 PRO 128 458 458 PRO PRO A . n 
A 1 129 ASP 129 459 459 ASP ASP A . n 
A 1 130 GLU 130 460 ?   ?   ?   A . n 
# 
loop_
_pdbx_nonpoly_scheme.asym_id 
_pdbx_nonpoly_scheme.entity_id 
_pdbx_nonpoly_scheme.mon_id 
_pdbx_nonpoly_scheme.ndb_seq_num 
_pdbx_nonpoly_scheme.pdb_seq_num 
_pdbx_nonpoly_scheme.auth_seq_num 
_pdbx_nonpoly_scheme.pdb_mon_id 
_pdbx_nonpoly_scheme.auth_mon_id 
_pdbx_nonpoly_scheme.pdb_strand_id 
_pdbx_nonpoly_scheme.pdb_ins_code 
B 2 YF6 1  501 501 YF6 YF6 A . 
C 3 EDO 1  502 601 EDO EDO A . 
D 4 GOL 1  503 1   GOL GOL A . 
E 5 HOH 1  601 1   HOH HOH A . 
E 5 HOH 2  602 26  HOH HOH A . 
E 5 HOH 3  603 25  HOH HOH A . 
E 5 HOH 4  604 30  HOH HOH A . 
E 5 HOH 5  605 2   HOH HOH A . 
E 5 HOH 6  606 6   HOH HOH A . 
E 5 HOH 7  607 9   HOH HOH A . 
E 5 HOH 8  608 29  HOH HOH A . 
E 5 HOH 9  609 23  HOH HOH A . 
E 5 HOH 10 610 12  HOH HOH A . 
E 5 HOH 11 611 31  HOH HOH A . 
E 5 HOH 12 612 7   HOH HOH A . 
E 5 HOH 13 613 18  HOH HOH A . 
E 5 HOH 14 614 14  HOH HOH A . 
E 5 HOH 15 615 10  HOH HOH A . 
E 5 HOH 16 616 32  HOH HOH A . 
E 5 HOH 17 617 19  HOH HOH A . 
E 5 HOH 18 618 16  HOH HOH A . 
E 5 HOH 19 619 3   HOH HOH A . 
E 5 HOH 20 620 11  HOH HOH A . 
E 5 HOH 21 621 21  HOH HOH A . 
E 5 HOH 22 622 5   HOH HOH A . 
E 5 HOH 23 623 20  HOH HOH A . 
E 5 HOH 24 624 34  HOH HOH A . 
E 5 HOH 25 625 27  HOH HOH A . 
E 5 HOH 26 626 4   HOH HOH A . 
E 5 HOH 27 627 8   HOH HOH A . 
E 5 HOH 28 628 28  HOH HOH A . 
E 5 HOH 29 629 13  HOH HOH A . 
E 5 HOH 30 630 15  HOH HOH A . 
E 5 HOH 31 631 17  HOH HOH A . 
E 5 HOH 32 632 33  HOH HOH A . 
E 5 HOH 33 633 24  HOH HOH A . 
E 5 HOH 34 634 22  HOH HOH A . 
# 
_pdbx_struct_assembly.id                   1 
_pdbx_struct_assembly.details              author_and_software_defined_assembly 
_pdbx_struct_assembly.method_details       PISA 
_pdbx_struct_assembly.oligomeric_details   monomeric 
_pdbx_struct_assembly.oligomeric_count     1 
# 
_pdbx_struct_assembly_gen.assembly_id       1 
_pdbx_struct_assembly_gen.oper_expression   1 
_pdbx_struct_assembly_gen.asym_id_list      A,B,C,D,E 
# 
_pdbx_struct_oper_list.id                   1 
_pdbx_struct_oper_list.type                 'identity operation' 
_pdbx_struct_oper_list.name                 1_555 
_pdbx_struct_oper_list.symmetry_operation   x,y,z 
_pdbx_struct_oper_list.matrix[1][1]         1.0000000000 
_pdbx_struct_oper_list.matrix[1][2]         0.0000000000 
_pdbx_struct_oper_list.matrix[1][3]         0.0000000000 
_pdbx_struct_oper_list.vector[1]            0.0000000000 
_pdbx_struct_oper_list.matrix[2][1]         0.0000000000 
_pdbx_struct_oper_list.matrix[2][2]         1.0000000000 
_pdbx_struct_oper_list.matrix[2][3]         0.0000000000 
_pdbx_struct_oper_list.vector[2]            0.0000000000 
_pdbx_struct_oper_list.matrix[3][1]         0.0000000000 
_pdbx_struct_oper_list.matrix[3][2]         0.0000000000 
_pdbx_struct_oper_list.matrix[3][3]         1.0000000000 
_pdbx_struct_oper_list.vector[3]            0.0000000000 
# 
loop_
_pdbx_audit_revision_history.ordinal 
_pdbx_audit_revision_history.data_content_type 
_pdbx_audit_revision_history.major_revision 
_pdbx_audit_revision_history.minor_revision 
_pdbx_audit_revision_history.revision_date 
1 'Structure model' 1 0 2021-08-25 
2 'Structure model' 1 1 2022-03-16 
3 'Structure model' 1 2 2023-10-18 
# 
_pdbx_audit_revision_details.ordinal             1 
_pdbx_audit_revision_details.revision_ordinal    1 
_pdbx_audit_revision_details.data_content_type   'Structure model' 
_pdbx_audit_revision_details.provider            repository 
_pdbx_audit_revision_details.type                'Initial release' 
_pdbx_audit_revision_details.description         ? 
_pdbx_audit_revision_details.details             ? 
# 
loop_
_pdbx_audit_revision_group.ordinal 
_pdbx_audit_revision_group.revision_ordinal 
_pdbx_audit_revision_group.data_content_type 
_pdbx_audit_revision_group.group 
1 2 'Structure model' 'Database references'    
2 3 'Structure model' 'Data collection'        
3 3 'Structure model' 'Refinement description' 
# 
loop_
_pdbx_audit_revision_category.ordinal 
_pdbx_audit_revision_category.revision_ordinal 
_pdbx_audit_revision_category.data_content_type 
_pdbx_audit_revision_category.category 
1 2 'Structure model' citation                      
2 2 'Structure model' citation_author               
3 3 'Structure model' chem_comp_atom                
4 3 'Structure model' chem_comp_bond                
5 3 'Structure model' pdbx_initial_refinement_model 
# 
loop_
_pdbx_audit_revision_item.ordinal 
_pdbx_audit_revision_item.revision_ordinal 
_pdbx_audit_revision_item.data_content_type 
_pdbx_audit_revision_item.item 
1  2 'Structure model' '_citation.country'                 
2  2 'Structure model' '_citation.journal_abbrev'          
3  2 'Structure model' '_citation.journal_id_ASTM'         
4  2 'Structure model' '_citation.journal_id_CSD'          
5  2 'Structure model' '_citation.journal_id_ISSN'         
6  2 'Structure model' '_citation.journal_volume'          
7  2 'Structure model' '_citation.page_first'              
8  2 'Structure model' '_citation.page_last'               
9  2 'Structure model' '_citation.pdbx_database_id_DOI'    
10 2 'Structure model' '_citation.pdbx_database_id_PubMed' 
11 2 'Structure model' '_citation.title'                   
12 2 'Structure model' '_citation.year'                    
# 
loop_
_software.citation_id 
_software.classification 
_software.compiler_name 
_software.compiler_version 
_software.contact_author 
_software.contact_author_email 
_software.date 
_software.description 
_software.dependencies 
_software.hardware 
_software.language 
_software.location 
_software.mods 
_software.name 
_software.os 
_software.os_version 
_software.type 
_software.version 
_software.pdbx_ordinal 
? 'data reduction'  ? ? ? ? ? ? ? ? ? ? ? MOSFLM      ? ? ? .        1 
? 'data scaling'    ? ? ? ? ? ? ? ? ? ? ? Aimless     ? ? ? .        2 
? refinement        ? ? ? ? ? ? ? ? ? ? ? REFMAC      ? ? ? 5.8.0258 3 
? 'data extraction' ? ? ? ? ? ? ? ? ? ? ? PDB_EXTRACT ? ? ? 3.25     4 
? phasing           ? ? ? ? ? ? ? ? ? ? ? MOLREP      ? ? ? .        5 
# 
_pdbx_entry_details.entry_id                 7JKZ 
_pdbx_entry_details.has_ligand_of_interest   Y 
_pdbx_entry_details.compound_details         ? 
_pdbx_entry_details.source_details           ? 
_pdbx_entry_details.nonpolymer_details       ? 
_pdbx_entry_details.sequence_details         ? 
# 
loop_
_pdbx_unobs_or_zero_occ_residues.id 
_pdbx_unobs_or_zero_occ_residues.PDB_model_num 
_pdbx_unobs_or_zero_occ_residues.polymer_flag 
_pdbx_unobs_or_zero_occ_residues.occupancy_flag 
_pdbx_unobs_or_zero_occ_residues.auth_asym_id 
_pdbx_unobs_or_zero_occ_residues.auth_comp_id 
_pdbx_unobs_or_zero_occ_residues.auth_seq_id 
_pdbx_unobs_or_zero_occ_residues.PDB_ins_code 
_pdbx_unobs_or_zero_occ_residues.label_asym_id 
_pdbx_unobs_or_zero_occ_residues.label_comp_id 
_pdbx_unobs_or_zero_occ_residues.label_seq_id 
1  1 Y 1 A SER 331 ? A SER 1   
2  1 Y 1 A MET 332 ? A MET 2   
3  1 Y 1 A LYS 333 ? A LYS 3   
4  1 Y 1 A ASP 334 ? A ASP 4   
5  1 Y 1 A VAL 335 ? A VAL 5   
6  1 Y 1 A PRO 336 ? A PRO 6   
7  1 Y 1 A ASP 337 ? A ASP 7   
8  1 Y 1 A SER 338 ? A SER 8   
9  1 Y 1 A GLN 339 ? A GLN 9   
10 1 Y 1 A GLN 340 ? A GLN 10  
11 1 Y 1 A HIS 341 ? A HIS 11  
12 1 Y 1 A PRO 342 ? A PRO 12  
13 1 Y 1 A ALA 343 ? A ALA 13  
14 1 Y 1 A PRO 344 ? A PRO 14  
15 1 Y 1 A GLU 345 ? A GLU 15  
16 1 Y 1 A LYS 346 ? A LYS 16  
17 1 Y 1 A SER 347 ? A SER 17  
18 1 Y 1 A SER 348 ? A SER 18  
19 1 Y 1 A GLU 460 ? A GLU 130 
# 
loop_
_chem_comp_atom.comp_id 
_chem_comp_atom.atom_id 
_chem_comp_atom.type_symbol 
_chem_comp_atom.pdbx_aromatic_flag 
_chem_comp_atom.pdbx_stereo_config 
_chem_comp_atom.pdbx_ordinal 
ALA N    N N N 1   
ALA CA   C N S 2   
ALA C    C N N 3   
ALA O    O N N 4   
ALA CB   C N N 5   
ALA OXT  O N N 6   
ALA H    H N N 7   
ALA H2   H N N 8   
ALA HA   H N N 9   
ALA HB1  H N N 10  
ALA HB2  H N N 11  
ALA HB3  H N N 12  
ALA HXT  H N N 13  
ARG N    N N N 14  
ARG CA   C N S 15  
ARG C    C N N 16  
ARG O    O N N 17  
ARG CB   C N N 18  
ARG CG   C N N 19  
ARG CD   C N N 20  
ARG NE   N N N 21  
ARG CZ   C N N 22  
ARG NH1  N N N 23  
ARG NH2  N N N 24  
ARG OXT  O N N 25  
ARG H    H N N 26  
ARG H2   H N N 27  
ARG HA   H N N 28  
ARG HB2  H N N 29  
ARG HB3  H N N 30  
ARG HG2  H N N 31  
ARG HG3  H N N 32  
ARG HD2  H N N 33  
ARG HD3  H N N 34  
ARG HE   H N N 35  
ARG HH11 H N N 36  
ARG HH12 H N N 37  
ARG HH21 H N N 38  
ARG HH22 H N N 39  
ARG HXT  H N N 40  
ASN N    N N N 41  
ASN CA   C N S 42  
ASN C    C N N 43  
ASN O    O N N 44  
ASN CB   C N N 45  
ASN CG   C N N 46  
ASN OD1  O N N 47  
ASN ND2  N N N 48  
ASN OXT  O N N 49  
ASN H    H N N 50  
ASN H2   H N N 51  
ASN HA   H N N 52  
ASN HB2  H N N 53  
ASN HB3  H N N 54  
ASN HD21 H N N 55  
ASN HD22 H N N 56  
ASN HXT  H N N 57  
ASP N    N N N 58  
ASP CA   C N S 59  
ASP C    C N N 60  
ASP O    O N N 61  
ASP CB   C N N 62  
ASP CG   C N N 63  
ASP OD1  O N N 64  
ASP OD2  O N N 65  
ASP OXT  O N N 66  
ASP H    H N N 67  
ASP H2   H N N 68  
ASP HA   H N N 69  
ASP HB2  H N N 70  
ASP HB3  H N N 71  
ASP HD2  H N N 72  
ASP HXT  H N N 73  
CYS N    N N N 74  
CYS CA   C N R 75  
CYS C    C N N 76  
CYS O    O N N 77  
CYS CB   C N N 78  
CYS SG   S N N 79  
CYS OXT  O N N 80  
CYS H    H N N 81  
CYS H2   H N N 82  
CYS HA   H N N 83  
CYS HB2  H N N 84  
CYS HB3  H N N 85  
CYS HG   H N N 86  
CYS HXT  H N N 87  
EDO C1   C N N 88  
EDO O1   O N N 89  
EDO C2   C N N 90  
EDO O2   O N N 91  
EDO H11  H N N 92  
EDO H12  H N N 93  
EDO HO1  H N N 94  
EDO H21  H N N 95  
EDO H22  H N N 96  
EDO HO2  H N N 97  
GLN N    N N N 98  
GLN CA   C N S 99  
GLN C    C N N 100 
GLN O    O N N 101 
GLN CB   C N N 102 
GLN CG   C N N 103 
GLN CD   C N N 104 
GLN OE1  O N N 105 
GLN NE2  N N N 106 
GLN OXT  O N N 107 
GLN H    H N N 108 
GLN H2   H N N 109 
GLN HA   H N N 110 
GLN HB2  H N N 111 
GLN HB3  H N N 112 
GLN HG2  H N N 113 
GLN HG3  H N N 114 
GLN HE21 H N N 115 
GLN HE22 H N N 116 
GLN HXT  H N N 117 
GLU N    N N N 118 
GLU CA   C N S 119 
GLU C    C N N 120 
GLU O    O N N 121 
GLU CB   C N N 122 
GLU CG   C N N 123 
GLU CD   C N N 124 
GLU OE1  O N N 125 
GLU OE2  O N N 126 
GLU OXT  O N N 127 
GLU H    H N N 128 
GLU H2   H N N 129 
GLU HA   H N N 130 
GLU HB2  H N N 131 
GLU HB3  H N N 132 
GLU HG2  H N N 133 
GLU HG3  H N N 134 
GLU HE2  H N N 135 
GLU HXT  H N N 136 
GLY N    N N N 137 
GLY CA   C N N 138 
GLY C    C N N 139 
GLY O    O N N 140 
GLY OXT  O N N 141 
GLY H    H N N 142 
GLY H2   H N N 143 
GLY HA2  H N N 144 
GLY HA3  H N N 145 
GLY HXT  H N N 146 
GOL C1   C N N 147 
GOL O1   O N N 148 
GOL C2   C N N 149 
GOL O2   O N N 150 
GOL C3   C N N 151 
GOL O3   O N N 152 
GOL H11  H N N 153 
GOL H12  H N N 154 
GOL HO1  H N N 155 
GOL H2   H N N 156 
GOL HO2  H N N 157 
GOL H31  H N N 158 
GOL H32  H N N 159 
GOL HO3  H N N 160 
HIS N    N N N 161 
HIS CA   C N S 162 
HIS C    C N N 163 
HIS O    O N N 164 
HIS CB   C N N 165 
HIS CG   C Y N 166 
HIS ND1  N Y N 167 
HIS CD2  C Y N 168 
HIS CE1  C Y N 169 
HIS NE2  N Y N 170 
HIS OXT  O N N 171 
HIS H    H N N 172 
HIS H2   H N N 173 
HIS HA   H N N 174 
HIS HB2  H N N 175 
HIS HB3  H N N 176 
HIS HD1  H N N 177 
HIS HD2  H N N 178 
HIS HE1  H N N 179 
HIS HE2  H N N 180 
HIS HXT  H N N 181 
HOH O    O N N 182 
HOH H1   H N N 183 
HOH H2   H N N 184 
ILE N    N N N 185 
ILE CA   C N S 186 
ILE C    C N N 187 
ILE O    O N N 188 
ILE CB   C N S 189 
ILE CG1  C N N 190 
ILE CG2  C N N 191 
ILE CD1  C N N 192 
ILE OXT  O N N 193 
ILE H    H N N 194 
ILE H2   H N N 195 
ILE HA   H N N 196 
ILE HB   H N N 197 
ILE HG12 H N N 198 
ILE HG13 H N N 199 
ILE HG21 H N N 200 
ILE HG22 H N N 201 
ILE HG23 H N N 202 
ILE HD11 H N N 203 
ILE HD12 H N N 204 
ILE HD13 H N N 205 
ILE HXT  H N N 206 
LEU N    N N N 207 
LEU CA   C N S 208 
LEU C    C N N 209 
LEU O    O N N 210 
LEU CB   C N N 211 
LEU CG   C N N 212 
LEU CD1  C N N 213 
LEU CD2  C N N 214 
LEU OXT  O N N 215 
LEU H    H N N 216 
LEU H2   H N N 217 
LEU HA   H N N 218 
LEU HB2  H N N 219 
LEU HB3  H N N 220 
LEU HG   H N N 221 
LEU HD11 H N N 222 
LEU HD12 H N N 223 
LEU HD13 H N N 224 
LEU HD21 H N N 225 
LEU HD22 H N N 226 
LEU HD23 H N N 227 
LEU HXT  H N N 228 
LYS N    N N N 229 
LYS CA   C N S 230 
LYS C    C N N 231 
LYS O    O N N 232 
LYS CB   C N N 233 
LYS CG   C N N 234 
LYS CD   C N N 235 
LYS CE   C N N 236 
LYS NZ   N N N 237 
LYS OXT  O N N 238 
LYS H    H N N 239 
LYS H2   H N N 240 
LYS HA   H N N 241 
LYS HB2  H N N 242 
LYS HB3  H N N 243 
LYS HG2  H N N 244 
LYS HG3  H N N 245 
LYS HD2  H N N 246 
LYS HD3  H N N 247 
LYS HE2  H N N 248 
LYS HE3  H N N 249 
LYS HZ1  H N N 250 
LYS HZ2  H N N 251 
LYS HZ3  H N N 252 
LYS HXT  H N N 253 
MET N    N N N 254 
MET CA   C N S 255 
MET C    C N N 256 
MET O    O N N 257 
MET CB   C N N 258 
MET CG   C N N 259 
MET SD   S N N 260 
MET CE   C N N 261 
MET OXT  O N N 262 
MET H    H N N 263 
MET H2   H N N 264 
MET HA   H N N 265 
MET HB2  H N N 266 
MET HB3  H N N 267 
MET HG2  H N N 268 
MET HG3  H N N 269 
MET HE1  H N N 270 
MET HE2  H N N 271 
MET HE3  H N N 272 
MET HXT  H N N 273 
PHE N    N N N 274 
PHE CA   C N S 275 
PHE C    C N N 276 
PHE O    O N N 277 
PHE CB   C N N 278 
PHE CG   C Y N 279 
PHE CD1  C Y N 280 
PHE CD2  C Y N 281 
PHE CE1  C Y N 282 
PHE CE2  C Y N 283 
PHE CZ   C Y N 284 
PHE OXT  O N N 285 
PHE H    H N N 286 
PHE H2   H N N 287 
PHE HA   H N N 288 
PHE HB2  H N N 289 
PHE HB3  H N N 290 
PHE HD1  H N N 291 
PHE HD2  H N N 292 
PHE HE1  H N N 293 
PHE HE2  H N N 294 
PHE HZ   H N N 295 
PHE HXT  H N N 296 
PRO N    N N N 297 
PRO CA   C N S 298 
PRO C    C N N 299 
PRO O    O N N 300 
PRO CB   C N N 301 
PRO CG   C N N 302 
PRO CD   C N N 303 
PRO OXT  O N N 304 
PRO H    H N N 305 
PRO HA   H N N 306 
PRO HB2  H N N 307 
PRO HB3  H N N 308 
PRO HG2  H N N 309 
PRO HG3  H N N 310 
PRO HD2  H N N 311 
PRO HD3  H N N 312 
PRO HXT  H N N 313 
SER N    N N N 314 
SER CA   C N S 315 
SER C    C N N 316 
SER O    O N N 317 
SER CB   C N N 318 
SER OG   O N N 319 
SER OXT  O N N 320 
SER H    H N N 321 
SER H2   H N N 322 
SER HA   H N N 323 
SER HB2  H N N 324 
SER HB3  H N N 325 
SER HG   H N N 326 
SER HXT  H N N 327 
THR N    N N N 328 
THR CA   C N S 329 
THR C    C N N 330 
THR O    O N N 331 
THR CB   C N R 332 
THR OG1  O N N 333 
THR CG2  C N N 334 
THR OXT  O N N 335 
THR H    H N N 336 
THR H2   H N N 337 
THR HA   H N N 338 
THR HB   H N N 339 
THR HG1  H N N 340 
THR HG21 H N N 341 
THR HG22 H N N 342 
THR HG23 H N N 343 
THR HXT  H N N 344 
TRP N    N N N 345 
TRP CA   C N S 346 
TRP C    C N N 347 
TRP O    O N N 348 
TRP CB   C N N 349 
TRP CG   C Y N 350 
TRP CD1  C Y N 351 
TRP CD2  C Y N 352 
TRP NE1  N Y N 353 
TRP CE2  C Y N 354 
TRP CE3  C Y N 355 
TRP CZ2  C Y N 356 
TRP CZ3  C Y N 357 
TRP CH2  C Y N 358 
TRP OXT  O N N 359 
TRP H    H N N 360 
TRP H2   H N N 361 
TRP HA   H N N 362 
TRP HB2  H N N 363 
TRP HB3  H N N 364 
TRP HD1  H N N 365 
TRP HE1  H N N 366 
TRP HE3  H N N 367 
TRP HZ2  H N N 368 
TRP HZ3  H N N 369 
TRP HH2  H N N 370 
TRP HXT  H N N 371 
TYR N    N N N 372 
TYR CA   C N S 373 
TYR C    C N N 374 
TYR O    O N N 375 
TYR CB   C N N 376 
TYR CG   C Y N 377 
TYR CD1  C Y N 378 
TYR CD2  C Y N 379 
TYR CE1  C Y N 380 
TYR CE2  C Y N 381 
TYR CZ   C Y N 382 
TYR OH   O N N 383 
TYR OXT  O N N 384 
TYR H    H N N 385 
TYR H2   H N N 386 
TYR HA   H N N 387 
TYR HB2  H N N 388 
TYR HB3  H N N 389 
TYR HD1  H N N 390 
TYR HD2  H N N 391 
TYR HE1  H N N 392 
TYR HE2  H N N 393 
TYR HH   H N N 394 
TYR HXT  H N N 395 
VAL N    N N N 396 
VAL CA   C N S 397 
VAL C    C N N 398 
VAL O    O N N 399 
VAL CB   C N N 400 
VAL CG1  C N N 401 
VAL CG2  C N N 402 
VAL OXT  O N N 403 
VAL H    H N N 404 
VAL H2   H N N 405 
VAL HA   H N N 406 
VAL HB   H N N 407 
VAL HG11 H N N 408 
VAL HG12 H N N 409 
VAL HG13 H N N 410 
VAL HG21 H N N 411 
VAL HG22 H N N 412 
VAL HG23 H N N 413 
VAL HXT  H N N 414 
YF6 C1   C Y N 415 
YF6 C2   C Y N 416 
YF6 C3   C Y N 417 
YF6 C4   C Y N 418 
YF6 C5   C Y N 419 
YF6 C6   C Y N 420 
YF6 C7   C N N 421 
YF6 C8   C N N 422 
YF6 C9   C N N 423 
YF6 C10  C N N 424 
YF6 N1   N N N 425 
YF6 C11  C N N 426 
YF6 N2   N N N 427 
YF6 C12  C N N 428 
YF6 C13  C N N 429 
YF6 C14  C N N 430 
YF6 N3   N N N 431 
YF6 C15  C N N 432 
YF6 C16  C N N 433 
YF6 C17  C N N 434 
YF6 O1   O N N 435 
YF6 C18  C Y N 436 
YF6 C19  C Y N 437 
YF6 N4   N Y N 438 
YF6 N5   N N N 439 
YF6 S1   S N N 440 
YF6 C20  C N N 441 
YF6 C21  C N N 442 
YF6 O2   O N N 443 
YF6 O3   O N N 444 
YF6 C22  C N N 445 
YF6 C23  C N N 446 
YF6 C24  C Y N 447 
YF6 C25  C Y N 448 
YF6 N6   N Y N 449 
YF6 C26  C Y N 450 
YF6 C27  C Y N 451 
YF6 C28  C Y N 452 
YF6 C29  C Y N 453 
YF6 C30  C Y N 454 
YF6 C31  C Y N 455 
YF6 C32  C Y N 456 
YF6 C33  C Y N 457 
YF6 N7   N Y N 458 
YF6 H1   H N N 459 
YF6 H2   H N N 460 
YF6 H3   H N N 461 
YF6 H4   H N N 462 
YF6 H5   H N N 463 
YF6 H6   H N N 464 
YF6 H7   H N N 465 
YF6 H8   H N N 466 
YF6 H9   H N N 467 
YF6 H10  H N N 468 
YF6 H11  H N N 469 
YF6 H13  H N N 470 
YF6 H14  H N N 471 
YF6 H15  H N N 472 
YF6 H16  H N N 473 
YF6 H17  H N N 474 
YF6 H18  H N N 475 
YF6 H19  H N N 476 
YF6 H20  H N N 477 
YF6 H21  H N N 478 
YF6 H22  H N N 479 
YF6 H23  H N N 480 
YF6 H24  H N N 481 
YF6 H25  H N N 482 
YF6 H26  H N N 483 
YF6 H27  H N N 484 
YF6 H28  H N N 485 
YF6 H29  H N N 486 
YF6 H30  H N N 487 
YF6 H31  H N N 488 
YF6 H32  H N N 489 
YF6 H33  H N N 490 
YF6 H34  H N N 491 
YF6 H35  H N N 492 
YF6 H36  H N N 493 
YF6 H37  H N N 494 
YF6 H38  H N N 495 
# 
loop_
_chem_comp_bond.comp_id 
_chem_comp_bond.atom_id_1 
_chem_comp_bond.atom_id_2 
_chem_comp_bond.value_order 
_chem_comp_bond.pdbx_aromatic_flag 
_chem_comp_bond.pdbx_stereo_config 
_chem_comp_bond.pdbx_ordinal 
ALA N   CA   sing N N 1   
ALA N   H    sing N N 2   
ALA N   H2   sing N N 3   
ALA CA  C    sing N N 4   
ALA CA  CB   sing N N 5   
ALA CA  HA   sing N N 6   
ALA C   O    doub N N 7   
ALA C   OXT  sing N N 8   
ALA CB  HB1  sing N N 9   
ALA CB  HB2  sing N N 10  
ALA CB  HB3  sing N N 11  
ALA OXT HXT  sing N N 12  
ARG N   CA   sing N N 13  
ARG N   H    sing N N 14  
ARG N   H2   sing N N 15  
ARG CA  C    sing N N 16  
ARG CA  CB   sing N N 17  
ARG CA  HA   sing N N 18  
ARG C   O    doub N N 19  
ARG C   OXT  sing N N 20  
ARG CB  CG   sing N N 21  
ARG CB  HB2  sing N N 22  
ARG CB  HB3  sing N N 23  
ARG CG  CD   sing N N 24  
ARG CG  HG2  sing N N 25  
ARG CG  HG3  sing N N 26  
ARG CD  NE   sing N N 27  
ARG CD  HD2  sing N N 28  
ARG CD  HD3  sing N N 29  
ARG NE  CZ   sing N N 30  
ARG NE  HE   sing N N 31  
ARG CZ  NH1  sing N N 32  
ARG CZ  NH2  doub N N 33  
ARG NH1 HH11 sing N N 34  
ARG NH1 HH12 sing N N 35  
ARG NH2 HH21 sing N N 36  
ARG NH2 HH22 sing N N 37  
ARG OXT HXT  sing N N 38  
ASN N   CA   sing N N 39  
ASN N   H    sing N N 40  
ASN N   H2   sing N N 41  
ASN CA  C    sing N N 42  
ASN CA  CB   sing N N 43  
ASN CA  HA   sing N N 44  
ASN C   O    doub N N 45  
ASN C   OXT  sing N N 46  
ASN CB  CG   sing N N 47  
ASN CB  HB2  sing N N 48  
ASN CB  HB3  sing N N 49  
ASN CG  OD1  doub N N 50  
ASN CG  ND2  sing N N 51  
ASN ND2 HD21 sing N N 52  
ASN ND2 HD22 sing N N 53  
ASN OXT HXT  sing N N 54  
ASP N   CA   sing N N 55  
ASP N   H    sing N N 56  
ASP N   H2   sing N N 57  
ASP CA  C    sing N N 58  
ASP CA  CB   sing N N 59  
ASP CA  HA   sing N N 60  
ASP C   O    doub N N 61  
ASP C   OXT  sing N N 62  
ASP CB  CG   sing N N 63  
ASP CB  HB2  sing N N 64  
ASP CB  HB3  sing N N 65  
ASP CG  OD1  doub N N 66  
ASP CG  OD2  sing N N 67  
ASP OD2 HD2  sing N N 68  
ASP OXT HXT  sing N N 69  
CYS N   CA   sing N N 70  
CYS N   H    sing N N 71  
CYS N   H2   sing N N 72  
CYS CA  C    sing N N 73  
CYS CA  CB   sing N N 74  
CYS CA  HA   sing N N 75  
CYS C   O    doub N N 76  
CYS C   OXT  sing N N 77  
CYS CB  SG   sing N N 78  
CYS CB  HB2  sing N N 79  
CYS CB  HB3  sing N N 80  
CYS SG  HG   sing N N 81  
CYS OXT HXT  sing N N 82  
EDO C1  O1   sing N N 83  
EDO C1  C2   sing N N 84  
EDO C1  H11  sing N N 85  
EDO C1  H12  sing N N 86  
EDO O1  HO1  sing N N 87  
EDO C2  O2   sing N N 88  
EDO C2  H21  sing N N 89  
EDO C2  H22  sing N N 90  
EDO O2  HO2  sing N N 91  
GLN N   CA   sing N N 92  
GLN N   H    sing N N 93  
GLN N   H2   sing N N 94  
GLN CA  C    sing N N 95  
GLN CA  CB   sing N N 96  
GLN CA  HA   sing N N 97  
GLN C   O    doub N N 98  
GLN C   OXT  sing N N 99  
GLN CB  CG   sing N N 100 
GLN CB  HB2  sing N N 101 
GLN CB  HB3  sing N N 102 
GLN CG  CD   sing N N 103 
GLN CG  HG2  sing N N 104 
GLN CG  HG3  sing N N 105 
GLN CD  OE1  doub N N 106 
GLN CD  NE2  sing N N 107 
GLN NE2 HE21 sing N N 108 
GLN NE2 HE22 sing N N 109 
GLN OXT HXT  sing N N 110 
GLU N   CA   sing N N 111 
GLU N   H    sing N N 112 
GLU N   H2   sing N N 113 
GLU CA  C    sing N N 114 
GLU CA  CB   sing N N 115 
GLU CA  HA   sing N N 116 
GLU C   O    doub N N 117 
GLU C   OXT  sing N N 118 
GLU CB  CG   sing N N 119 
GLU CB  HB2  sing N N 120 
GLU CB  HB3  sing N N 121 
GLU CG  CD   sing N N 122 
GLU CG  HG2  sing N N 123 
GLU CG  HG3  sing N N 124 
GLU CD  OE1  doub N N 125 
GLU CD  OE2  sing N N 126 
GLU OE2 HE2  sing N N 127 
GLU OXT HXT  sing N N 128 
GLY N   CA   sing N N 129 
GLY N   H    sing N N 130 
GLY N   H2   sing N N 131 
GLY CA  C    sing N N 132 
GLY CA  HA2  sing N N 133 
GLY CA  HA3  sing N N 134 
GLY C   O    doub N N 135 
GLY C   OXT  sing N N 136 
GLY OXT HXT  sing N N 137 
GOL C1  O1   sing N N 138 
GOL C1  C2   sing N N 139 
GOL C1  H11  sing N N 140 
GOL C1  H12  sing N N 141 
GOL O1  HO1  sing N N 142 
GOL C2  O2   sing N N 143 
GOL C2  C3   sing N N 144 
GOL C2  H2   sing N N 145 
GOL O2  HO2  sing N N 146 
GOL C3  O3   sing N N 147 
GOL C3  H31  sing N N 148 
GOL C3  H32  sing N N 149 
GOL O3  HO3  sing N N 150 
HIS N   CA   sing N N 151 
HIS N   H    sing N N 152 
HIS N   H2   sing N N 153 
HIS CA  C    sing N N 154 
HIS CA  CB   sing N N 155 
HIS CA  HA   sing N N 156 
HIS C   O    doub N N 157 
HIS C   OXT  sing N N 158 
HIS CB  CG   sing N N 159 
HIS CB  HB2  sing N N 160 
HIS CB  HB3  sing N N 161 
HIS CG  ND1  sing Y N 162 
HIS CG  CD2  doub Y N 163 
HIS ND1 CE1  doub Y N 164 
HIS ND1 HD1  sing N N 165 
HIS CD2 NE2  sing Y N 166 
HIS CD2 HD2  sing N N 167 
HIS CE1 NE2  sing Y N 168 
HIS CE1 HE1  sing N N 169 
HIS NE2 HE2  sing N N 170 
HIS OXT HXT  sing N N 171 
HOH O   H1   sing N N 172 
HOH O   H2   sing N N 173 
ILE N   CA   sing N N 174 
ILE N   H    sing N N 175 
ILE N   H2   sing N N 176 
ILE CA  C    sing N N 177 
ILE CA  CB   sing N N 178 
ILE CA  HA   sing N N 179 
ILE C   O    doub N N 180 
ILE C   OXT  sing N N 181 
ILE CB  CG1  sing N N 182 
ILE CB  CG2  sing N N 183 
ILE CB  HB   sing N N 184 
ILE CG1 CD1  sing N N 185 
ILE CG1 HG12 sing N N 186 
ILE CG1 HG13 sing N N 187 
ILE CG2 HG21 sing N N 188 
ILE CG2 HG22 sing N N 189 
ILE CG2 HG23 sing N N 190 
ILE CD1 HD11 sing N N 191 
ILE CD1 HD12 sing N N 192 
ILE CD1 HD13 sing N N 193 
ILE OXT HXT  sing N N 194 
LEU N   CA   sing N N 195 
LEU N   H    sing N N 196 
LEU N   H2   sing N N 197 
LEU CA  C    sing N N 198 
LEU CA  CB   sing N N 199 
LEU CA  HA   sing N N 200 
LEU C   O    doub N N 201 
LEU C   OXT  sing N N 202 
LEU CB  CG   sing N N 203 
LEU CB  HB2  sing N N 204 
LEU CB  HB3  sing N N 205 
LEU CG  CD1  sing N N 206 
LEU CG  CD2  sing N N 207 
LEU CG  HG   sing N N 208 
LEU CD1 HD11 sing N N 209 
LEU CD1 HD12 sing N N 210 
LEU CD1 HD13 sing N N 211 
LEU CD2 HD21 sing N N 212 
LEU CD2 HD22 sing N N 213 
LEU CD2 HD23 sing N N 214 
LEU OXT HXT  sing N N 215 
LYS N   CA   sing N N 216 
LYS N   H    sing N N 217 
LYS N   H2   sing N N 218 
LYS CA  C    sing N N 219 
LYS CA  CB   sing N N 220 
LYS CA  HA   sing N N 221 
LYS C   O    doub N N 222 
LYS C   OXT  sing N N 223 
LYS CB  CG   sing N N 224 
LYS CB  HB2  sing N N 225 
LYS CB  HB3  sing N N 226 
LYS CG  CD   sing N N 227 
LYS CG  HG2  sing N N 228 
LYS CG  HG3  sing N N 229 
LYS CD  CE   sing N N 230 
LYS CD  HD2  sing N N 231 
LYS CD  HD3  sing N N 232 
LYS CE  NZ   sing N N 233 
LYS CE  HE2  sing N N 234 
LYS CE  HE3  sing N N 235 
LYS NZ  HZ1  sing N N 236 
LYS NZ  HZ2  sing N N 237 
LYS NZ  HZ3  sing N N 238 
LYS OXT HXT  sing N N 239 
MET N   CA   sing N N 240 
MET N   H    sing N N 241 
MET N   H2   sing N N 242 
MET CA  C    sing N N 243 
MET CA  CB   sing N N 244 
MET CA  HA   sing N N 245 
MET C   O    doub N N 246 
MET C   OXT  sing N N 247 
MET CB  CG   sing N N 248 
MET CB  HB2  sing N N 249 
MET CB  HB3  sing N N 250 
MET CG  SD   sing N N 251 
MET CG  HG2  sing N N 252 
MET CG  HG3  sing N N 253 
MET SD  CE   sing N N 254 
MET CE  HE1  sing N N 255 
MET CE  HE2  sing N N 256 
MET CE  HE3  sing N N 257 
MET OXT HXT  sing N N 258 
PHE N   CA   sing N N 259 
PHE N   H    sing N N 260 
PHE N   H2   sing N N 261 
PHE CA  C    sing N N 262 
PHE CA  CB   sing N N 263 
PHE CA  HA   sing N N 264 
PHE C   O    doub N N 265 
PHE C   OXT  sing N N 266 
PHE CB  CG   sing N N 267 
PHE CB  HB2  sing N N 268 
PHE CB  HB3  sing N N 269 
PHE CG  CD1  doub Y N 270 
PHE CG  CD2  sing Y N 271 
PHE CD1 CE1  sing Y N 272 
PHE CD1 HD1  sing N N 273 
PHE CD2 CE2  doub Y N 274 
PHE CD2 HD2  sing N N 275 
PHE CE1 CZ   doub Y N 276 
PHE CE1 HE1  sing N N 277 
PHE CE2 CZ   sing Y N 278 
PHE CE2 HE2  sing N N 279 
PHE CZ  HZ   sing N N 280 
PHE OXT HXT  sing N N 281 
PRO N   CA   sing N N 282 
PRO N   CD   sing N N 283 
PRO N   H    sing N N 284 
PRO CA  C    sing N N 285 
PRO CA  CB   sing N N 286 
PRO CA  HA   sing N N 287 
PRO C   O    doub N N 288 
PRO C   OXT  sing N N 289 
PRO CB  CG   sing N N 290 
PRO CB  HB2  sing N N 291 
PRO CB  HB3  sing N N 292 
PRO CG  CD   sing N N 293 
PRO CG  HG2  sing N N 294 
PRO CG  HG3  sing N N 295 
PRO CD  HD2  sing N N 296 
PRO CD  HD3  sing N N 297 
PRO OXT HXT  sing N N 298 
SER N   CA   sing N N 299 
SER N   H    sing N N 300 
SER N   H2   sing N N 301 
SER CA  C    sing N N 302 
SER CA  CB   sing N N 303 
SER CA  HA   sing N N 304 
SER C   O    doub N N 305 
SER C   OXT  sing N N 306 
SER CB  OG   sing N N 307 
SER CB  HB2  sing N N 308 
SER CB  HB3  sing N N 309 
SER OG  HG   sing N N 310 
SER OXT HXT  sing N N 311 
THR N   CA   sing N N 312 
THR N   H    sing N N 313 
THR N   H2   sing N N 314 
THR CA  C    sing N N 315 
THR CA  CB   sing N N 316 
THR CA  HA   sing N N 317 
THR C   O    doub N N 318 
THR C   OXT  sing N N 319 
THR CB  OG1  sing N N 320 
THR CB  CG2  sing N N 321 
THR CB  HB   sing N N 322 
THR OG1 HG1  sing N N 323 
THR CG2 HG21 sing N N 324 
THR CG2 HG22 sing N N 325 
THR CG2 HG23 sing N N 326 
THR OXT HXT  sing N N 327 
TRP N   CA   sing N N 328 
TRP N   H    sing N N 329 
TRP N   H2   sing N N 330 
TRP CA  C    sing N N 331 
TRP CA  CB   sing N N 332 
TRP CA  HA   sing N N 333 
TRP C   O    doub N N 334 
TRP C   OXT  sing N N 335 
TRP CB  CG   sing N N 336 
TRP CB  HB2  sing N N 337 
TRP CB  HB3  sing N N 338 
TRP CG  CD1  doub Y N 339 
TRP CG  CD2  sing Y N 340 
TRP CD1 NE1  sing Y N 341 
TRP CD1 HD1  sing N N 342 
TRP CD2 CE2  doub Y N 343 
TRP CD2 CE3  sing Y N 344 
TRP NE1 CE2  sing Y N 345 
TRP NE1 HE1  sing N N 346 
TRP CE2 CZ2  sing Y N 347 
TRP CE3 CZ3  doub Y N 348 
TRP CE3 HE3  sing N N 349 
TRP CZ2 CH2  doub Y N 350 
TRP CZ2 HZ2  sing N N 351 
TRP CZ3 CH2  sing Y N 352 
TRP CZ3 HZ3  sing N N 353 
TRP CH2 HH2  sing N N 354 
TRP OXT HXT  sing N N 355 
TYR N   CA   sing N N 356 
TYR N   H    sing N N 357 
TYR N   H2   sing N N 358 
TYR CA  C    sing N N 359 
TYR CA  CB   sing N N 360 
TYR CA  HA   sing N N 361 
TYR C   O    doub N N 362 
TYR C   OXT  sing N N 363 
TYR CB  CG   sing N N 364 
TYR CB  HB2  sing N N 365 
TYR CB  HB3  sing N N 366 
TYR CG  CD1  doub Y N 367 
TYR CG  CD2  sing Y N 368 
TYR CD1 CE1  sing Y N 369 
TYR CD1 HD1  sing N N 370 
TYR CD2 CE2  doub Y N 371 
TYR CD2 HD2  sing N N 372 
TYR CE1 CZ   doub Y N 373 
TYR CE1 HE1  sing N N 374 
TYR CE2 CZ   sing Y N 375 
TYR CE2 HE2  sing N N 376 
TYR CZ  OH   sing N N 377 
TYR OH  HH   sing N N 378 
TYR OXT HXT  sing N N 379 
VAL N   CA   sing N N 380 
VAL N   H    sing N N 381 
VAL N   H2   sing N N 382 
VAL CA  C    sing N N 383 
VAL CA  CB   sing N N 384 
VAL CA  HA   sing N N 385 
VAL C   O    doub N N 386 
VAL C   OXT  sing N N 387 
VAL CB  CG1  sing N N 388 
VAL CB  CG2  sing N N 389 
VAL CB  HB   sing N N 390 
VAL CG1 HG11 sing N N 391 
VAL CG1 HG12 sing N N 392 
VAL CG1 HG13 sing N N 393 
VAL CG2 HG21 sing N N 394 
VAL CG2 HG22 sing N N 395 
VAL CG2 HG23 sing N N 396 
VAL OXT HXT  sing N N 397 
YF6 N3  C15  sing N N 398 
YF6 N3  C14  sing N N 399 
YF6 C31 C30  doub Y N 400 
YF6 C31 C32  sing Y N 401 
YF6 C15 C16  sing N N 402 
YF6 C14 C13  sing N N 403 
YF6 C30 C25  sing Y N 404 
YF6 C28 C29  doub Y N 405 
YF6 C28 C27  sing Y N 406 
YF6 C32 C33  doub Y N 407 
YF6 C29 C24  sing Y N 408 
YF6 C27 C26  doub Y N 409 
YF6 C16 C12  sing N N 410 
YF6 C13 C12  sing N N 411 
YF6 C23 C22  sing N N 412 
YF6 C25 C22  sing N N 413 
YF6 C25 N7   doub Y N 414 
YF6 C24 C22  sing N N 415 
YF6 C24 N6   doub Y N 416 
YF6 C33 N7   sing Y N 417 
YF6 C12 N2   sing N N 418 
YF6 C26 N6   sing Y N 419 
YF6 C22 N4   sing N N 420 
YF6 N2  C9   sing N N 421 
YF6 N4  C19  sing Y N 422 
YF6 N4  C4   sing Y N 423 
YF6 C9  C8   doub N N 424 
YF6 C9  C10  sing N N 425 
YF6 C8  C7   sing N N 426 
YF6 C19 C18  doub Y N 427 
YF6 C5  C4   doub Y N 428 
YF6 C5  C6   sing Y N 429 
YF6 C4  C3   sing Y N 430 
YF6 O1  C10  doub N N 431 
YF6 C10 N1   sing N N 432 
YF6 C7  C6   sing N N 433 
YF6 C7  C11  doub N N 434 
YF6 C6  C1   doub Y N 435 
YF6 C18 C3   sing Y N 436 
YF6 C3  C2   doub Y N 437 
YF6 N1  C11  sing N N 438 
YF6 N1  C17  sing N N 439 
YF6 C1  C2   sing Y N 440 
YF6 C2  N5   sing N N 441 
YF6 N5  S1   sing N N 442 
YF6 O2  S1   doub N N 443 
YF6 S1  C20  sing N N 444 
YF6 S1  O3   doub N N 445 
YF6 C20 C21  sing N N 446 
YF6 C1  H1   sing N N 447 
YF6 C5  H2   sing N N 448 
YF6 C8  H3   sing N N 449 
YF6 C11 H4   sing N N 450 
YF6 N2  H5   sing N N 451 
YF6 C12 H6   sing N N 452 
YF6 C13 H7   sing N N 453 
YF6 C13 H8   sing N N 454 
YF6 C14 H9   sing N N 455 
YF6 C14 H10  sing N N 456 
YF6 N3  H11  sing N N 457 
YF6 C15 H13  sing N N 458 
YF6 C15 H14  sing N N 459 
YF6 C16 H15  sing N N 460 
YF6 C16 H16  sing N N 461 
YF6 C17 H17  sing N N 462 
YF6 C17 H18  sing N N 463 
YF6 C17 H19  sing N N 464 
YF6 C18 H20  sing N N 465 
YF6 C19 H21  sing N N 466 
YF6 N5  H22  sing N N 467 
YF6 C20 H23  sing N N 468 
YF6 C20 H24  sing N N 469 
YF6 C21 H25  sing N N 470 
YF6 C21 H26  sing N N 471 
YF6 C21 H27  sing N N 472 
YF6 C23 H28  sing N N 473 
YF6 C23 H29  sing N N 474 
YF6 C23 H30  sing N N 475 
YF6 C26 H31  sing N N 476 
YF6 C27 H32  sing N N 477 
YF6 C28 H33  sing N N 478 
YF6 C29 H34  sing N N 479 
YF6 C30 H35  sing N N 480 
YF6 C31 H36  sing N N 481 
YF6 C32 H37  sing N N 482 
YF6 C33 H38  sing N N 483 
# 
_pdbx_audit_support.funding_organization   'National Institutes of Health/National Center for Research Resources (NIH/NCRR)' 
_pdbx_audit_support.country                'United States' 
_pdbx_audit_support.grant_number           UL1RR029879 
_pdbx_audit_support.ordinal                1 
# 
_pdbx_entity_instance_feature.ordinal        1 
_pdbx_entity_instance_feature.comp_id        YF6 
_pdbx_entity_instance_feature.asym_id        ? 
_pdbx_entity_instance_feature.seq_num        ? 
_pdbx_entity_instance_feature.auth_comp_id   YF6 
_pdbx_entity_instance_feature.auth_asym_id   ? 
_pdbx_entity_instance_feature.auth_seq_num   ? 
_pdbx_entity_instance_feature.feature_type   'SUBJECT OF INVESTIGATION' 
_pdbx_entity_instance_feature.details        ? 
# 
loop_
_pdbx_entity_nonpoly.entity_id 
_pdbx_entity_nonpoly.name 
_pdbx_entity_nonpoly.comp_id 
2 
;N-(1-[1,1-di(pyridin-2-yl)ethyl]-6-{1-methyl-6-oxo-5-[(piperidin-4-yl)amino]-1,6-dihydropyridin-3-yl}-1H-indol-4-yl)ethanesulfonamide
;
YF6 
3 1,2-ETHANEDIOL EDO 
4 GLYCEROL GOL 
5 water HOH 
# 
_pdbx_initial_refinement_model.id               1 
_pdbx_initial_refinement_model.entity_id_list   ? 
_pdbx_initial_refinement_model.type             'experimental model' 
_pdbx_initial_refinement_model.source_name      PDB 
_pdbx_initial_refinement_model.accession_code   2OUO 
_pdbx_initial_refinement_model.details          ? 
# 
_pdbx_struct_assembly_auth_evidence.id                     1 
_pdbx_struct_assembly_auth_evidence.assembly_id            1 
_pdbx_struct_assembly_auth_evidence.experimental_support   homology 
_pdbx_struct_assembly_auth_evidence.details                ? 
# 
